data_7SH0
#
_entry.id   7SH0
#
_cell.length_a   75.485
_cell.length_b   135.949
_cell.length_c   129.812
_cell.angle_alpha   90.000
_cell.angle_beta   90.490
_cell.angle_gamma   90.000
#
_symmetry.space_group_name_H-M   'P 1 21 1'
#
loop_
_entity.id
_entity.type
_entity.pdbx_description
1 polymer 'Endoplasmic reticulum aminopeptidase 2'
2 non-polymer 'ZINC ION'
3 non-polymer (2S)-N-hydroxy-3-(4-methoxyphenyl)-2-[4-({[5-(pyridin-2-yl)thiophene-2-sulfonyl]amino}methyl)-1H-1,2,3-triazol-1-yl]propanamide
4 non-polymer '4-(2-HYDROXYETHYL)-1-PIPERAZINE ETHANESULFONIC ACID'
5 non-polymer '2-(N-MORPHOLINO)-ETHANESULFONIC ACID'
6 non-polymer 'SODIUM ION'
7 water water
#
_entity_poly.entity_id   1
_entity_poly.type   'polypeptide(L)'
_entity_poly.pdbx_seq_one_letter_code
;MFHSSAMVNSHRKPMFNIHRGFYCLTAILPQICICSQFSVPSSYHFTEDPGAFPVATNGERFPWQELRLPSVVIPLHYDL
FVHPNLTSLDFVASEKIEVLVSNATQFIILHSKDLEITNATLQSEEDSRYMKPGKELKVLSYPAHEQIALLVPEKLTPHL
KYYVAMDFQAKLGDGFEGFYKSTYRTLGGETRILAVTDFEPTQARMAFPCFDEPLFKANFSIKIRRESRHIALSNMPKVK
TIELEGGLLEDHFETTVKMSTYLVAYIVCDFHSLSGFTSSGVKVSIYASPDKRNQTHYALQASLKLLDFYEKYFDIYYPL
SKLDLIAIPDFAPGAMENWGLITYRETSLLFDPKTSSASDKLWVTRVIAHELAHQWFGNLVTMEWWNDIWLNEGFAKYME
LIAVNATYPELQFDDYFLNVCFEVITKDSLNSSRPISKPAETPTQIQEMFDEVSYNKGACILNMLKDFLGEEKFQKGIIQ
YLKKFSYRNAKNDDLWSSLSNSCLESDFTSGGVCHSDPKMTSNMLAFLGENAEVKEMMTTWTLQKGIPLLVVKQDGCSLR
LQQERFLQGVFQEDPEWRALQERYLWHIPLTYSTSSSNVIHRHILKSKTDTLDLPEKTSWVKFNVDSNGYYIVHYEGHGW
DQLITQLNQNHTLLRPKDRVGLIHDVFQLVGAGRLTLDKALDMTYYLQHETSSPALLEGLSYLESFYHMMDRRNISDISE
NLKRYLLQYFKPVIDRQSWSDKGSVWDRMLRSALLKLACDLNHAPCIQKAAELFSQWMESSGKLNIPTDVLKIVYSVGAQ
TTAGWNYLLEQYELSMSSAEQNKILYALSTSKHQEKLLKLIELGMEGKVIKTQNLAALLHAIARRPKGQQLAWDFVRENW
THLLKKFDLGSYDIRMIISGTTAHFSSKDKLQEVKLFFESLEAQGSHLDIFQTVLETITKNIKWLEKNLPTLRTWLMVNT
RHHHHHH
;
_entity_poly.pdbx_strand_id   A,B
#
# COMPACT_ATOMS: atom_id res chain seq x y z
N PRO A 54 16.92 38.08 19.12
CA PRO A 54 16.73 38.79 20.39
C PRO A 54 16.40 37.86 21.55
N VAL A 55 15.81 36.70 21.24
CA VAL A 55 15.46 35.71 22.25
C VAL A 55 15.94 34.34 21.78
N ALA A 56 15.57 33.30 22.52
CA ALA A 56 15.93 31.93 22.17
C ALA A 56 14.97 30.98 22.88
N THR A 57 15.19 29.69 22.68
CA THR A 57 14.32 28.69 23.30
C THR A 57 14.60 28.54 24.79
N ASN A 58 15.85 28.78 25.21
CA ASN A 58 16.25 28.67 26.61
C ASN A 58 16.36 30.03 27.28
N GLY A 59 15.67 31.04 26.75
CA GLY A 59 15.87 32.39 27.22
C GLY A 59 17.12 33.01 26.60
N GLU A 60 17.62 34.06 27.24
CA GLU A 60 18.84 34.75 26.84
C GLU A 60 18.68 35.42 25.48
N ARG A 61 19.70 36.18 25.07
CA ARG A 61 19.68 36.94 23.83
C ARG A 61 20.41 36.18 22.72
N PHE A 62 19.91 36.31 21.49
CA PHE A 62 20.58 35.78 20.32
C PHE A 62 21.54 36.83 19.77
N PRO A 63 22.81 36.52 19.57
CA PRO A 63 23.76 37.54 19.09
C PRO A 63 23.66 37.85 17.61
N TRP A 64 22.45 37.95 17.07
CA TRP A 64 22.24 38.16 15.65
C TRP A 64 20.75 38.41 15.42
N GLN A 65 20.45 39.26 14.45
CA GLN A 65 19.07 39.50 14.04
C GLN A 65 18.79 39.22 12.58
N GLU A 66 19.73 39.54 11.69
CA GLU A 66 19.49 39.44 10.24
C GLU A 66 19.28 37.98 9.83
N LEU A 67 18.18 37.73 9.10
CA LEU A 67 17.92 36.40 8.57
C LEU A 67 19.00 35.95 7.59
N ARG A 68 19.96 36.82 7.29
CA ARG A 68 21.13 36.49 6.50
C ARG A 68 22.32 36.26 7.43
N LEU A 69 23.11 35.25 7.13
CA LEU A 69 24.25 34.92 7.97
C LEU A 69 25.33 36.01 7.85
N PRO A 70 26.11 36.19 8.91
CA PRO A 70 27.23 37.13 8.83
C PRO A 70 28.30 36.66 7.85
N SER A 71 28.99 37.62 7.25
CA SER A 71 30.05 37.33 6.30
C SER A 71 31.41 37.19 6.97
N VAL A 72 31.46 37.12 8.30
CA VAL A 72 32.73 37.03 9.01
C VAL A 72 33.32 35.63 8.86
N VAL A 73 32.63 34.63 9.38
CA VAL A 73 33.12 33.26 9.36
C VAL A 73 32.78 32.64 8.01
N ILE A 74 33.81 32.26 7.27
CA ILE A 74 33.68 31.74 5.91
C ILE A 74 34.04 30.25 5.93
N PRO A 75 33.16 29.37 5.45
CA PRO A 75 33.47 27.95 5.42
C PRO A 75 34.40 27.58 4.28
N LEU A 76 35.17 26.53 4.49
CA LEU A 76 36.09 26.02 3.48
C LEU A 76 35.87 24.55 3.16
N HIS A 77 35.68 23.71 4.18
CA HIS A 77 35.60 22.27 3.97
C HIS A 77 34.68 21.65 5.01
N TYR A 78 33.72 20.86 4.56
CA TYR A 78 32.83 20.10 5.44
C TYR A 78 33.25 18.64 5.45
N ASP A 79 33.31 18.06 6.64
CA ASP A 79 33.48 16.62 6.83
C ASP A 79 32.16 16.10 7.39
N LEU A 80 31.37 15.45 6.54
CA LEU A 80 30.01 15.04 6.89
C LEU A 80 29.93 13.52 6.96
N PHE A 81 29.61 13.00 8.15
CA PHE A 81 29.38 11.58 8.35
C PHE A 81 27.92 11.37 8.73
N VAL A 82 27.22 10.52 7.97
CA VAL A 82 25.80 10.28 8.16
C VAL A 82 25.59 8.79 8.40
N HIS A 83 24.79 8.46 9.42
CA HIS A 83 24.46 7.09 9.78
C HIS A 83 22.94 6.95 9.81
N PRO A 84 22.31 6.71 8.65
CA PRO A 84 20.86 6.52 8.63
C PRO A 84 20.46 5.08 8.91
N ASN A 85 19.37 4.93 9.66
CA ASN A 85 18.80 3.63 10.00
C ASN A 85 17.44 3.52 9.32
N LEU A 86 17.34 2.62 8.33
CA LEU A 86 16.11 2.48 7.55
C LEU A 86 15.07 1.59 8.22
N THR A 87 15.35 1.10 9.43
CA THR A 87 14.36 0.33 10.20
C THR A 87 13.67 1.20 11.23
N SER A 88 14.44 1.94 12.03
CA SER A 88 13.87 2.91 12.95
C SER A 88 13.50 4.22 12.27
N LEU A 89 13.88 4.40 11.00
CA LEU A 89 13.56 5.59 10.22
C LEU A 89 14.08 6.86 10.89
N ASP A 90 15.36 6.83 11.25
CA ASP A 90 16.02 7.99 11.84
C ASP A 90 17.51 7.91 11.50
N PHE A 91 18.24 8.98 11.84
CA PHE A 91 19.64 9.06 11.49
C PHE A 91 20.39 9.83 12.56
N VAL A 92 21.65 9.46 12.76
CA VAL A 92 22.59 10.19 13.60
C VAL A 92 23.76 10.61 12.71
N ALA A 93 24.29 11.80 12.95
CA ALA A 93 25.35 12.32 12.09
C ALA A 93 26.28 13.22 12.89
N SER A 94 27.46 13.48 12.31
CA SER A 94 28.46 14.34 12.90
C SER A 94 29.17 15.10 11.78
N GLU A 95 29.68 16.29 12.11
CA GLU A 95 30.35 17.11 11.10
C GLU A 95 31.51 17.87 11.72
N LYS A 96 32.49 18.21 10.87
CA LYS A 96 33.62 19.05 11.24
C LYS A 96 33.83 20.06 10.13
N ILE A 97 33.46 21.32 10.39
CA ILE A 97 33.51 22.38 9.39
C ILE A 97 34.79 23.20 9.59
N GLU A 98 35.63 23.24 8.56
CA GLU A 98 36.80 24.11 8.58
C GLU A 98 36.37 25.52 8.22
N VAL A 99 36.66 26.48 9.10
CA VAL A 99 36.19 27.85 8.94
C VAL A 99 37.38 28.79 8.95
N LEU A 100 37.26 29.87 8.17
CA LEU A 100 38.22 30.95 8.15
C LEU A 100 37.60 32.18 8.80
N VAL A 101 38.28 32.73 9.80
CA VAL A 101 37.80 33.90 10.52
C VAL A 101 38.42 35.14 9.89
N SER A 102 37.57 36.07 9.45
CA SER A 102 38.04 37.30 8.83
C SER A 102 38.08 38.47 9.79
N ASN A 103 37.19 38.49 10.78
CA ASN A 103 37.15 39.53 11.81
C ASN A 103 36.93 38.88 13.16
N ALA A 104 37.46 39.52 14.21
CA ALA A 104 37.31 38.99 15.55
C ALA A 104 35.85 38.99 15.98
N THR A 105 35.36 37.83 16.41
CA THR A 105 33.98 37.66 16.84
C THR A 105 33.92 36.74 18.05
N GLN A 106 32.86 36.91 18.84
CA GLN A 106 32.61 36.08 20.01
C GLN A 106 31.55 35.02 19.76
N PHE A 107 31.10 34.87 18.51
CA PHE A 107 30.04 33.92 18.19
C PHE A 107 30.04 33.65 16.69
N ILE A 108 29.59 32.45 16.32
CA ILE A 108 29.41 32.05 14.94
C ILE A 108 27.94 31.74 14.72
N ILE A 109 27.41 32.19 13.58
CA ILE A 109 26.00 32.00 13.24
C ILE A 109 25.92 31.11 12.00
N LEU A 110 25.15 30.03 12.10
CA LEU A 110 24.90 29.15 10.96
C LEU A 110 23.44 28.69 11.00
N HIS A 111 23.03 27.96 9.98
CA HIS A 111 21.65 27.48 9.86
C HIS A 111 21.48 26.08 10.43
N SER A 112 20.34 25.85 11.09
CA SER A 112 19.97 24.53 11.57
C SER A 112 18.46 24.51 11.79
N LYS A 113 17.81 23.44 11.32
CA LYS A 113 16.37 23.30 11.44
C LYS A 113 16.00 21.86 11.74
N ASP A 114 15.22 21.66 12.80
CA ASP A 114 14.72 20.33 13.20
C ASP A 114 15.85 19.33 13.38
N LEU A 115 16.96 19.77 13.96
CA LEU A 115 18.08 18.91 14.27
C LEU A 115 18.43 19.04 15.74
N GLU A 116 18.41 17.92 16.45
CA GLU A 116 18.84 17.89 17.85
C GLU A 116 20.36 17.82 17.91
N ILE A 117 20.99 18.89 18.38
CA ILE A 117 22.45 18.97 18.49
C ILE A 117 22.86 18.61 19.91
N THR A 118 23.79 17.68 20.04
CA THR A 118 24.21 17.16 21.33
C THR A 118 25.58 17.67 21.76
N ASN A 119 26.59 17.55 20.92
CA ASN A 119 27.95 17.95 21.24
C ASN A 119 28.42 19.02 20.26
N ALA A 120 29.20 19.97 20.76
CA ALA A 120 29.72 21.06 19.91
C ALA A 120 31.05 21.53 20.48
N THR A 121 32.13 21.35 19.71
CA THR A 121 33.47 21.73 20.13
C THR A 121 34.13 22.57 19.05
N LEU A 122 35.17 23.30 19.46
CA LEU A 122 35.97 24.12 18.55
C LEU A 122 37.45 23.80 18.74
N GLN A 123 38.10 23.40 17.65
CA GLN A 123 39.54 23.12 17.66
C GLN A 123 40.24 24.08 16.70
N SER A 124 41.56 24.11 16.78
CA SER A 124 42.34 24.98 15.92
C SER A 124 43.78 24.50 15.87
N GLU A 125 44.35 24.49 14.66
CA GLU A 125 45.77 24.24 14.47
C GLU A 125 46.59 25.52 14.37
N GLU A 126 45.95 26.65 14.04
CA GLU A 126 46.64 27.92 13.91
C GLU A 126 46.53 28.78 15.17
N ASP A 127 45.48 28.59 15.96
CA ASP A 127 45.31 29.26 17.25
C ASP A 127 45.58 28.23 18.34
N SER A 128 46.67 28.44 19.08
CA SER A 128 47.06 27.46 20.11
C SER A 128 46.05 27.42 21.26
N ARG A 129 45.31 28.51 21.48
CA ARG A 129 44.31 28.53 22.55
C ARG A 129 43.22 27.48 22.34
N TYR A 130 43.05 27.02 21.11
CA TYR A 130 42.06 26.00 20.78
C TYR A 130 42.75 24.75 20.23
N MET A 131 43.88 24.38 20.83
CA MET A 131 44.59 23.19 20.41
C MET A 131 43.80 21.95 20.79
N LYS A 132 44.29 20.80 20.34
CA LYS A 132 43.61 19.55 20.63
C LYS A 132 43.58 19.30 22.13
N PRO A 133 42.48 18.78 22.68
CA PRO A 133 41.31 18.37 21.91
C PRO A 133 40.26 19.45 21.65
N GLY A 134 40.45 20.67 22.13
CA GLY A 134 39.51 21.74 21.86
C GLY A 134 38.64 22.08 23.05
N LYS A 135 37.89 23.17 22.90
CA LYS A 135 37.00 23.68 23.94
C LYS A 135 35.55 23.50 23.51
N GLU A 136 34.67 23.44 24.50
CA GLU A 136 33.24 23.28 24.24
C GLU A 136 32.60 24.63 23.94
N LEU A 137 31.59 24.60 23.05
CA LEU A 137 30.87 25.78 22.62
C LEU A 137 29.44 25.76 23.15
N LYS A 138 28.92 26.95 23.45
CA LYS A 138 27.56 27.09 23.93
C LYS A 138 26.62 27.30 22.75
N VAL A 139 25.53 26.53 22.71
CA VAL A 139 24.64 26.49 21.56
C VAL A 139 23.34 27.21 21.93
N LEU A 140 22.99 28.21 21.12
CA LEU A 140 21.72 28.92 21.25
C LEU A 140 20.90 28.70 19.99
N SER A 141 19.62 28.40 20.16
CA SER A 141 18.73 28.08 19.05
C SER A 141 17.75 29.22 18.83
N TYR A 142 17.55 29.61 17.57
CA TYR A 142 16.59 30.64 17.18
C TYR A 142 15.81 30.11 15.99
N PRO A 143 14.69 29.41 16.24
CA PRO A 143 13.94 28.80 15.14
C PRO A 143 13.26 29.81 14.22
N ALA A 144 12.97 31.03 14.70
CA ALA A 144 12.29 32.02 13.88
C ALA A 144 13.06 32.29 12.59
N HIS A 145 14.38 32.43 12.68
CA HIS A 145 15.23 32.60 11.51
C HIS A 145 15.91 31.31 11.10
N GLU A 146 15.57 30.19 11.72
CA GLU A 146 16.16 28.89 11.41
C GLU A 146 17.69 28.92 11.56
N GLN A 147 18.15 29.57 12.63
CA GLN A 147 19.57 29.76 12.86
C GLN A 147 19.94 29.24 14.24
N ILE A 148 21.24 28.99 14.42
CA ILE A 148 21.81 28.68 15.73
C ILE A 148 23.07 29.51 15.91
N ALA A 149 23.39 29.80 17.17
CA ALA A 149 24.55 30.61 17.52
C ALA A 149 25.48 29.78 18.38
N LEU A 150 26.73 29.66 17.95
CA LEU A 150 27.78 28.99 18.72
C LEU A 150 28.60 30.05 19.44
N LEU A 151 28.48 30.09 20.76
CA LEU A 151 29.20 31.07 21.57
C LEU A 151 30.55 30.50 21.97
N VAL A 152 31.61 31.24 21.65
CA VAL A 152 32.99 30.81 21.90
C VAL A 152 33.45 31.44 23.21
N PRO A 153 34.27 30.74 24.01
CA PRO A 153 34.75 31.36 25.26
C PRO A 153 35.66 32.56 25.04
N GLU A 154 36.46 32.58 23.99
CA GLU A 154 37.40 33.66 23.75
C GLU A 154 37.31 34.14 22.30
N LYS A 155 37.53 35.44 22.10
CA LYS A 155 37.46 36.04 20.78
C LYS A 155 38.42 35.35 19.82
N LEU A 156 37.94 35.05 18.62
CA LEU A 156 38.75 34.39 17.62
C LEU A 156 39.67 35.38 16.92
N THR A 157 40.79 34.87 16.40
CA THR A 157 41.78 35.72 15.74
C THR A 157 41.51 35.79 14.25
N PRO A 158 41.51 36.97 13.64
CA PRO A 158 41.33 37.08 12.19
C PRO A 158 42.45 36.38 11.42
N HIS A 159 42.14 36.05 10.17
CA HIS A 159 43.05 35.39 9.23
C HIS A 159 43.53 34.02 9.71
N LEU A 160 42.83 33.40 10.65
CA LEU A 160 43.19 32.07 11.13
C LEU A 160 42.17 31.06 10.64
N LYS A 161 42.39 29.79 11.01
CA LYS A 161 41.47 28.72 10.64
C LYS A 161 41.12 27.91 11.86
N TYR A 162 39.84 27.55 11.99
CA TYR A 162 39.32 26.81 13.10
C TYR A 162 38.48 25.65 12.58
N TYR A 163 38.14 24.73 13.50
CA TYR A 163 37.38 23.54 13.15
C TYR A 163 36.21 23.42 14.11
N VAL A 164 34.99 23.42 13.56
CA VAL A 164 33.76 23.36 14.35
C VAL A 164 33.20 21.95 14.21
N ALA A 165 33.17 21.21 15.31
CA ALA A 165 32.65 19.85 15.32
C ALA A 165 31.32 19.82 16.05
N MET A 166 30.37 19.09 15.48
CA MET A 166 29.03 18.99 16.05
C MET A 166 28.48 17.60 15.82
N ASP A 167 27.77 17.09 16.82
CA ASP A 167 27.05 15.82 16.74
C ASP A 167 25.56 16.11 16.82
N PHE A 168 24.79 15.57 15.87
CA PHE A 168 23.37 15.84 15.79
C PHE A 168 22.63 14.59 15.36
N GLN A 169 21.30 14.64 15.50
CA GLN A 169 20.45 13.50 15.16
C GLN A 169 19.04 14.01 14.91
N ALA A 170 18.28 13.23 14.13
CA ALA A 170 16.90 13.56 13.80
C ALA A 170 16.24 12.34 13.18
N LYS A 171 14.93 12.44 12.98
CA LYS A 171 14.18 11.42 12.27
C LYS A 171 14.24 11.67 10.76
N LEU A 172 14.08 10.59 10.00
CA LEU A 172 13.92 10.73 8.55
C LEU A 172 12.60 11.43 8.27
N GLY A 173 12.65 12.54 7.54
CA GLY A 173 11.44 13.26 7.20
C GLY A 173 10.43 12.38 6.48
N ASP A 174 9.18 12.80 6.54
CA ASP A 174 8.08 12.07 5.93
C ASP A 174 7.46 12.83 4.77
N GLY A 175 8.07 13.92 4.33
CA GLY A 175 7.49 14.75 3.30
C GLY A 175 8.27 14.68 2.00
N PHE A 176 8.71 15.84 1.49
CA PHE A 176 9.47 15.89 0.25
C PHE A 176 10.72 16.73 0.39
N GLU A 177 11.16 17.03 1.61
CA GLU A 177 12.22 17.99 1.83
C GLU A 177 13.22 17.46 2.85
N GLY A 178 14.46 17.91 2.70
CA GLY A 178 15.53 17.48 3.59
C GLY A 178 15.94 16.05 3.33
N PHE A 179 16.27 15.33 4.40
CA PHE A 179 16.61 13.92 4.33
C PHE A 179 15.35 13.13 4.70
N TYR A 180 14.62 12.68 3.69
CA TYR A 180 13.30 12.09 3.90
C TYR A 180 13.26 10.67 3.36
N LYS A 181 12.18 9.97 3.71
CA LYS A 181 12.01 8.55 3.42
C LYS A 181 11.05 8.35 2.25
N SER A 182 11.39 7.39 1.38
CA SER A 182 10.59 7.07 0.20
C SER A 182 10.44 5.56 0.09
N THR A 183 9.30 5.13 -0.47
CA THR A 183 8.98 3.72 -0.63
C THR A 183 8.64 3.41 -2.09
N TYR A 184 8.92 2.17 -2.50
CA TYR A 184 8.53 1.71 -3.82
C TYR A 184 8.04 0.27 -3.71
N ARG A 185 7.32 -0.16 -4.75
CA ARG A 185 6.70 -1.48 -4.81
C ARG A 185 7.41 -2.35 -5.84
N THR A 186 7.67 -3.60 -5.48
CA THR A 186 8.35 -4.53 -6.38
C THR A 186 7.33 -5.26 -7.26
N LEU A 187 7.84 -6.10 -8.15
CA LEU A 187 6.95 -6.82 -9.07
C LEU A 187 6.09 -7.82 -8.33
N GLY A 188 6.63 -8.46 -7.29
CA GLY A 188 5.87 -9.43 -6.53
C GLY A 188 4.93 -8.84 -5.52
N GLY A 189 5.04 -7.54 -5.23
CA GLY A 189 4.20 -6.89 -4.25
C GLY A 189 4.94 -6.47 -2.99
N GLU A 190 6.23 -6.73 -2.90
CA GLU A 190 7.01 -6.28 -1.75
C GLU A 190 7.14 -4.77 -1.76
N THR A 191 7.23 -4.19 -0.56
CA THR A 191 7.45 -2.77 -0.39
C THR A 191 8.81 -2.55 0.24
N ARG A 192 9.62 -1.67 -0.37
CA ARG A 192 10.96 -1.39 0.09
C ARG A 192 11.09 0.09 0.43
N ILE A 193 12.04 0.41 1.30
CA ILE A 193 12.25 1.77 1.80
C ILE A 193 13.62 2.25 1.39
N LEU A 194 13.73 3.53 1.03
CA LEU A 194 14.99 4.18 0.75
C LEU A 194 14.97 5.58 1.35
N ALA A 195 16.16 6.16 1.49
CA ALA A 195 16.33 7.50 2.05
C ALA A 195 17.03 8.39 1.04
N VAL A 196 16.45 9.56 0.77
CA VAL A 196 16.92 10.46 -0.27
C VAL A 196 16.93 11.89 0.26
N THR A 197 17.81 12.72 -0.31
CA THR A 197 17.93 14.12 0.06
C THR A 197 17.40 15.04 -1.04
N ASP A 198 16.79 16.15 -0.63
CA ASP A 198 16.42 17.23 -1.54
C ASP A 198 16.52 18.54 -0.78
N PHE A 199 17.42 19.43 -1.21
CA PHE A 199 17.81 20.58 -0.40
C PHE A 199 17.45 21.94 -1.00
N GLU A 200 17.31 22.06 -2.32
CA GLU A 200 17.05 23.36 -2.91
C GLU A 200 15.63 23.83 -2.57
N PRO A 201 15.46 25.06 -2.08
CA PRO A 201 16.54 26.02 -1.86
C PRO A 201 17.13 26.05 -0.44
N THR A 202 16.30 25.99 0.59
CA THR A 202 16.74 26.21 1.96
C THR A 202 16.32 25.05 2.86
N GLN A 203 16.62 23.82 2.43
CA GLN A 203 16.30 22.63 3.20
C GLN A 203 17.51 21.79 3.55
N ALA A 204 18.72 22.20 3.13
CA ALA A 204 19.92 21.51 3.57
C ALA A 204 20.11 21.63 5.07
N ARG A 205 19.57 22.69 5.68
CA ARG A 205 19.69 22.88 7.12
C ARG A 205 18.89 21.86 7.92
N MET A 206 17.97 21.15 7.29
CA MET A 206 17.21 20.10 7.96
C MET A 206 18.00 18.79 8.06
N ALA A 207 19.12 18.67 7.37
CA ALA A 207 19.92 17.44 7.37
C ALA A 207 21.23 17.58 8.11
N PHE A 208 21.87 18.74 8.06
CA PHE A 208 23.11 18.97 8.79
C PHE A 208 23.29 20.46 8.99
N PRO A 209 23.74 20.91 10.16
CA PRO A 209 23.99 22.34 10.37
C PRO A 209 25.06 22.86 9.42
N CYS A 210 24.78 23.99 8.78
CA CYS A 210 25.70 24.53 7.79
C CYS A 210 25.39 26.00 7.56
N PHE A 211 26.31 26.67 6.87
CA PHE A 211 26.07 28.01 6.34
C PHE A 211 25.25 27.85 5.07
N ASP A 212 23.93 27.76 5.23
CA ASP A 212 23.03 27.31 4.17
C ASP A 212 22.60 28.48 3.28
N GLU A 213 23.58 29.08 2.61
CA GLU A 213 23.34 30.09 1.58
C GLU A 213 24.22 29.80 0.37
N PRO A 214 23.72 30.07 -0.84
CA PRO A 214 24.45 29.65 -2.05
C PRO A 214 25.81 30.30 -2.22
N LEU A 215 26.08 31.39 -1.48
CA LEU A 215 27.37 32.06 -1.62
C LEU A 215 28.47 31.34 -0.87
N PHE A 216 28.13 30.65 0.23
CA PHE A 216 29.12 29.99 1.09
C PHE A 216 29.54 28.64 0.50
N LYS A 217 30.19 28.70 -0.66
CA LYS A 217 30.69 27.50 -1.30
C LYS A 217 31.85 26.90 -0.50
N ALA A 218 32.00 25.58 -0.62
CA ALA A 218 33.03 24.85 0.12
C ALA A 218 33.15 23.45 -0.47
N ASN A 219 34.12 22.69 0.04
CA ASN A 219 34.30 21.29 -0.30
C ASN A 219 33.55 20.40 0.69
N PHE A 220 33.27 19.17 0.25
CA PHE A 220 32.49 18.24 1.06
C PHE A 220 33.11 16.85 0.99
N SER A 221 33.44 16.29 2.15
CA SER A 221 33.91 14.92 2.27
C SER A 221 32.85 14.13 3.01
N ILE A 222 32.15 13.24 2.31
CA ILE A 222 30.97 12.56 2.82
C ILE A 222 31.31 11.10 3.15
N LYS A 223 30.89 10.64 4.32
CA LYS A 223 30.98 9.24 4.71
C LYS A 223 29.61 8.76 5.15
N ILE A 224 29.19 7.59 4.66
CA ILE A 224 27.86 7.05 4.93
C ILE A 224 28.02 5.65 5.50
N ARG A 225 27.33 5.40 6.61
CA ARG A 225 27.30 4.08 7.24
C ARG A 225 25.99 3.39 6.87
N ARG A 226 26.08 2.12 6.46
CA ARG A 226 24.93 1.44 5.88
C ARG A 226 25.01 -0.05 6.19
N GLU A 227 23.91 -0.75 5.94
CA GLU A 227 23.89 -2.19 6.06
C GLU A 227 24.38 -2.83 4.76
N SER A 228 24.50 -4.16 4.78
CA SER A 228 24.98 -4.88 3.60
C SER A 228 23.92 -4.97 2.51
N ARG A 229 22.65 -4.87 2.85
CA ARG A 229 21.57 -4.95 1.86
C ARG A 229 21.34 -3.65 1.12
N HIS A 230 22.07 -2.59 1.47
CA HIS A 230 21.89 -1.29 0.85
C HIS A 230 23.17 -0.83 0.17
N ILE A 231 23.00 0.04 -0.81
CA ILE A 231 24.12 0.77 -1.42
C ILE A 231 23.95 2.24 -1.09
N ALA A 232 25.05 2.97 -1.10
CA ALA A 232 25.07 4.39 -0.78
C ALA A 232 25.62 5.17 -1.97
N LEU A 233 24.85 6.14 -2.44
CA LEU A 233 25.27 7.03 -3.51
C LEU A 233 25.37 8.45 -2.97
N SER A 234 26.24 9.24 -3.58
CA SER A 234 26.41 10.64 -3.19
C SER A 234 26.86 11.44 -4.40
N ASN A 235 27.40 12.64 -4.16
CA ASN A 235 27.84 13.49 -5.26
C ASN A 235 29.04 12.90 -5.98
N MET A 236 30.07 12.50 -5.24
CA MET A 236 31.34 12.04 -5.80
C MET A 236 31.40 10.52 -5.82
N PRO A 237 32.28 9.95 -6.63
CA PRO A 237 32.45 8.49 -6.64
C PRO A 237 32.91 7.97 -5.29
N LYS A 238 32.73 6.66 -5.10
CA LYS A 238 33.13 6.00 -3.86
C LYS A 238 34.60 5.62 -3.91
N VAL A 239 35.36 6.06 -2.91
CA VAL A 239 36.79 5.81 -2.86
C VAL A 239 37.10 4.46 -2.19
N LYS A 240 36.44 4.17 -1.07
CA LYS A 240 36.77 2.97 -0.31
C LYS A 240 35.57 2.57 0.53
N THR A 241 35.46 1.27 0.79
CA THR A 241 34.48 0.70 1.72
C THR A 241 35.24 -0.08 2.79
N ILE A 242 34.96 0.23 4.05
CA ILE A 242 35.56 -0.46 5.19
C ILE A 242 34.48 -1.26 5.92
N GLU A 243 34.82 -2.48 6.31
CA GLU A 243 33.90 -3.33 7.04
C GLU A 243 34.02 -3.06 8.54
N LEU A 244 32.87 -2.94 9.20
CA LEU A 244 32.80 -2.61 10.62
C LEU A 244 32.66 -3.87 11.47
N GLU A 245 32.90 -3.69 12.77
CA GLU A 245 32.88 -4.82 13.70
C GLU A 245 31.50 -5.48 13.73
N GLY A 246 30.45 -4.68 13.97
CA GLY A 246 29.10 -5.20 14.07
C GLY A 246 28.58 -5.86 12.80
N GLY A 247 29.30 -5.74 11.68
CA GLY A 247 28.87 -6.29 10.41
C GLY A 247 28.39 -5.23 9.44
N LEU A 248 28.31 -3.98 9.86
CA LEU A 248 27.91 -2.90 8.99
C LEU A 248 29.07 -2.51 8.06
N LEU A 249 28.77 -1.63 7.11
CA LEU A 249 29.75 -1.14 6.17
C LEU A 249 29.73 0.39 6.16
N GLU A 250 30.86 0.98 5.77
CA GLU A 250 31.05 2.42 5.77
C GLU A 250 31.68 2.83 4.45
N ASP A 251 30.97 3.64 3.68
CA ASP A 251 31.43 4.09 2.37
C ASP A 251 32.05 5.48 2.48
N HIS A 252 33.28 5.61 1.98
CA HIS A 252 33.97 6.89 1.93
C HIS A 252 33.95 7.42 0.51
N PHE A 253 33.52 8.66 0.35
CA PHE A 253 33.37 9.28 -0.96
C PHE A 253 34.45 10.32 -1.19
N GLU A 254 34.82 10.48 -2.46
CA GLU A 254 35.80 11.48 -2.85
C GLU A 254 35.35 12.87 -2.43
N THR A 255 36.32 13.73 -2.12
CA THR A 255 36.01 15.09 -1.72
C THR A 255 35.42 15.87 -2.90
N THR A 256 34.35 16.62 -2.63
CA THR A 256 33.72 17.41 -3.67
C THR A 256 34.52 18.67 -3.94
N VAL A 257 34.30 19.25 -5.13
CA VAL A 257 34.90 20.52 -5.48
C VAL A 257 34.15 21.62 -4.74
N LYS A 258 34.53 22.88 -4.99
CA LYS A 258 33.80 23.99 -4.39
C LYS A 258 32.38 24.05 -4.94
N MET A 259 31.40 24.06 -4.04
CA MET A 259 30.00 24.08 -4.46
C MET A 259 29.14 24.55 -3.30
N SER A 260 27.93 24.99 -3.64
CA SER A 260 26.98 25.46 -2.64
C SER A 260 26.39 24.29 -1.85
N THR A 261 25.73 24.63 -0.74
CA THR A 261 25.19 23.59 0.14
C THR A 261 23.99 22.89 -0.49
N TYR A 262 23.16 23.62 -1.23
CA TYR A 262 21.92 23.06 -1.73
C TYR A 262 22.11 21.96 -2.78
N LEU A 263 23.34 21.66 -3.17
CA LEU A 263 23.62 20.61 -4.13
C LEU A 263 24.17 19.35 -3.50
N VAL A 264 24.34 19.33 -2.18
CA VAL A 264 24.80 18.12 -1.49
C VAL A 264 23.71 17.06 -1.54
N ALA A 265 24.11 15.82 -1.82
CA ALA A 265 23.14 14.73 -1.90
C ALA A 265 23.79 13.43 -1.44
N TYR A 266 22.98 12.59 -0.80
CA TYR A 266 23.39 11.23 -0.45
C TYR A 266 22.14 10.38 -0.30
N ILE A 267 22.18 9.18 -0.88
CA ILE A 267 21.04 8.28 -0.95
C ILE A 267 21.46 6.90 -0.46
N VAL A 268 20.59 6.26 0.31
CA VAL A 268 20.76 4.88 0.74
C VAL A 268 19.57 4.07 0.23
N CYS A 269 19.84 3.12 -0.65
CA CYS A 269 18.79 2.37 -1.31
C CYS A 269 19.35 1.02 -1.74
N ASP A 270 18.63 0.35 -2.64
CA ASP A 270 19.04 -0.95 -3.18
C ASP A 270 18.75 -1.02 -4.67
N PHE A 271 19.02 0.07 -5.38
CA PHE A 271 18.64 0.18 -6.78
C PHE A 271 19.64 -0.53 -7.67
N HIS A 272 19.20 -0.84 -8.89
CA HIS A 272 20.05 -1.38 -9.95
C HIS A 272 20.32 -0.30 -10.97
N SER A 273 21.46 -0.40 -11.66
CA SER A 273 21.89 0.65 -12.58
C SER A 273 22.45 0.07 -13.86
N LEU A 274 22.36 0.87 -14.93
CA LEU A 274 23.04 0.62 -16.19
C LEU A 274 24.08 1.71 -16.40
N SER A 275 25.29 1.31 -16.81
CA SER A 275 26.41 2.23 -16.91
C SER A 275 26.87 2.38 -18.35
N GLY A 276 27.46 3.53 -18.64
CA GLY A 276 28.04 3.80 -19.94
C GLY A 276 29.08 4.91 -19.80
N PHE A 277 29.84 5.11 -20.88
CA PHE A 277 30.89 6.12 -20.89
C PHE A 277 30.70 7.08 -22.05
N THR A 278 30.96 8.36 -21.79
CA THR A 278 30.90 9.39 -22.81
C THR A 278 32.20 9.40 -23.62
N SER A 279 32.28 10.34 -24.56
CA SER A 279 33.52 10.52 -25.33
C SER A 279 34.66 10.97 -24.42
N SER A 280 34.36 11.81 -23.43
CA SER A 280 35.36 12.34 -22.53
C SER A 280 35.58 11.47 -21.29
N GLY A 281 35.11 10.22 -21.32
CA GLY A 281 35.38 9.28 -20.24
C GLY A 281 34.52 9.40 -19.02
N VAL A 282 33.46 10.20 -19.05
CA VAL A 282 32.58 10.32 -17.89
C VAL A 282 31.72 9.07 -17.78
N LYS A 283 31.68 8.48 -16.59
CA LYS A 283 30.87 7.28 -16.34
C LYS A 283 29.45 7.71 -15.98
N VAL A 284 28.53 7.57 -16.93
CA VAL A 284 27.13 7.89 -16.71
C VAL A 284 26.40 6.61 -16.29
N SER A 285 25.70 6.67 -15.16
CA SER A 285 24.96 5.53 -14.63
C SER A 285 23.53 5.93 -14.35
N ILE A 286 22.58 5.11 -14.80
CA ILE A 286 21.16 5.37 -14.60
C ILE A 286 20.65 4.38 -13.56
N TYR A 287 20.27 4.89 -12.40
CA TYR A 287 19.80 4.07 -11.28
C TYR A 287 18.29 4.08 -11.22
N ALA A 288 17.71 2.92 -10.87
CA ALA A 288 16.28 2.79 -10.70
C ALA A 288 16.01 1.51 -9.93
N SER A 289 14.76 1.34 -9.49
CA SER A 289 14.32 0.14 -8.80
C SER A 289 14.65 -1.09 -9.64
N PRO A 290 14.99 -2.23 -9.02
CA PRO A 290 15.48 -3.38 -9.80
C PRO A 290 14.54 -3.84 -10.91
N ASP A 291 13.26 -4.03 -10.60
CA ASP A 291 12.30 -4.50 -11.59
C ASP A 291 12.05 -3.49 -12.71
N LYS A 292 12.63 -2.31 -12.64
CA LYS A 292 12.44 -1.28 -13.65
C LYS A 292 13.70 -0.96 -14.44
N ARG A 293 14.73 -1.80 -14.33
CA ARG A 293 16.00 -1.50 -15.00
C ARG A 293 15.85 -1.46 -16.51
N ASN A 294 14.96 -2.28 -17.08
CA ASN A 294 14.76 -2.28 -18.52
C ASN A 294 14.24 -0.94 -19.04
N GLN A 295 13.71 -0.10 -18.17
CA GLN A 295 13.13 1.18 -18.56
C GLN A 295 14.14 2.32 -18.60
N THR A 296 15.43 2.02 -18.40
CA THR A 296 16.47 3.04 -18.30
C THR A 296 17.30 3.20 -19.56
N HIS A 297 17.10 2.35 -20.57
CA HIS A 297 17.99 2.34 -21.74
C HIS A 297 18.07 3.71 -22.40
N TYR A 298 16.91 4.26 -22.81
CA TYR A 298 16.91 5.54 -23.51
C TYR A 298 17.50 6.65 -22.64
N ALA A 299 17.21 6.63 -21.34
CA ALA A 299 17.77 7.64 -20.44
C ALA A 299 19.29 7.65 -20.49
N LEU A 300 19.91 6.48 -20.60
CA LEU A 300 21.36 6.43 -20.74
C LEU A 300 21.81 6.96 -22.10
N GLN A 301 21.18 6.50 -23.18
CA GLN A 301 21.54 6.94 -24.53
C GLN A 301 21.47 8.45 -24.65
N ALA A 302 20.36 9.05 -24.22
CA ALA A 302 20.20 10.50 -24.33
C ALA A 302 21.20 11.26 -23.47
N SER A 303 21.42 10.81 -22.23
CA SER A 303 22.35 11.50 -21.34
C SER A 303 23.76 11.53 -21.92
N LEU A 304 24.22 10.40 -22.47
CA LEU A 304 25.52 10.36 -23.12
C LEU A 304 25.63 11.41 -24.21
N LYS A 305 24.71 11.37 -25.18
CA LYS A 305 24.73 12.33 -26.28
C LYS A 305 24.69 13.76 -25.76
N LEU A 306 23.75 14.05 -24.85
CA LEU A 306 23.57 15.41 -24.36
C LEU A 306 24.81 15.90 -23.63
N LEU A 307 25.45 15.03 -22.83
CA LEU A 307 26.65 15.45 -22.13
C LEU A 307 27.76 15.82 -23.10
N ASP A 308 27.94 15.02 -24.15
CA ASP A 308 28.96 15.32 -25.16
C ASP A 308 28.71 16.67 -25.81
N PHE A 309 27.44 16.96 -26.16
CA PHE A 309 27.14 18.25 -26.77
C PHE A 309 27.42 19.41 -25.82
N TYR A 310 26.98 19.29 -24.56
CA TYR A 310 27.20 20.37 -23.60
C TYR A 310 28.68 20.66 -23.41
N GLU A 311 29.51 19.62 -23.44
CA GLU A 311 30.95 19.82 -23.37
C GLU A 311 31.47 20.56 -24.60
N LYS A 312 31.07 20.10 -25.79
CA LYS A 312 31.51 20.73 -27.02
C LYS A 312 31.03 22.17 -27.11
N TYR A 313 29.75 22.40 -26.81
CA TYR A 313 29.18 23.74 -26.93
C TYR A 313 29.81 24.70 -25.92
N PHE A 314 29.94 24.27 -24.66
CA PHE A 314 30.47 25.13 -23.62
C PHE A 314 31.99 25.17 -23.59
N ASP A 315 32.66 24.26 -24.30
CA ASP A 315 34.12 24.18 -24.34
C ASP A 315 34.73 23.92 -22.96
N ILE A 316 33.93 23.40 -22.03
CA ILE A 316 34.38 23.08 -20.68
C ILE A 316 33.99 21.64 -20.37
N TYR A 317 34.96 20.83 -19.98
CA TYR A 317 34.68 19.44 -19.64
C TYR A 317 33.90 19.34 -18.34
N TYR A 318 33.05 18.33 -18.26
CA TYR A 318 32.40 17.99 -17.00
C TYR A 318 33.48 17.52 -16.02
N PRO A 319 33.61 18.15 -14.85
CA PRO A 319 34.80 17.92 -14.02
C PRO A 319 34.78 16.64 -13.21
N LEU A 320 33.62 16.06 -12.92
CA LEU A 320 33.56 14.86 -12.11
C LEU A 320 33.74 13.62 -12.98
N SER A 321 34.31 12.57 -12.37
CA SER A 321 34.57 11.35 -13.13
C SER A 321 33.30 10.57 -13.41
N LYS A 322 32.27 10.72 -12.59
CA LYS A 322 31.01 9.99 -12.74
C LYS A 322 29.83 10.94 -12.69
N LEU A 323 28.76 10.57 -13.38
CA LEU A 323 27.49 11.28 -13.33
C LEU A 323 26.38 10.27 -13.22
N ASP A 324 25.60 10.34 -12.13
CA ASP A 324 24.54 9.38 -11.84
C ASP A 324 23.17 10.03 -11.98
N LEU A 325 22.26 9.34 -12.65
CA LEU A 325 20.87 9.75 -12.79
C LEU A 325 20.00 8.68 -12.14
N ILE A 326 19.37 9.03 -11.03
CA ILE A 326 18.60 8.06 -10.23
C ILE A 326 17.13 8.49 -10.24
N ALA A 327 16.24 7.50 -10.38
CA ALA A 327 14.81 7.73 -10.46
C ALA A 327 14.18 7.45 -9.10
N ILE A 328 13.82 8.51 -8.39
CA ILE A 328 13.29 8.40 -7.03
C ILE A 328 11.77 8.18 -7.08
N PRO A 329 11.25 7.19 -6.34
CA PRO A 329 9.79 6.92 -6.37
C PRO A 329 8.95 8.05 -5.83
N ASP A 330 9.32 8.59 -4.67
CA ASP A 330 8.61 9.74 -4.08
C ASP A 330 9.46 10.98 -4.30
N PHE A 331 9.06 11.80 -5.26
CA PHE A 331 9.84 13.00 -5.61
C PHE A 331 8.88 14.11 -6.02
N ALA A 332 8.95 15.25 -5.31
CA ALA A 332 8.03 16.34 -5.60
C ALA A 332 8.41 17.09 -6.88
N PRO A 333 9.62 17.63 -7.03
CA PRO A 333 9.94 18.37 -8.25
C PRO A 333 10.14 17.43 -9.43
N GLY A 334 10.20 18.01 -10.62
CA GLY A 334 10.46 17.22 -11.81
C GLY A 334 11.82 16.55 -11.79
N ALA A 335 12.81 17.22 -11.21
CA ALA A 335 14.17 16.70 -11.06
C ALA A 335 14.99 17.73 -10.29
N MET A 336 16.18 17.31 -9.86
CA MET A 336 17.07 18.15 -9.07
C MET A 336 18.51 17.87 -9.46
N GLU A 337 19.27 18.93 -9.72
CA GLU A 337 20.57 18.84 -10.38
C GLU A 337 21.74 18.65 -9.40
N ASN A 338 21.56 17.87 -8.32
CA ASN A 338 22.67 17.62 -7.41
C ASN A 338 23.90 17.17 -8.18
N TRP A 339 25.03 17.84 -7.93
CA TRP A 339 26.23 17.64 -8.74
C TRP A 339 26.69 16.19 -8.70
N GLY A 340 26.58 15.49 -9.82
CA GLY A 340 26.97 14.10 -9.92
C GLY A 340 25.94 13.09 -9.48
N LEU A 341 24.77 13.53 -8.98
CA LEU A 341 23.73 12.62 -8.54
C LEU A 341 22.37 13.32 -8.77
N ILE A 342 21.92 13.29 -10.02
CA ILE A 342 20.71 14.01 -10.41
C ILE A 342 19.50 13.12 -10.16
N THR A 343 18.62 13.57 -9.27
CA THR A 343 17.42 12.82 -8.90
C THR A 343 16.26 13.20 -9.82
N TYR A 344 15.49 12.19 -10.23
CA TYR A 344 14.37 12.38 -11.16
C TYR A 344 13.10 11.77 -10.60
N ARG A 345 11.97 12.33 -11.01
CA ARG A 345 10.72 11.60 -10.96
C ARG A 345 10.77 10.45 -11.96
N GLU A 346 10.07 9.36 -11.63
CA GLU A 346 10.04 8.21 -12.53
C GLU A 346 9.48 8.58 -13.90
N THR A 347 8.56 9.54 -13.94
CA THR A 347 7.98 9.99 -15.20
C THR A 347 8.91 10.91 -15.99
N SER A 348 10.00 11.37 -15.39
CA SER A 348 10.94 12.26 -16.08
C SER A 348 12.17 11.53 -16.61
N LEU A 349 12.39 10.29 -16.23
CA LEU A 349 13.61 9.58 -16.60
C LEU A 349 13.34 8.22 -17.25
N LEU A 350 12.37 7.46 -16.75
CA LEU A 350 12.12 6.12 -17.24
C LEU A 350 11.26 6.16 -18.51
N PHE A 351 11.61 5.30 -19.47
CA PHE A 351 10.91 5.21 -20.74
C PHE A 351 10.62 3.75 -21.04
N ASP A 352 9.34 3.42 -21.19
CA ASP A 352 8.91 2.06 -21.53
C ASP A 352 8.21 2.08 -22.88
N PRO A 353 8.77 1.45 -23.91
CA PRO A 353 8.17 1.55 -25.26
C PRO A 353 6.74 1.05 -25.34
N LYS A 354 6.33 0.13 -24.47
CA LYS A 354 4.99 -0.44 -24.57
C LYS A 354 3.93 0.54 -24.10
N THR A 355 4.26 1.44 -23.17
CA THR A 355 3.28 2.32 -22.57
C THR A 355 3.63 3.81 -22.61
N SER A 356 4.77 4.19 -23.17
CA SER A 356 5.17 5.59 -23.26
C SER A 356 4.95 6.11 -24.67
N SER A 357 4.24 7.23 -24.79
CA SER A 357 3.96 7.85 -26.07
C SER A 357 5.16 8.66 -26.54
N ALA A 358 5.03 9.27 -27.73
CA ALA A 358 6.10 10.08 -28.27
C ALA A 358 6.32 11.34 -27.43
N SER A 359 5.23 11.94 -26.94
CA SER A 359 5.35 13.12 -26.08
C SER A 359 6.12 12.77 -24.81
N ASP A 360 5.92 11.56 -24.29
CA ASP A 360 6.71 11.11 -23.14
C ASP A 360 8.19 11.09 -23.45
N LYS A 361 8.56 10.59 -24.64
CA LYS A 361 9.95 10.63 -25.08
C LYS A 361 10.47 12.06 -25.14
N LEU A 362 9.66 12.99 -25.65
CA LEU A 362 10.08 14.39 -25.70
C LEU A 362 10.28 14.95 -24.30
N TRP A 363 9.38 14.64 -23.35
CA TRP A 363 9.51 15.21 -22.00
C TRP A 363 10.73 14.66 -21.30
N VAL A 364 10.99 13.36 -21.46
CA VAL A 364 12.15 12.75 -20.82
C VAL A 364 13.43 13.37 -21.36
N THR A 365 13.52 13.54 -22.67
CA THR A 365 14.67 14.21 -23.27
C THR A 365 14.81 15.65 -22.78
N ARG A 366 13.68 16.37 -22.67
CA ARG A 366 13.72 17.74 -22.15
C ARG A 366 14.30 17.78 -20.75
N VAL A 367 13.81 16.92 -19.85
CA VAL A 367 14.23 16.99 -18.45
C VAL A 367 15.69 16.59 -18.29
N ILE A 368 16.13 15.59 -19.06
CA ILE A 368 17.54 15.20 -19.01
C ILE A 368 18.42 16.33 -19.54
N ALA A 369 18.01 16.98 -20.63
CA ALA A 369 18.77 18.11 -21.15
C ALA A 369 18.77 19.27 -20.17
N HIS A 370 17.63 19.54 -19.53
CA HIS A 370 17.54 20.60 -18.55
C HIS A 370 18.50 20.35 -17.38
N GLU A 371 18.47 19.14 -16.83
CA GLU A 371 19.28 18.83 -15.66
C GLU A 371 20.77 18.78 -16.00
N LEU A 372 21.11 18.27 -17.19
CA LEU A 372 22.52 18.23 -17.58
C LEU A 372 23.05 19.64 -17.83
N ALA A 373 22.26 20.50 -18.47
CA ALA A 373 22.67 21.89 -18.65
C ALA A 373 22.91 22.59 -17.31
N HIS A 374 22.15 22.22 -16.29
CA HIS A 374 22.32 22.81 -14.96
C HIS A 374 23.71 22.56 -14.40
N GLN A 375 24.40 21.51 -14.84
CA GLN A 375 25.73 21.21 -14.32
C GLN A 375 26.69 22.36 -14.57
N TRP A 376 26.48 23.13 -15.63
CA TRP A 376 27.24 24.34 -15.88
C TRP A 376 26.51 25.57 -15.34
N PHE A 377 25.29 25.81 -15.81
CA PHE A 377 24.47 26.91 -15.34
C PHE A 377 23.75 26.49 -14.05
N GLY A 378 24.49 26.57 -12.95
CA GLY A 378 23.94 26.20 -11.66
C GLY A 378 24.97 25.63 -10.70
N ASN A 379 25.60 24.52 -11.09
CA ASN A 379 26.62 23.92 -10.26
C ASN A 379 27.97 24.59 -10.45
N LEU A 380 28.41 24.71 -11.70
CA LEU A 380 29.68 25.37 -11.99
C LEU A 380 29.62 26.86 -11.71
N VAL A 381 28.65 27.55 -12.29
CA VAL A 381 28.43 28.97 -12.06
C VAL A 381 27.09 29.12 -11.36
N THR A 382 27.13 29.47 -10.07
CA THR A 382 25.93 29.61 -9.26
C THR A 382 25.63 31.09 -9.04
N MET A 383 24.36 31.40 -8.83
CA MET A 383 23.96 32.77 -8.57
C MET A 383 24.53 33.24 -7.23
N GLU A 384 24.53 34.57 -7.04
CA GLU A 384 24.94 35.12 -5.76
C GLU A 384 23.83 34.92 -4.72
N TRP A 385 22.60 35.26 -5.08
CA TRP A 385 21.47 35.13 -4.17
C TRP A 385 20.24 34.77 -4.98
N TRP A 386 19.20 34.28 -4.28
CA TRP A 386 18.02 33.76 -4.94
C TRP A 386 17.25 34.83 -5.72
N ASN A 387 17.53 36.11 -5.50
CA ASN A 387 16.88 37.15 -6.29
C ASN A 387 17.18 36.99 -7.77
N ASP A 388 18.38 36.52 -8.12
CA ASP A 388 18.77 36.26 -9.50
C ASP A 388 18.70 34.76 -9.81
N ILE A 389 17.67 34.08 -9.30
CA ILE A 389 17.51 32.65 -9.54
C ILE A 389 17.49 32.33 -11.02
N TRP A 390 16.97 33.25 -11.84
CA TRP A 390 16.88 33.00 -13.27
C TRP A 390 18.25 32.72 -13.89
N LEU A 391 19.32 33.22 -13.27
CA LEU A 391 20.67 32.96 -13.78
C LEU A 391 20.93 31.48 -13.93
N ASN A 392 20.31 30.66 -13.08
CA ASN A 392 20.38 29.21 -13.18
C ASN A 392 19.23 28.66 -14.03
N GLU A 393 17.99 28.87 -13.56
CA GLU A 393 16.84 28.19 -14.15
C GLU A 393 16.58 28.67 -15.58
N GLY A 394 16.48 29.99 -15.76
CA GLY A 394 16.22 30.54 -17.09
C GLY A 394 17.17 30.02 -18.15
N PHE A 395 18.47 30.03 -17.85
CA PHE A 395 19.46 29.50 -18.80
C PHE A 395 19.21 28.03 -19.10
N ALA A 396 19.00 27.23 -18.05
CA ALA A 396 18.73 25.80 -18.23
C ALA A 396 17.50 25.58 -19.12
N LYS A 397 16.41 26.31 -18.84
CA LYS A 397 15.23 26.21 -19.68
C LYS A 397 15.55 26.55 -21.14
N TYR A 398 16.31 27.62 -21.35
CA TYR A 398 16.71 28.01 -22.71
C TYR A 398 17.61 26.95 -23.33
N MET A 399 18.57 26.43 -22.56
CA MET A 399 19.51 25.45 -23.10
C MET A 399 18.81 24.16 -23.52
N GLU A 400 17.61 23.88 -22.99
CA GLU A 400 16.80 22.78 -23.49
C GLU A 400 16.65 22.87 -25.00
N LEU A 401 16.19 24.02 -25.48
CA LEU A 401 15.99 24.24 -26.91
C LEU A 401 17.27 23.97 -27.71
N ILE A 402 18.38 24.57 -27.29
CA ILE A 402 19.63 24.42 -28.04
C ILE A 402 20.07 22.96 -28.06
N ALA A 403 20.10 22.32 -26.88
CA ALA A 403 20.67 20.98 -26.76
C ALA A 403 19.81 19.95 -27.47
N VAL A 404 18.51 19.90 -27.15
CA VAL A 404 17.62 18.92 -27.75
C VAL A 404 17.61 19.08 -29.28
N ASN A 405 17.43 20.31 -29.75
CA ASN A 405 17.40 20.55 -31.19
C ASN A 405 18.72 20.17 -31.86
N ALA A 406 19.84 20.30 -31.14
CA ALA A 406 21.12 19.91 -31.72
C ALA A 406 21.31 18.39 -31.73
N THR A 407 20.91 17.72 -30.65
CA THR A 407 21.17 16.29 -30.51
C THR A 407 20.03 15.42 -31.03
N TYR A 408 18.80 15.87 -30.87
CA TYR A 408 17.62 15.14 -31.36
C TYR A 408 16.74 16.09 -32.17
N PRO A 409 17.21 16.50 -33.35
CA PRO A 409 16.35 17.33 -34.22
C PRO A 409 15.09 16.63 -34.66
N GLU A 410 15.07 15.29 -34.65
CA GLU A 410 13.88 14.55 -35.02
C GLU A 410 12.73 14.76 -34.04
N LEU A 411 13.03 15.19 -32.81
CA LEU A 411 11.96 15.48 -31.86
C LEU A 411 11.24 16.77 -32.18
N GLN A 412 11.87 17.66 -32.96
CA GLN A 412 11.24 18.90 -33.43
C GLN A 412 10.77 19.75 -32.26
N PHE A 413 11.64 19.89 -31.25
CA PHE A 413 11.34 20.75 -30.11
C PHE A 413 11.43 22.22 -30.48
N ASP A 414 12.10 22.55 -31.59
CA ASP A 414 12.19 23.93 -32.04
C ASP A 414 10.80 24.53 -32.32
N ASP A 415 9.89 23.73 -32.87
CA ASP A 415 8.54 24.21 -33.13
C ASP A 415 7.76 24.41 -31.84
N TYR A 416 8.01 23.58 -30.83
CA TYR A 416 7.27 23.63 -29.57
C TYR A 416 7.71 24.78 -28.68
N PHE A 417 8.92 25.32 -28.89
CA PHE A 417 9.47 26.32 -27.96
C PHE A 417 8.57 27.55 -27.83
N LEU A 418 7.84 27.91 -28.88
CA LEU A 418 7.01 29.12 -28.83
C LEU A 418 6.01 29.06 -27.67
N ASN A 419 5.52 27.86 -27.33
CA ASN A 419 4.59 27.73 -26.21
C ASN A 419 5.23 28.20 -24.91
N VAL A 420 6.54 28.00 -24.75
CA VAL A 420 7.22 28.43 -23.53
C VAL A 420 7.06 29.94 -23.33
N CYS A 421 7.17 30.71 -24.42
CA CYS A 421 7.00 32.16 -24.31
C CYS A 421 5.53 32.55 -24.16
N PHE A 422 4.63 31.87 -24.87
CA PHE A 422 3.22 32.23 -24.80
C PHE A 422 2.65 31.99 -23.40
N GLU A 423 3.15 30.97 -22.70
CA GLU A 423 2.66 30.69 -21.36
C GLU A 423 2.94 31.85 -20.39
N VAL A 424 4.11 32.48 -20.53
CA VAL A 424 4.44 33.61 -19.66
C VAL A 424 3.71 34.87 -20.10
N ILE A 425 3.56 35.06 -21.41
CA ILE A 425 2.76 36.17 -21.93
C ILE A 425 1.36 36.16 -21.30
N THR A 426 0.84 34.96 -21.03
CA THR A 426 -0.45 34.86 -20.32
C THR A 426 -0.40 35.53 -18.96
N LYS A 427 0.72 35.37 -18.24
CA LYS A 427 0.84 35.92 -16.89
C LYS A 427 1.54 37.27 -16.86
N ASP A 428 2.22 37.66 -17.94
CA ASP A 428 2.92 38.94 -17.98
C ASP A 428 2.05 40.09 -18.44
N SER A 429 0.95 39.80 -19.13
CA SER A 429 -0.03 40.82 -19.51
C SER A 429 -0.92 41.25 -18.35
N LEU A 430 -0.62 40.82 -17.13
CA LEU A 430 -1.37 41.20 -15.94
C LEU A 430 -0.53 42.14 -15.07
N ASN A 431 -1.22 42.90 -14.22
CA ASN A 431 -0.52 43.81 -13.33
C ASN A 431 0.19 43.08 -12.19
N SER A 432 -0.25 41.87 -11.87
CA SER A 432 0.30 41.10 -10.76
C SER A 432 1.58 40.37 -11.12
N SER A 433 2.21 40.72 -12.24
CA SER A 433 3.46 40.07 -12.64
C SER A 433 4.61 40.66 -11.82
N ARG A 434 5.84 40.38 -12.23
CA ARG A 434 7.01 40.83 -11.50
C ARG A 434 8.19 40.89 -12.47
N PRO A 435 9.25 41.62 -12.12
CA PRO A 435 10.48 41.55 -12.91
C PRO A 435 11.20 40.24 -12.67
N ILE A 436 12.08 39.89 -13.63
CA ILE A 436 12.80 38.63 -13.53
C ILE A 436 13.75 38.65 -12.34
N SER A 437 14.28 39.81 -11.97
CA SER A 437 15.18 39.97 -10.83
C SER A 437 14.44 40.77 -9.76
N LYS A 438 13.94 40.08 -8.74
CA LYS A 438 13.26 40.73 -7.63
C LYS A 438 13.78 40.12 -6.33
N PRO A 439 14.06 40.95 -5.33
CA PRO A 439 14.61 40.42 -4.07
C PRO A 439 13.64 39.50 -3.34
N ALA A 440 14.21 38.61 -2.53
CA ALA A 440 13.45 37.68 -1.72
C ALA A 440 14.27 37.36 -0.47
N GLU A 441 13.56 37.08 0.62
CA GLU A 441 14.24 36.88 1.91
C GLU A 441 13.77 35.61 2.60
N THR A 442 12.48 35.56 2.98
CA THR A 442 11.95 34.42 3.69
C THR A 442 11.98 33.18 2.80
N PRO A 443 12.06 31.99 3.40
CA PRO A 443 12.06 30.75 2.58
C PRO A 443 10.89 30.62 1.65
N THR A 444 9.69 31.00 2.09
CA THR A 444 8.53 30.99 1.21
C THR A 444 8.73 31.89 0.00
N GLN A 445 9.25 33.10 0.22
CA GLN A 445 9.51 34.01 -0.89
C GLN A 445 10.55 33.42 -1.84
N ILE A 446 11.57 32.76 -1.30
CA ILE A 446 12.60 32.15 -2.14
C ILE A 446 11.98 31.03 -2.98
N GLN A 447 11.05 30.29 -2.40
CA GLN A 447 10.37 29.24 -3.17
C GLN A 447 9.49 29.85 -4.25
N GLU A 448 8.86 30.99 -3.97
CA GLU A 448 8.01 31.64 -4.96
C GLU A 448 8.80 32.12 -6.17
N MET A 449 10.11 32.35 -6.02
CA MET A 449 10.94 32.79 -7.14
C MET A 449 10.97 31.76 -8.27
N PHE A 450 10.64 30.51 -7.99
CA PHE A 450 10.63 29.46 -9.01
C PHE A 450 9.25 29.46 -9.69
N ASP A 451 9.05 30.45 -10.55
CA ASP A 451 7.80 30.59 -11.28
C ASP A 451 8.11 30.75 -12.77
N GLU A 452 7.05 30.86 -13.58
CA GLU A 452 7.23 30.92 -15.03
C GLU A 452 8.09 32.08 -15.46
N VAL A 453 8.14 33.16 -14.68
CA VAL A 453 8.97 34.31 -14.97
C VAL A 453 10.43 33.88 -15.05
N SER A 454 10.98 33.45 -13.91
CA SER A 454 12.40 33.10 -13.85
C SER A 454 12.78 32.04 -14.87
N TYR A 455 11.86 31.12 -15.20
CA TYR A 455 12.15 30.07 -16.17
C TYR A 455 11.93 30.55 -17.60
N ASN A 456 10.67 30.68 -18.01
CA ASN A 456 10.35 30.85 -19.42
C ASN A 456 10.74 32.23 -19.92
N LYS A 457 10.41 33.28 -19.17
CA LYS A 457 10.70 34.63 -19.63
C LYS A 457 12.20 34.84 -19.79
N GLY A 458 12.99 34.37 -18.81
CA GLY A 458 14.44 34.42 -18.97
C GLY A 458 14.92 33.67 -20.19
N ALA A 459 14.33 32.50 -20.45
CA ALA A 459 14.70 31.74 -21.64
C ALA A 459 14.32 32.47 -22.91
N CYS A 460 13.17 33.14 -22.92
CA CYS A 460 12.70 33.81 -24.14
C CYS A 460 13.52 35.04 -24.47
N ILE A 461 13.88 35.84 -23.46
CA ILE A 461 14.70 37.01 -23.73
C ILE A 461 16.12 36.61 -24.09
N LEU A 462 16.58 35.46 -23.60
CA LEU A 462 17.88 34.94 -24.05
C LEU A 462 17.82 34.55 -25.52
N ASN A 463 16.72 33.92 -25.94
CA ASN A 463 16.55 33.59 -27.35
C ASN A 463 16.43 34.85 -28.18
N MET A 464 15.78 35.88 -27.64
CA MET A 464 15.69 37.16 -28.35
C MET A 464 17.06 37.78 -28.52
N LEU A 465 17.88 37.78 -27.46
CA LEU A 465 19.22 38.35 -27.53
C LEU A 465 20.11 37.56 -28.49
N LYS A 466 19.95 36.24 -28.56
CA LYS A 466 20.73 35.46 -29.51
C LYS A 466 20.37 35.83 -30.94
N ASP A 467 19.08 35.94 -31.24
CA ASP A 467 18.66 36.35 -32.57
C ASP A 467 19.20 37.73 -32.93
N PHE A 468 19.38 38.59 -31.93
CA PHE A 468 19.93 39.92 -32.18
C PHE A 468 21.44 39.90 -32.35
N LEU A 469 22.14 39.00 -31.65
CA LEU A 469 23.59 38.98 -31.65
C LEU A 469 24.19 37.89 -32.54
N GLY A 470 23.40 36.95 -33.01
CA GLY A 470 23.99 35.87 -33.78
C GLY A 470 24.47 34.73 -32.90
N GLU A 471 24.37 33.51 -33.43
CA GLU A 471 24.69 32.34 -32.62
C GLU A 471 26.15 32.32 -32.21
N GLU A 472 27.04 32.73 -33.12
CA GLU A 472 28.48 32.71 -32.82
C GLU A 472 28.83 33.68 -31.70
N LYS A 473 28.33 34.91 -31.79
CA LYS A 473 28.60 35.89 -30.75
C LYS A 473 27.97 35.48 -29.43
N PHE A 474 26.75 34.96 -29.48
CA PHE A 474 26.06 34.54 -28.25
C PHE A 474 26.76 33.35 -27.60
N GLN A 475 27.19 32.37 -28.41
CA GLN A 475 27.91 31.23 -27.88
C GLN A 475 29.23 31.64 -27.22
N LYS A 476 29.97 32.55 -27.88
CA LYS A 476 31.23 33.02 -27.31
C LYS A 476 31.01 33.72 -25.98
N GLY A 477 29.96 34.55 -25.89
CA GLY A 477 29.65 35.21 -24.63
C GLY A 477 29.31 34.21 -23.54
N ILE A 478 28.57 33.17 -23.87
CA ILE A 478 28.25 32.12 -22.91
C ILE A 478 29.52 31.46 -22.40
N ILE A 479 30.42 31.09 -23.32
CA ILE A 479 31.65 30.40 -22.95
C ILE A 479 32.50 31.29 -22.05
N GLN A 480 32.58 32.59 -22.37
CA GLN A 480 33.34 33.50 -21.52
C GLN A 480 32.72 33.62 -20.14
N TYR A 481 31.39 33.70 -20.08
CA TYR A 481 30.71 33.80 -18.78
C TYR A 481 30.96 32.56 -17.92
N LEU A 482 30.86 31.37 -18.53
CA LEU A 482 31.04 30.14 -17.76
C LEU A 482 32.49 29.97 -17.31
N LYS A 483 33.45 30.29 -18.18
CA LYS A 483 34.85 30.15 -17.81
C LYS A 483 35.27 31.19 -16.78
N LYS A 484 34.69 32.38 -16.84
CA LYS A 484 35.09 33.46 -15.94
C LYS A 484 34.64 33.19 -14.51
N PHE A 485 33.41 32.73 -14.32
CA PHE A 485 32.82 32.58 -13.00
C PHE A 485 32.78 31.13 -12.54
N SER A 486 33.64 30.27 -13.10
CA SER A 486 33.71 28.89 -12.68
C SER A 486 34.05 28.79 -11.20
N TYR A 487 33.33 27.92 -10.49
CA TYR A 487 33.55 27.62 -9.08
C TYR A 487 33.37 28.84 -8.17
N ARG A 488 32.61 29.84 -8.61
CA ARG A 488 32.31 31.00 -7.78
C ARG A 488 30.87 31.41 -8.10
N ASN A 489 30.50 32.63 -7.71
CA ASN A 489 29.14 33.10 -7.90
C ASN A 489 29.13 34.41 -8.68
N ALA A 490 28.04 34.63 -9.41
CA ALA A 490 27.84 35.81 -10.23
C ALA A 490 26.45 36.38 -9.97
N LYS A 491 26.20 37.57 -10.51
CA LYS A 491 24.90 38.23 -10.41
C LYS A 491 24.48 38.71 -11.79
N ASN A 492 23.32 39.37 -11.83
CA ASN A 492 22.72 39.76 -13.11
C ASN A 492 23.64 40.67 -13.91
N ASP A 493 24.24 41.67 -13.25
CA ASP A 493 25.12 42.59 -13.96
C ASP A 493 26.32 41.86 -14.55
N ASP A 494 26.82 40.84 -13.85
CA ASP A 494 27.96 40.09 -14.36
C ASP A 494 27.63 39.36 -15.65
N LEU A 495 26.44 38.76 -15.72
CA LEU A 495 26.04 38.05 -16.93
C LEU A 495 25.95 38.98 -18.12
N TRP A 496 25.29 40.12 -17.96
CA TRP A 496 25.10 41.03 -19.08
C TRP A 496 26.40 41.66 -19.52
N SER A 497 27.33 41.90 -18.60
CA SER A 497 28.67 42.36 -18.97
C SER A 497 29.38 41.32 -19.82
N SER A 498 29.37 40.06 -19.37
CA SER A 498 30.05 39.00 -20.11
C SER A 498 29.37 38.72 -21.45
N LEU A 499 28.05 38.91 -21.53
CA LEU A 499 27.36 38.65 -22.80
C LEU A 499 27.56 39.79 -23.80
N SER A 500 27.55 41.04 -23.31
CA SER A 500 27.74 42.17 -24.23
C SER A 500 29.19 42.26 -24.69
N ASN A 501 30.15 42.09 -23.77
CA ASN A 501 31.56 42.18 -24.10
C ASN A 501 32.11 40.83 -24.55
N SER A 502 31.54 40.32 -25.63
CA SER A 502 31.94 39.05 -26.20
C SER A 502 32.65 39.27 -27.53
N CYS A 503 33.70 38.50 -27.77
CA CYS A 503 34.58 38.66 -28.93
C CYS A 503 34.34 37.50 -29.90
N LEU A 504 33.82 37.83 -31.08
CA LEU A 504 33.66 36.84 -32.14
C LEU A 504 35.04 36.42 -32.66
N GLU A 505 35.11 35.16 -33.12
CA GLU A 505 36.34 34.58 -33.67
C GLU A 505 37.45 34.56 -32.64
N MET A 520 43.99 50.84 -32.22
CA MET A 520 42.76 51.62 -32.29
C MET A 520 42.22 51.70 -33.71
N THR A 521 40.91 51.57 -33.84
CA THR A 521 40.24 51.62 -35.13
C THR A 521 38.81 52.08 -34.91
N SER A 522 38.17 52.57 -35.98
CA SER A 522 36.75 52.87 -35.92
C SER A 522 35.94 51.62 -35.58
N ASN A 523 36.45 50.44 -35.95
CA ASN A 523 35.80 49.20 -35.56
C ASN A 523 35.79 49.03 -34.05
N MET A 524 36.88 49.45 -33.38
CA MET A 524 36.95 49.36 -31.94
C MET A 524 35.92 50.28 -31.28
N LEU A 525 35.76 51.50 -31.81
CA LEU A 525 34.78 52.43 -31.24
C LEU A 525 33.36 51.92 -31.44
N ALA A 526 33.05 51.37 -32.61
CA ALA A 526 31.73 50.80 -32.83
C ALA A 526 31.53 49.54 -32.00
N PHE A 527 32.61 48.79 -31.74
CA PHE A 527 32.50 47.60 -30.89
C PHE A 527 32.17 48.00 -29.45
N LEU A 528 32.78 49.06 -28.95
CA LEU A 528 32.48 49.50 -27.59
C LEU A 528 31.10 50.14 -27.50
N GLY A 529 30.69 50.85 -28.55
CA GLY A 529 29.36 51.44 -28.56
C GLY A 529 28.26 50.40 -28.62
N GLU A 530 28.48 49.32 -29.37
CA GLU A 530 27.47 48.29 -29.52
C GLU A 530 27.40 47.38 -28.29
N ASN A 531 28.53 47.18 -27.60
CA ASN A 531 28.51 46.43 -26.36
C ASN A 531 27.79 47.20 -25.25
N ALA A 532 28.01 48.52 -25.20
CA ALA A 532 27.21 49.36 -24.32
C ALA A 532 25.73 49.23 -24.66
N GLU A 533 25.40 49.33 -25.95
CA GLU A 533 24.01 49.22 -26.42
C GLU A 533 23.36 47.94 -25.92
N VAL A 534 24.04 46.81 -26.08
CA VAL A 534 23.48 45.52 -25.71
C VAL A 534 23.20 45.47 -24.21
N LYS A 535 24.17 45.88 -23.39
CA LYS A 535 23.98 45.85 -21.95
C LYS A 535 22.85 46.76 -21.53
N GLU A 536 22.81 47.98 -22.07
CA GLU A 536 21.71 48.90 -21.78
C GLU A 536 20.38 48.29 -22.17
N MET A 537 20.34 47.56 -23.29
CA MET A 537 19.10 46.96 -23.76
C MET A 537 18.56 45.94 -22.78
N MET A 538 19.41 44.99 -22.36
CA MET A 538 18.95 43.90 -21.52
C MET A 538 18.63 44.34 -20.09
N THR A 539 19.23 45.45 -19.62
CA THR A 539 18.91 45.93 -18.29
C THR A 539 17.44 46.30 -18.17
N THR A 540 16.87 46.87 -19.24
CA THR A 540 15.46 47.23 -19.23
C THR A 540 14.56 46.00 -19.32
N TRP A 541 15.06 44.89 -19.87
CA TRP A 541 14.24 43.68 -20.00
C TRP A 541 14.21 42.88 -18.71
N THR A 542 15.22 43.02 -17.86
CA THR A 542 15.30 42.25 -16.62
C THR A 542 14.75 43.00 -15.42
N LEU A 543 14.75 44.33 -15.47
CA LEU A 543 14.35 45.15 -14.33
C LEU A 543 12.93 45.70 -14.48
N GLN A 544 12.24 45.40 -15.57
CA GLN A 544 10.88 45.87 -15.78
C GLN A 544 9.95 44.70 -16.03
N LYS A 545 8.77 44.75 -15.43
CA LYS A 545 7.76 43.71 -15.59
C LYS A 545 7.06 43.87 -16.93
N GLY A 546 6.08 43.02 -17.18
CA GLY A 546 5.22 43.18 -18.34
C GLY A 546 5.89 42.85 -19.65
N ILE A 547 5.13 43.00 -20.72
CA ILE A 547 5.59 42.75 -22.08
C ILE A 547 5.11 43.90 -22.96
N PRO A 548 5.95 44.43 -23.86
CA PRO A 548 5.52 45.56 -24.67
C PRO A 548 4.66 45.16 -25.86
N LEU A 549 3.78 46.08 -26.26
CA LEU A 549 2.94 45.95 -27.44
C LEU A 549 3.37 46.97 -28.48
N LEU A 550 3.61 46.51 -29.71
CA LEU A 550 4.05 47.37 -30.79
C LEU A 550 2.88 47.65 -31.71
N VAL A 551 2.43 48.90 -31.73
CA VAL A 551 1.38 49.34 -32.64
C VAL A 551 2.04 49.87 -33.91
N VAL A 552 1.63 49.33 -35.06
CA VAL A 552 2.23 49.65 -36.35
C VAL A 552 1.16 50.26 -37.23
N LYS A 553 1.41 51.47 -37.74
CA LYS A 553 0.52 52.14 -38.67
C LYS A 553 1.27 52.40 -39.97
N GLN A 554 0.69 51.94 -41.08
CA GLN A 554 1.31 52.07 -42.39
C GLN A 554 0.77 53.29 -43.11
N ASP A 555 1.59 53.85 -44.00
CA ASP A 555 1.24 55.06 -44.73
C ASP A 555 2.07 55.20 -46.01
N GLY A 556 1.72 54.43 -47.03
CA GLY A 556 2.46 54.44 -48.28
C GLY A 556 3.87 53.93 -48.11
N CYS A 557 4.78 54.83 -47.71
CA CYS A 557 6.15 54.45 -47.35
C CYS A 557 6.49 54.71 -45.90
N SER A 558 5.72 55.53 -45.20
CA SER A 558 5.96 55.81 -43.79
C SER A 558 5.38 54.70 -42.92
N LEU A 559 6.05 54.43 -41.80
CA LEU A 559 5.60 53.43 -40.83
C LEU A 559 5.75 54.03 -39.44
N ARG A 560 4.63 54.27 -38.77
CA ARG A 560 4.63 54.84 -37.42
C ARG A 560 4.62 53.70 -36.41
N LEU A 561 5.61 53.69 -35.52
CA LEU A 561 5.76 52.65 -34.52
C LEU A 561 5.53 53.25 -33.14
N GLN A 562 4.60 52.67 -32.39
CA GLN A 562 4.34 53.06 -31.01
C GLN A 562 4.56 51.86 -30.10
N GLN A 563 5.20 52.11 -28.97
CA GLN A 563 5.41 51.07 -27.96
C GLN A 563 4.51 51.35 -26.76
N GLU A 564 4.08 50.28 -26.11
CA GLU A 564 3.08 50.35 -25.05
C GLU A 564 3.27 49.18 -24.12
N ARG A 565 2.68 49.26 -22.93
CA ARG A 565 2.68 48.15 -21.99
C ARG A 565 1.42 47.33 -22.24
N PHE A 566 1.59 46.13 -22.80
CA PHE A 566 0.45 45.28 -23.14
C PHE A 566 -0.27 44.85 -21.87
N LEU A 567 -1.59 44.97 -21.88
CA LEU A 567 -2.42 44.67 -20.71
C LEU A 567 -3.59 43.82 -21.15
N GLN A 568 -3.85 42.74 -20.40
CA GLN A 568 -4.92 41.81 -20.71
C GLN A 568 -6.16 42.18 -19.91
N GLY A 569 -7.24 42.51 -20.62
CA GLY A 569 -8.49 42.86 -19.98
C GLY A 569 -8.49 44.25 -19.39
N VAL A 570 -7.82 45.19 -20.06
CA VAL A 570 -7.80 46.62 -19.72
C VAL A 570 -7.66 47.35 -21.04
N PHE A 571 -8.75 47.92 -21.53
CA PHE A 571 -8.77 48.40 -22.91
C PHE A 571 -7.98 49.70 -23.02
N GLN A 572 -8.12 50.39 -24.15
CA GLN A 572 -7.32 51.58 -24.40
C GLN A 572 -7.84 52.79 -23.64
N GLU A 573 -9.16 52.85 -23.42
CA GLU A 573 -9.81 53.95 -22.72
C GLU A 573 -10.17 53.67 -21.26
N ASP A 574 -9.80 52.50 -20.71
CA ASP A 574 -10.18 52.19 -19.34
C ASP A 574 -9.56 53.20 -18.36
N PRO A 575 -10.27 53.52 -17.27
CA PRO A 575 -9.81 54.61 -16.40
C PRO A 575 -8.50 54.36 -15.68
N GLU A 576 -8.04 53.11 -15.59
CA GLU A 576 -6.79 52.79 -14.92
C GLU A 576 -5.71 52.39 -15.90
N TRP A 577 -6.01 52.42 -17.19
CA TRP A 577 -5.02 52.07 -18.21
C TRP A 577 -3.89 53.09 -18.30
N ARG A 578 -4.18 54.37 -18.07
CA ARG A 578 -3.12 55.36 -18.08
C ARG A 578 -2.31 55.35 -16.79
N ALA A 579 -2.90 54.89 -15.69
CA ALA A 579 -2.13 54.69 -14.46
C ALA A 579 -1.29 53.42 -14.49
N LEU A 580 -1.46 52.58 -15.52
CA LEU A 580 -0.62 51.41 -15.74
C LEU A 580 0.30 51.58 -16.96
N GLN A 581 0.52 52.82 -17.39
CA GLN A 581 1.44 53.14 -18.48
C GLN A 581 2.56 54.06 -18.01
N GLU A 582 2.80 54.09 -16.69
CA GLU A 582 3.70 55.00 -16.01
C GLU A 582 5.05 55.23 -16.69
N ARG A 583 6.07 54.53 -16.21
CA ARG A 583 7.45 54.73 -16.62
C ARG A 583 7.99 53.66 -17.55
N TYR A 584 7.14 52.81 -18.12
CA TYR A 584 7.64 51.64 -18.83
C TYR A 584 8.09 52.04 -20.23
N LEU A 585 9.34 51.69 -20.56
CA LEU A 585 9.91 51.88 -21.87
C LEU A 585 10.93 50.77 -22.12
N TRP A 586 10.88 50.19 -23.31
CA TRP A 586 11.75 49.06 -23.66
C TRP A 586 12.58 49.40 -24.88
N HIS A 587 13.82 48.91 -24.89
CA HIS A 587 14.66 48.92 -26.09
C HIS A 587 14.35 47.62 -26.83
N ILE A 588 13.39 47.68 -27.74
CA ILE A 588 12.87 46.50 -28.42
C ILE A 588 13.64 46.31 -29.72
N PRO A 589 14.29 45.18 -29.95
CA PRO A 589 14.95 44.90 -31.24
C PRO A 589 13.97 44.37 -32.29
N LEU A 590 13.27 45.30 -32.94
CA LEU A 590 12.25 44.94 -33.91
C LEU A 590 12.85 44.31 -35.16
N THR A 591 12.18 43.28 -35.67
CA THR A 591 12.51 42.69 -36.96
C THR A 591 11.23 42.55 -37.77
N TYR A 592 11.31 42.81 -39.06
CA TYR A 592 10.12 42.80 -39.90
C TYR A 592 10.49 42.40 -41.33
N SER A 593 9.55 41.76 -42.01
CA SER A 593 9.69 41.42 -43.42
C SER A 593 8.45 41.90 -44.17
N THR A 594 8.57 42.02 -45.49
CA THR A 594 7.50 42.53 -46.33
C THR A 594 7.02 41.45 -47.30
N SER A 595 5.87 41.72 -47.90
CA SER A 595 5.28 40.79 -48.86
C SER A 595 6.11 40.69 -50.14
N SER A 596 6.86 41.74 -50.48
CA SER A 596 7.64 41.75 -51.71
C SER A 596 9.04 41.21 -51.50
N SER A 597 9.74 41.69 -50.47
CA SER A 597 11.11 41.30 -50.20
C SER A 597 11.16 40.38 -48.99
N ASN A 598 11.75 39.20 -49.15
CA ASN A 598 11.92 38.27 -48.05
C ASN A 598 13.07 38.65 -47.13
N VAL A 599 13.80 39.71 -47.45
CA VAL A 599 14.94 40.13 -46.65
C VAL A 599 14.46 40.62 -45.29
N ILE A 600 15.09 40.13 -44.23
CA ILE A 600 14.72 40.50 -42.88
C ILE A 600 15.36 41.85 -42.54
N HIS A 601 14.54 42.77 -42.04
CA HIS A 601 15.00 44.11 -41.67
C HIS A 601 15.00 44.26 -40.16
N ARG A 602 16.06 44.87 -39.63
CA ARG A 602 16.26 44.99 -38.19
C ARG A 602 16.36 46.46 -37.79
N HIS A 603 15.68 46.82 -36.71
CA HIS A 603 15.73 48.18 -36.18
C HIS A 603 15.46 48.14 -34.68
N ILE A 604 16.21 48.92 -33.93
CA ILE A 604 16.08 48.98 -32.47
C ILE A 604 15.22 50.19 -32.11
N LEU A 605 14.06 49.92 -31.51
CA LEU A 605 13.17 50.98 -31.03
C LEU A 605 13.59 51.35 -29.62
N LYS A 606 14.07 52.58 -29.44
CA LYS A 606 14.55 53.04 -28.15
C LYS A 606 13.69 54.13 -27.53
N SER A 607 12.65 54.59 -28.20
CA SER A 607 11.80 55.65 -27.71
C SER A 607 10.35 55.18 -27.65
N LYS A 608 9.49 56.07 -27.15
CA LYS A 608 8.06 55.74 -27.06
C LYS A 608 7.39 55.72 -28.42
N THR A 609 7.88 56.54 -29.36
CA THR A 609 7.34 56.58 -30.70
C THR A 609 8.45 56.83 -31.70
N ASP A 610 8.31 56.24 -32.89
CA ASP A 610 9.33 56.34 -33.92
C ASP A 610 8.67 56.19 -35.28
N THR A 611 9.43 56.52 -36.33
CA THR A 611 8.97 56.39 -37.70
C THR A 611 10.08 55.81 -38.55
N LEU A 612 9.68 55.04 -39.56
CA LEU A 612 10.63 54.41 -40.48
C LEU A 612 10.12 54.55 -41.89
N ASP A 613 10.97 54.20 -42.86
CA ASP A 613 10.64 54.32 -44.27
C ASP A 613 11.24 53.16 -45.03
N LEU A 614 10.45 52.55 -45.90
CA LEU A 614 10.91 51.47 -46.77
C LEU A 614 10.44 51.77 -48.19
N PRO A 615 11.32 52.17 -49.09
CA PRO A 615 10.89 52.48 -50.46
C PRO A 615 10.48 51.23 -51.23
N GLU A 616 9.22 50.82 -51.09
CA GLU A 616 8.71 49.65 -51.80
C GLU A 616 7.21 49.75 -52.05
N LYS A 617 6.47 50.26 -51.06
CA LYS A 617 5.01 50.34 -51.11
C LYS A 617 4.41 48.98 -51.38
N THR A 618 4.38 48.12 -50.36
CA THR A 618 3.92 46.75 -50.50
C THR A 618 2.58 46.55 -49.79
N SER A 619 2.05 45.34 -49.90
CA SER A 619 0.74 45.00 -49.35
C SER A 619 0.76 44.97 -47.83
N TRP A 620 1.38 43.93 -47.26
CA TRP A 620 1.42 43.76 -45.82
C TRP A 620 2.85 43.74 -45.33
N VAL A 621 3.01 44.02 -44.03
CA VAL A 621 4.30 43.98 -43.35
C VAL A 621 4.15 43.12 -42.11
N LYS A 622 4.98 42.09 -42.00
CA LYS A 622 4.94 41.16 -40.87
C LYS A 622 6.09 41.49 -39.92
N PHE A 623 5.76 42.03 -38.75
CA PHE A 623 6.76 42.33 -37.74
C PHE A 623 7.00 41.13 -36.84
N ASN A 624 8.15 41.14 -36.16
CA ASN A 624 8.60 40.05 -35.30
C ASN A 624 8.65 38.74 -36.06
N VAL A 625 9.74 38.52 -36.79
CA VAL A 625 9.87 37.31 -37.60
C VAL A 625 10.06 36.10 -36.69
N ASP A 626 9.23 35.08 -36.88
CA ASP A 626 9.28 33.82 -36.13
C ASP A 626 9.01 34.02 -34.64
N SER A 627 8.46 35.18 -34.26
CA SER A 627 8.12 35.49 -32.87
C SER A 627 9.33 35.40 -31.95
N ASN A 628 10.52 35.63 -32.49
CA ASN A 628 11.75 35.54 -31.68
C ASN A 628 11.88 36.68 -30.68
N GLY A 629 11.09 37.73 -30.81
CA GLY A 629 11.13 38.85 -29.89
C GLY A 629 10.01 38.78 -28.87
N TYR A 630 10.30 39.25 -27.66
CA TYR A 630 9.35 39.21 -26.55
C TYR A 630 8.46 40.47 -26.59
N TYR A 631 7.57 40.49 -27.58
CA TYR A 631 6.64 41.60 -27.74
C TYR A 631 5.51 41.17 -28.67
N ILE A 632 4.40 41.88 -28.58
CA ILE A 632 3.22 41.65 -29.42
C ILE A 632 3.10 42.79 -30.41
N VAL A 633 2.73 42.45 -31.65
CA VAL A 633 2.59 43.42 -32.73
C VAL A 633 1.12 43.63 -33.03
N HIS A 634 0.74 44.89 -33.26
CA HIS A 634 -0.62 45.26 -33.61
C HIS A 634 -0.59 46.16 -34.84
N TYR A 635 -1.44 45.87 -35.82
CA TYR A 635 -1.47 46.58 -37.07
C TYR A 635 -2.75 47.40 -37.18
N GLU A 636 -2.61 48.71 -37.31
CA GLU A 636 -3.74 49.60 -37.48
C GLU A 636 -4.06 49.75 -38.97
N GLY A 637 -5.29 50.21 -39.24
CA GLY A 637 -5.70 50.40 -40.62
C GLY A 637 -6.12 49.09 -41.25
N HIS A 638 -5.55 48.79 -42.41
CA HIS A 638 -5.86 47.57 -43.15
C HIS A 638 -4.83 46.46 -42.91
N GLY A 639 -3.90 46.66 -41.99
CA GLY A 639 -2.83 45.70 -41.80
C GLY A 639 -3.33 44.31 -41.48
N TRP A 640 -4.24 44.21 -40.52
CA TRP A 640 -4.78 42.90 -40.15
C TRP A 640 -5.61 42.32 -41.30
N ASP A 641 -6.38 43.15 -41.99
CA ASP A 641 -7.17 42.67 -43.12
C ASP A 641 -6.29 42.19 -44.25
N GLN A 642 -5.20 42.90 -44.55
CA GLN A 642 -4.27 42.46 -45.58
C GLN A 642 -3.68 41.10 -45.23
N LEU A 643 -3.26 40.92 -43.97
CA LEU A 643 -2.66 39.66 -43.55
C LEU A 643 -3.65 38.51 -43.61
N ILE A 644 -4.87 38.73 -43.14
CA ILE A 644 -5.89 37.67 -43.14
C ILE A 644 -6.22 37.26 -44.58
N THR A 645 -6.36 38.23 -45.48
CA THR A 645 -6.61 37.90 -46.88
C THR A 645 -5.43 37.14 -47.48
N GLN A 646 -4.20 37.54 -47.12
CA GLN A 646 -3.03 36.80 -47.56
C GLN A 646 -3.09 35.35 -47.11
N LEU A 647 -3.46 35.12 -45.84
CA LEU A 647 -3.54 33.77 -45.31
C LEU A 647 -4.60 32.95 -46.04
N ASN A 648 -5.81 33.49 -46.17
CA ASN A 648 -6.89 32.76 -46.81
C ASN A 648 -6.58 32.42 -48.27
N GLN A 649 -5.86 33.30 -48.97
CA GLN A 649 -5.52 33.03 -50.36
C GLN A 649 -4.35 32.07 -50.48
N ASN A 650 -3.19 32.44 -49.92
CA ASN A 650 -2.00 31.60 -49.99
C ASN A 650 -1.21 31.78 -48.69
N HIS A 651 -1.59 30.99 -47.68
CA HIS A 651 -0.89 31.02 -46.40
C HIS A 651 0.59 30.68 -46.54
N THR A 652 0.98 29.97 -47.60
CA THR A 652 2.36 29.55 -47.77
C THR A 652 3.32 30.71 -48.02
N LEU A 653 2.82 31.91 -48.28
CA LEU A 653 3.68 33.07 -48.48
C LEU A 653 4.23 33.62 -47.17
N LEU A 654 3.62 33.26 -46.05
CA LEU A 654 4.11 33.64 -44.73
C LEU A 654 4.82 32.46 -44.08
N ARG A 655 5.81 32.79 -43.24
CA ARG A 655 6.57 31.76 -42.55
C ARG A 655 5.67 31.04 -41.54
N PRO A 656 5.90 29.73 -41.32
CA PRO A 656 5.03 29.01 -40.38
C PRO A 656 5.02 29.60 -38.98
N LYS A 657 6.19 29.92 -38.43
CA LYS A 657 6.23 30.56 -37.12
C LYS A 657 5.57 31.94 -37.16
N ASP A 658 5.63 32.63 -38.30
CA ASP A 658 4.89 33.87 -38.44
C ASP A 658 3.38 33.63 -38.33
N ARG A 659 2.90 32.54 -38.93
CA ARG A 659 1.49 32.20 -38.82
C ARG A 659 1.10 31.94 -37.37
N VAL A 660 1.92 31.17 -36.65
CA VAL A 660 1.65 30.87 -35.25
C VAL A 660 1.62 32.15 -34.42
N GLY A 661 2.62 33.01 -34.63
CA GLY A 661 2.63 34.29 -33.94
C GLY A 661 1.43 35.14 -34.25
N LEU A 662 0.99 35.13 -35.52
CA LEU A 662 -0.18 35.90 -35.91
C LEU A 662 -1.44 35.42 -35.18
N ILE A 663 -1.66 34.10 -35.17
CA ILE A 663 -2.82 33.54 -34.47
C ILE A 663 -2.79 33.93 -32.99
N HIS A 664 -1.64 33.70 -32.34
CA HIS A 664 -1.50 34.05 -30.93
C HIS A 664 -1.76 35.53 -30.69
N ASP A 665 -1.12 36.40 -31.48
CA ASP A 665 -1.26 37.84 -31.27
C ASP A 665 -2.68 38.30 -31.54
N VAL A 666 -3.35 37.71 -32.54
CA VAL A 666 -4.72 38.10 -32.87
C VAL A 666 -5.63 37.85 -31.68
N PHE A 667 -5.57 36.66 -31.10
CA PHE A 667 -6.44 36.33 -29.99
C PHE A 667 -6.07 37.12 -28.73
N GLN A 668 -4.78 37.41 -28.54
CA GLN A 668 -4.38 38.26 -27.42
C GLN A 668 -4.93 39.67 -27.57
N LEU A 669 -4.92 40.21 -28.80
CA LEU A 669 -5.46 41.55 -29.02
C LEU A 669 -6.98 41.57 -28.92
N VAL A 670 -7.64 40.46 -29.26
CA VAL A 670 -9.08 40.38 -29.07
C VAL A 670 -9.43 40.51 -27.60
N GLY A 671 -8.68 39.82 -26.73
CA GLY A 671 -8.83 40.03 -25.30
C GLY A 671 -8.43 41.43 -24.87
N ALA A 672 -7.49 42.04 -25.58
CA ALA A 672 -6.97 43.34 -25.21
C ALA A 672 -7.85 44.50 -25.67
N GLY A 673 -8.88 44.21 -26.46
CA GLY A 673 -9.79 45.25 -26.92
C GLY A 673 -9.35 45.98 -28.17
N ARG A 674 -8.22 45.61 -28.78
CA ARG A 674 -7.78 46.23 -30.01
C ARG A 674 -8.35 45.54 -31.24
N LEU A 675 -9.05 44.43 -31.07
CA LEU A 675 -9.69 43.71 -32.16
C LEU A 675 -10.96 43.05 -31.63
N THR A 676 -11.89 42.81 -32.54
CA THR A 676 -13.14 42.13 -32.19
C THR A 676 -13.00 40.64 -32.47
N LEU A 677 -13.76 39.83 -31.72
CA LEU A 677 -13.59 38.38 -31.78
C LEU A 677 -13.92 37.81 -33.15
N ASP A 678 -14.86 38.43 -33.88
CA ASP A 678 -15.19 37.94 -35.22
C ASP A 678 -13.99 38.01 -36.15
N LYS A 679 -13.09 38.97 -35.93
CA LYS A 679 -11.87 39.04 -36.73
C LYS A 679 -11.02 37.79 -36.52
N ALA A 680 -10.82 37.40 -35.26
CA ALA A 680 -10.04 36.20 -34.96
C ALA A 680 -10.72 34.95 -35.52
N LEU A 681 -12.04 34.84 -35.32
CA LEU A 681 -12.76 33.68 -35.81
C LEU A 681 -12.76 33.61 -37.33
N ASP A 682 -12.76 34.75 -38.01
CA ASP A 682 -12.63 34.75 -39.46
C ASP A 682 -11.24 34.32 -39.90
N MET A 683 -10.20 34.64 -39.11
CA MET A 683 -8.86 34.17 -39.42
C MET A 683 -8.78 32.64 -39.36
N THR A 684 -9.45 32.03 -38.38
CA THR A 684 -9.44 30.58 -38.22
C THR A 684 -10.13 29.84 -39.38
N TYR A 685 -10.59 30.55 -40.41
CA TYR A 685 -11.14 29.89 -41.58
C TYR A 685 -10.05 29.18 -42.38
N TYR A 686 -8.88 29.82 -42.53
CA TYR A 686 -7.80 29.27 -43.35
C TYR A 686 -7.22 27.98 -42.77
N LEU A 687 -7.58 27.63 -41.52
CA LEU A 687 -7.06 26.41 -40.91
C LEU A 687 -7.46 25.15 -41.66
N GLN A 688 -8.53 25.21 -42.47
CA GLN A 688 -8.85 24.08 -43.34
C GLN A 688 -7.78 23.86 -44.40
N HIS A 689 -7.00 24.88 -44.74
CA HIS A 689 -5.95 24.75 -45.74
C HIS A 689 -4.57 24.58 -45.11
N GLU A 690 -4.47 24.67 -43.79
CA GLU A 690 -3.19 24.59 -43.10
C GLU A 690 -2.71 23.15 -42.99
N THR A 691 -1.45 22.93 -43.33
CA THR A 691 -0.79 21.63 -43.17
C THR A 691 0.26 21.63 -42.08
N SER A 692 0.82 22.79 -41.75
CA SER A 692 1.82 22.88 -40.69
C SER A 692 1.16 22.57 -39.34
N SER A 693 1.60 21.49 -38.71
CA SER A 693 0.98 21.05 -37.46
C SER A 693 0.98 22.10 -36.37
N PRO A 694 2.06 22.84 -36.09
CA PRO A 694 1.99 23.83 -34.99
C PRO A 694 0.87 24.84 -35.14
N ALA A 695 0.72 25.44 -36.33
CA ALA A 695 -0.33 26.45 -36.52
C ALA A 695 -1.71 25.84 -36.40
N LEU A 696 -1.91 24.64 -36.97
CA LEU A 696 -3.19 23.97 -36.88
C LEU A 696 -3.56 23.69 -35.42
N LEU A 697 -2.60 23.17 -34.65
CA LEU A 697 -2.87 22.87 -33.25
C LEU A 697 -3.08 24.13 -32.43
N GLU A 698 -2.45 25.25 -32.82
CA GLU A 698 -2.68 26.51 -32.13
C GLU A 698 -4.12 26.98 -32.28
N GLY A 699 -4.60 27.08 -33.52
CA GLY A 699 -5.98 27.49 -33.75
C GLY A 699 -6.98 26.54 -33.12
N LEU A 700 -6.75 25.23 -33.26
CA LEU A 700 -7.66 24.26 -32.66
C LEU A 700 -7.69 24.38 -31.14
N SER A 701 -6.53 24.65 -30.52
CA SER A 701 -6.49 24.82 -29.08
C SER A 701 -7.31 26.03 -28.64
N TYR A 702 -7.28 27.11 -29.42
CA TYR A 702 -8.09 28.28 -29.09
C TYR A 702 -9.57 27.96 -29.20
N LEU A 703 -9.98 27.26 -30.26
CA LEU A 703 -11.38 26.89 -30.40
C LEU A 703 -11.81 25.88 -29.36
N GLU A 704 -10.93 24.94 -29.01
CA GLU A 704 -11.25 23.97 -27.97
C GLU A 704 -11.35 24.63 -26.60
N SER A 705 -10.48 25.61 -26.33
CA SER A 705 -10.58 26.38 -25.10
C SER A 705 -11.91 27.12 -25.02
N PHE A 706 -12.36 27.66 -26.16
CA PHE A 706 -13.67 28.32 -26.20
C PHE A 706 -14.79 27.34 -25.87
N TYR A 707 -14.73 26.14 -26.44
CA TYR A 707 -15.75 25.13 -26.16
C TYR A 707 -15.77 24.76 -24.68
N HIS A 708 -14.60 24.50 -24.10
CA HIS A 708 -14.55 24.09 -22.71
C HIS A 708 -14.90 25.25 -21.78
N MET A 709 -14.63 26.48 -22.20
CA MET A 709 -15.07 27.64 -21.43
C MET A 709 -16.59 27.74 -21.41
N MET A 710 -17.24 27.44 -22.53
CA MET A 710 -18.70 27.43 -22.56
C MET A 710 -19.26 26.23 -21.79
N ASP A 711 -18.61 25.07 -21.90
CA ASP A 711 -19.13 23.87 -21.26
C ASP A 711 -18.99 23.93 -19.75
N ARG A 712 -17.96 24.62 -19.24
CA ARG A 712 -17.82 24.79 -17.80
C ARG A 712 -18.99 25.56 -17.21
N ARG A 713 -19.62 26.43 -18.01
CA ARG A 713 -20.86 27.08 -17.64
C ARG A 713 -22.02 26.26 -18.18
N ASN A 714 -23.25 26.75 -17.98
CA ASN A 714 -24.43 26.06 -18.48
C ASN A 714 -24.85 26.54 -19.86
N ILE A 715 -23.95 27.20 -20.59
CA ILE A 715 -24.26 27.69 -21.92
C ILE A 715 -24.22 26.52 -22.91
N SER A 716 -25.37 25.88 -23.10
CA SER A 716 -25.42 24.68 -23.93
C SER A 716 -25.50 25.00 -25.42
N ASP A 717 -26.16 26.10 -25.79
CA ASP A 717 -26.33 26.42 -27.21
C ASP A 717 -25.01 26.75 -27.87
N ILE A 718 -24.22 27.63 -27.25
CA ILE A 718 -22.93 28.00 -27.82
C ILE A 718 -21.97 26.81 -27.80
N SER A 719 -22.01 26.02 -26.72
CA SER A 719 -21.15 24.83 -26.66
C SER A 719 -21.51 23.84 -27.76
N GLU A 720 -22.80 23.59 -27.98
CA GLU A 720 -23.21 22.65 -29.02
C GLU A 720 -22.87 23.16 -30.40
N ASN A 721 -23.02 24.47 -30.64
CA ASN A 721 -22.64 25.04 -31.93
C ASN A 721 -21.14 24.95 -32.16
N LEU A 722 -20.34 25.19 -31.11
CA LEU A 722 -18.90 25.06 -31.24
C LEU A 722 -18.50 23.61 -31.52
N LYS A 723 -19.14 22.66 -30.85
CA LYS A 723 -18.91 21.25 -31.15
C LYS A 723 -19.22 20.95 -32.62
N ARG A 724 -20.36 21.42 -33.10
CA ARG A 724 -20.75 21.16 -34.49
C ARG A 724 -19.75 21.76 -35.47
N TYR A 725 -19.33 23.01 -35.21
CA TYR A 725 -18.38 23.66 -36.12
C TYR A 725 -17.05 22.93 -36.13
N LEU A 726 -16.58 22.49 -34.96
CA LEU A 726 -15.29 21.80 -34.90
C LEU A 726 -15.33 20.44 -35.58
N LEU A 727 -16.42 19.70 -35.39
CA LEU A 727 -16.54 18.39 -36.02
C LEU A 727 -16.76 18.50 -37.53
N GLN A 728 -17.39 19.58 -37.98
CA GLN A 728 -17.71 19.75 -39.40
C GLN A 728 -16.56 20.39 -40.18
N TYR A 729 -16.09 21.55 -39.73
CA TYR A 729 -15.05 22.27 -40.46
C TYR A 729 -13.72 21.54 -40.45
N PHE A 730 -13.52 20.57 -39.56
CA PHE A 730 -12.27 19.85 -39.45
C PHE A 730 -12.47 18.35 -39.59
N LYS A 731 -13.51 17.94 -40.31
CA LYS A 731 -13.82 16.53 -40.54
C LYS A 731 -12.78 15.84 -41.43
N PRO A 732 -12.32 16.44 -42.54
CA PRO A 732 -11.31 15.74 -43.36
C PRO A 732 -10.04 15.40 -42.59
N VAL A 733 -9.55 16.33 -41.77
CA VAL A 733 -8.30 16.07 -41.04
C VAL A 733 -8.52 15.04 -39.94
N ILE A 734 -9.71 15.02 -39.34
CA ILE A 734 -10.00 14.03 -38.31
C ILE A 734 -10.12 12.64 -38.91
N ASP A 735 -10.78 12.53 -40.07
CA ASP A 735 -11.03 11.21 -40.64
C ASP A 735 -9.76 10.58 -41.21
N ARG A 736 -8.79 11.38 -41.64
CA ARG A 736 -7.57 10.82 -42.21
C ARG A 736 -6.57 10.39 -41.15
N GLN A 737 -6.92 10.47 -39.87
CA GLN A 737 -6.02 10.08 -38.79
C GLN A 737 -6.17 8.59 -38.52
N SER A 738 -5.04 7.91 -38.35
CA SER A 738 -5.05 6.50 -38.01
C SER A 738 -5.03 6.31 -36.49
N TRP A 739 -5.16 5.06 -36.06
CA TRP A 739 -5.08 4.68 -34.66
C TRP A 739 -3.84 3.81 -34.47
N SER A 740 -2.67 4.43 -34.54
CA SER A 740 -1.40 3.72 -34.47
C SER A 740 -0.33 4.69 -33.97
N ASP A 741 0.92 4.22 -33.98
CA ASP A 741 2.06 5.01 -33.54
C ASP A 741 3.02 5.34 -34.69
N LYS A 742 2.50 5.39 -35.91
CA LYS A 742 3.33 5.60 -37.09
C LYS A 742 3.52 7.09 -37.35
N GLY A 743 4.56 7.40 -38.13
CA GLY A 743 4.84 8.77 -38.52
C GLY A 743 5.91 9.41 -37.65
N SER A 744 6.03 10.72 -37.82
CA SER A 744 7.01 11.52 -37.08
C SER A 744 6.47 11.89 -35.71
N VAL A 745 7.24 12.68 -34.97
CA VAL A 745 6.83 13.06 -33.61
C VAL A 745 5.61 13.98 -33.68
N TRP A 746 5.68 15.02 -34.50
CA TRP A 746 4.53 15.91 -34.64
C TRP A 746 3.35 15.22 -35.31
N ASP A 747 3.63 14.25 -36.19
CA ASP A 747 2.54 13.45 -36.77
C ASP A 747 1.80 12.69 -35.68
N ARG A 748 2.54 12.04 -34.78
CA ARG A 748 1.91 11.30 -33.69
C ARG A 748 1.20 12.24 -32.72
N MET A 749 1.81 13.37 -32.40
CA MET A 749 1.19 14.32 -31.48
C MET A 749 -0.07 14.92 -32.09
N LEU A 750 -0.05 15.17 -33.40
CA LEU A 750 -1.26 15.65 -34.06
C LEU A 750 -2.37 14.60 -34.01
N ARG A 751 -2.02 13.33 -34.23
CA ARG A 751 -3.00 12.26 -34.12
C ARG A 751 -3.62 12.22 -32.73
N SER A 752 -2.78 12.26 -31.68
CA SER A 752 -3.27 12.20 -30.32
C SER A 752 -4.22 13.36 -30.02
N ALA A 753 -3.81 14.58 -30.38
CA ALA A 753 -4.64 15.75 -30.09
C ALA A 753 -5.96 15.69 -30.85
N LEU A 754 -5.92 15.29 -32.12
CA LEU A 754 -7.14 15.26 -32.92
C LEU A 754 -8.11 14.20 -32.42
N LEU A 755 -7.61 13.00 -32.14
CA LEU A 755 -8.48 11.93 -31.66
C LEU A 755 -9.02 12.25 -30.27
N LYS A 756 -8.20 12.86 -29.42
CA LYS A 756 -8.68 13.31 -28.11
C LYS A 756 -9.78 14.35 -28.26
N LEU A 757 -9.59 15.30 -29.18
CA LEU A 757 -10.62 16.30 -29.43
C LEU A 757 -11.91 15.66 -29.92
N ALA A 758 -11.80 14.76 -30.90
CA ALA A 758 -13.00 14.13 -31.46
C ALA A 758 -13.74 13.31 -30.41
N CYS A 759 -13.01 12.56 -29.59
CA CYS A 759 -13.65 11.75 -28.56
C CYS A 759 -14.21 12.61 -27.44
N ASP A 760 -13.65 13.80 -27.23
CA ASP A 760 -14.20 14.70 -26.23
C ASP A 760 -15.56 15.26 -26.67
N LEU A 761 -15.78 15.37 -27.98
CA LEU A 761 -17.02 15.91 -28.52
C LEU A 761 -18.04 14.82 -28.83
N ASN A 762 -17.84 13.61 -28.29
CA ASN A 762 -18.77 12.49 -28.47
C ASN A 762 -18.97 12.14 -29.95
N HIS A 763 -17.91 12.29 -30.74
CA HIS A 763 -17.97 11.87 -32.14
C HIS A 763 -18.13 10.36 -32.19
N ALA A 764 -19.19 9.89 -32.87
CA ALA A 764 -19.54 8.47 -32.83
C ALA A 764 -18.42 7.56 -33.29
N PRO A 765 -17.72 7.81 -34.41
CA PRO A 765 -16.63 6.89 -34.79
C PRO A 765 -15.52 6.81 -33.76
N CYS A 766 -15.10 7.94 -33.19
CA CYS A 766 -14.07 7.92 -32.15
C CYS A 766 -14.50 7.08 -30.96
N ILE A 767 -15.72 7.30 -30.47
CA ILE A 767 -16.18 6.58 -29.29
C ILE A 767 -16.27 5.08 -29.57
N GLN A 768 -16.78 4.71 -30.74
CA GLN A 768 -16.91 3.30 -31.08
C GLN A 768 -15.54 2.61 -31.16
N LYS A 769 -14.58 3.26 -31.83
CA LYS A 769 -13.25 2.67 -31.96
C LYS A 769 -12.57 2.56 -30.61
N ALA A 770 -12.70 3.58 -29.77
CA ALA A 770 -12.07 3.55 -28.45
C ALA A 770 -12.70 2.49 -27.56
N ALA A 771 -14.03 2.39 -27.58
CA ALA A 771 -14.70 1.35 -26.79
C ALA A 771 -14.34 -0.04 -27.28
N GLU A 772 -14.21 -0.22 -28.58
CA GLU A 772 -13.80 -1.51 -29.13
C GLU A 772 -12.40 -1.88 -28.67
N LEU A 773 -11.46 -0.93 -28.74
CA LEU A 773 -10.09 -1.19 -28.29
C LEU A 773 -10.06 -1.53 -26.81
N PHE A 774 -10.80 -0.78 -25.99
CA PHE A 774 -10.79 -1.03 -24.56
C PHE A 774 -11.42 -2.38 -24.21
N SER A 775 -12.52 -2.72 -24.88
CA SER A 775 -13.16 -4.01 -24.65
C SER A 775 -12.21 -5.14 -25.01
N GLN A 776 -11.55 -5.04 -26.16
CA GLN A 776 -10.59 -6.06 -26.57
C GLN A 776 -9.44 -6.17 -25.56
N TRP A 777 -8.94 -5.03 -25.08
CA TRP A 777 -7.84 -5.05 -24.13
C TRP A 777 -8.25 -5.70 -22.81
N MET A 778 -9.45 -5.38 -22.32
CA MET A 778 -9.88 -5.95 -21.05
C MET A 778 -10.19 -7.44 -21.18
N GLU A 779 -10.81 -7.85 -22.29
CA GLU A 779 -11.12 -9.26 -22.48
C GLU A 779 -9.85 -10.10 -22.63
N SER A 780 -8.83 -9.54 -23.29
CA SER A 780 -7.55 -10.22 -23.40
C SER A 780 -6.73 -10.13 -22.12
N SER A 781 -7.08 -9.21 -21.22
CA SER A 781 -6.38 -8.99 -19.95
C SER A 781 -4.91 -8.67 -20.19
N GLY A 782 -4.69 -7.51 -20.82
CA GLY A 782 -3.37 -7.01 -21.06
C GLY A 782 -2.63 -7.65 -22.22
N LYS A 783 -3.16 -8.71 -22.82
CA LYS A 783 -2.44 -9.41 -23.86
C LYS A 783 -2.47 -8.66 -25.19
N LEU A 784 -3.56 -7.97 -25.49
CA LEU A 784 -3.63 -7.14 -26.69
C LEU A 784 -3.02 -5.77 -26.41
N ASN A 785 -2.38 -5.21 -27.43
CA ASN A 785 -1.62 -3.98 -27.29
C ASN A 785 -2.42 -2.80 -27.84
N ILE A 786 -2.53 -1.75 -27.04
CA ILE A 786 -3.11 -0.48 -27.47
C ILE A 786 -1.96 0.45 -27.85
N PRO A 787 -2.04 1.15 -28.98
CA PRO A 787 -0.97 2.11 -29.32
C PRO A 787 -0.86 3.20 -28.27
N THR A 788 0.39 3.57 -27.96
CA THR A 788 0.65 4.53 -26.90
C THR A 788 0.01 5.88 -27.20
N ASP A 789 0.04 6.30 -28.47
CA ASP A 789 -0.50 7.59 -28.86
C ASP A 789 -1.99 7.69 -28.59
N VAL A 790 -2.69 6.57 -28.56
CA VAL A 790 -4.13 6.53 -28.28
C VAL A 790 -4.42 5.95 -26.91
N LEU A 791 -3.39 5.56 -26.16
CA LEU A 791 -3.58 4.88 -24.88
C LEU A 791 -4.44 5.70 -23.93
N LYS A 792 -4.08 6.97 -23.73
CA LYS A 792 -4.83 7.82 -22.81
C LYS A 792 -6.29 7.98 -23.24
N ILE A 793 -6.53 8.04 -24.55
CA ILE A 793 -7.90 8.19 -25.04
C ILE A 793 -8.70 6.93 -24.76
N VAL A 794 -8.13 5.76 -25.07
CA VAL A 794 -8.85 4.50 -24.86
C VAL A 794 -9.21 4.32 -23.39
N TYR A 795 -8.23 4.52 -22.50
CA TYR A 795 -8.49 4.35 -21.07
C TYR A 795 -9.57 5.31 -20.58
N SER A 796 -9.53 6.57 -21.03
CA SER A 796 -10.55 7.54 -20.61
C SER A 796 -11.94 7.09 -21.00
N VAL A 797 -12.10 6.61 -22.24
CA VAL A 797 -13.40 6.11 -22.68
C VAL A 797 -13.81 4.88 -21.86
N GLY A 798 -12.87 3.98 -21.61
CA GLY A 798 -13.17 2.80 -20.82
C GLY A 798 -13.60 3.11 -19.40
N ALA A 799 -13.13 4.23 -18.84
CA ALA A 799 -13.46 4.59 -17.47
C ALA A 799 -14.90 5.03 -17.30
N GLN A 800 -15.66 5.19 -18.39
CA GLN A 800 -17.04 5.64 -18.30
C GLN A 800 -17.98 4.58 -17.74
N THR A 801 -17.51 3.34 -17.59
CA THR A 801 -18.30 2.26 -17.02
C THR A 801 -17.69 1.83 -15.70
N THR A 802 -18.55 1.50 -14.73
CA THR A 802 -18.06 1.12 -13.41
C THR A 802 -17.15 -0.10 -13.49
N ALA A 803 -17.45 -1.03 -14.38
CA ALA A 803 -16.59 -2.20 -14.57
C ALA A 803 -15.22 -1.80 -15.10
N GLY A 804 -15.19 -0.99 -16.17
CA GLY A 804 -13.92 -0.51 -16.68
C GLY A 804 -13.19 0.39 -15.71
N TRP A 805 -13.94 1.22 -14.97
CA TRP A 805 -13.33 2.10 -13.98
C TRP A 805 -12.60 1.30 -12.90
N ASN A 806 -13.27 0.31 -12.33
CA ASN A 806 -12.64 -0.51 -11.30
C ASN A 806 -11.49 -1.31 -11.87
N TYR A 807 -11.62 -1.82 -13.10
CA TYR A 807 -10.54 -2.56 -13.72
C TYR A 807 -9.33 -1.67 -13.95
N LEU A 808 -9.56 -0.42 -14.35
CA LEU A 808 -8.45 0.51 -14.55
C LEU A 808 -7.76 0.84 -13.24
N LEU A 809 -8.53 1.00 -12.16
CA LEU A 809 -7.93 1.26 -10.86
C LEU A 809 -7.10 0.07 -10.39
N GLU A 810 -7.59 -1.14 -10.62
CA GLU A 810 -6.82 -2.34 -10.24
C GLU A 810 -5.53 -2.43 -11.04
N GLN A 811 -5.61 -2.21 -12.36
CA GLN A 811 -4.41 -2.24 -13.18
C GLN A 811 -3.43 -1.14 -12.77
N TYR A 812 -3.94 0.00 -12.32
CA TYR A 812 -3.08 1.06 -11.80
C TYR A 812 -2.23 0.56 -10.64
N GLU A 813 -2.88 -0.06 -9.65
CA GLU A 813 -2.15 -0.58 -8.50
C GLU A 813 -1.08 -1.58 -8.91
N LEU A 814 -1.36 -2.38 -9.93
CA LEU A 814 -0.48 -3.46 -10.34
C LEU A 814 0.52 -3.05 -11.41
N SER A 815 0.40 -1.87 -11.99
CA SER A 815 1.24 -1.48 -13.12
C SER A 815 2.68 -1.23 -12.68
N MET A 816 3.60 -1.47 -13.62
CA MET A 816 5.02 -1.24 -13.41
C MET A 816 5.57 -0.10 -14.24
N SER A 817 4.73 0.58 -15.02
CA SER A 817 5.12 1.70 -15.86
C SER A 817 4.48 2.96 -15.32
N SER A 818 5.32 3.91 -14.87
CA SER A 818 4.80 5.16 -14.33
C SER A 818 4.01 5.94 -15.37
N ALA A 819 4.40 5.82 -16.65
CA ALA A 819 3.66 6.50 -17.70
C ALA A 819 2.24 5.94 -17.84
N GLU A 820 2.12 4.60 -17.86
CA GLU A 820 0.81 3.99 -17.91
C GLU A 820 -0.02 4.37 -16.69
N GLN A 821 0.61 4.46 -15.53
CA GLN A 821 -0.11 4.87 -14.33
C GLN A 821 -0.65 6.30 -14.47
N ASN A 822 0.17 7.20 -15.04
CA ASN A 822 -0.29 8.58 -15.23
C ASN A 822 -1.48 8.63 -16.19
N LYS A 823 -1.44 7.84 -17.27
CA LYS A 823 -2.56 7.78 -18.19
C LYS A 823 -3.81 7.21 -17.51
N ILE A 824 -3.63 6.13 -16.74
CA ILE A 824 -4.76 5.51 -16.05
C ILE A 824 -5.39 6.48 -15.05
N LEU A 825 -4.54 7.22 -14.32
CA LEU A 825 -5.07 8.16 -13.34
C LEU A 825 -5.87 9.26 -14.01
N TYR A 826 -5.39 9.79 -15.13
CA TYR A 826 -6.18 10.75 -15.89
C TYR A 826 -7.50 10.14 -16.32
N ALA A 827 -7.46 8.94 -16.89
CA ALA A 827 -8.69 8.26 -17.33
C ALA A 827 -9.69 8.16 -16.19
N LEU A 828 -9.25 7.74 -15.01
CA LEU A 828 -10.15 7.66 -13.88
C LEU A 828 -10.71 9.02 -13.49
N SER A 829 -9.92 10.08 -13.68
CA SER A 829 -10.38 11.42 -13.34
C SER A 829 -11.43 11.95 -14.30
N THR A 830 -11.53 11.37 -15.50
CA THR A 830 -12.56 11.77 -16.45
C THR A 830 -13.90 11.08 -16.22
N SER A 831 -14.15 10.58 -15.01
CA SER A 831 -15.42 9.94 -14.71
C SER A 831 -16.48 10.97 -14.37
N LYS A 832 -17.74 10.54 -14.42
CA LYS A 832 -18.87 11.42 -14.17
C LYS A 832 -19.42 11.29 -12.75
N HIS A 833 -19.26 10.13 -12.12
CA HIS A 833 -19.79 9.91 -10.78
C HIS A 833 -19.00 10.73 -9.76
N GLN A 834 -19.72 11.50 -8.95
CA GLN A 834 -19.08 12.30 -7.89
C GLN A 834 -18.30 11.42 -6.93
N GLU A 835 -18.86 10.27 -6.55
CA GLU A 835 -18.20 9.40 -5.58
C GLU A 835 -16.89 8.84 -6.13
N LYS A 836 -16.81 8.59 -7.43
CA LYS A 836 -15.59 8.04 -8.01
C LYS A 836 -14.46 9.07 -7.98
N LEU A 837 -14.78 10.32 -8.32
CA LEU A 837 -13.77 11.38 -8.28
C LEU A 837 -13.35 11.67 -6.85
N LEU A 838 -14.31 11.67 -5.90
CA LEU A 838 -13.97 11.91 -4.51
C LEU A 838 -13.08 10.79 -3.96
N LYS A 839 -13.33 9.55 -4.38
CA LYS A 839 -12.48 8.45 -3.94
C LYS A 839 -11.05 8.62 -4.46
N LEU A 840 -10.91 9.09 -5.70
CA LEU A 840 -9.59 9.35 -6.24
C LEU A 840 -8.86 10.41 -5.42
N ILE A 841 -9.57 11.48 -5.06
CA ILE A 841 -8.97 12.55 -4.25
C ILE A 841 -8.58 12.02 -2.88
N GLU A 842 -9.44 11.20 -2.28
CA GLU A 842 -9.12 10.64 -0.96
C GLU A 842 -7.95 9.67 -1.04
N LEU A 843 -7.89 8.87 -2.10
CA LEU A 843 -6.75 7.97 -2.28
C LEU A 843 -5.45 8.75 -2.43
N GLY A 844 -5.48 9.84 -3.20
CA GLY A 844 -4.31 10.68 -3.33
C GLY A 844 -3.88 11.28 -2.00
N MET A 845 -4.85 11.68 -1.18
CA MET A 845 -4.54 12.22 0.14
C MET A 845 -3.92 11.17 1.05
N GLU A 846 -4.42 9.94 0.99
CA GLU A 846 -3.90 8.87 1.85
C GLU A 846 -2.46 8.53 1.48
N GLY A 847 -2.16 8.41 0.19
CA GLY A 847 -0.81 8.20 -0.26
C GLY A 847 -0.34 6.77 -0.30
N LYS A 848 -1.23 5.80 -0.10
CA LYS A 848 -0.85 4.39 -0.14
C LYS A 848 -0.97 3.83 -1.55
N VAL A 849 -2.15 3.94 -2.16
CA VAL A 849 -2.35 3.45 -3.52
C VAL A 849 -1.89 4.48 -4.54
N ILE A 850 -2.43 5.69 -4.45
CA ILE A 850 -2.04 6.81 -5.30
C ILE A 850 -1.09 7.70 -4.50
N LYS A 851 0.12 7.88 -5.01
CA LYS A 851 1.14 8.62 -4.29
C LYS A 851 0.73 10.08 -4.10
N THR A 852 1.07 10.65 -2.94
CA THR A 852 0.72 12.04 -2.65
C THR A 852 1.37 13.01 -3.62
N GLN A 853 2.51 12.64 -4.23
CA GLN A 853 3.14 13.51 -5.21
C GLN A 853 2.25 13.77 -6.42
N ASN A 854 1.26 12.92 -6.68
CA ASN A 854 0.34 13.09 -7.78
C ASN A 854 -0.89 13.91 -7.41
N LEU A 855 -1.08 14.23 -6.13
CA LEU A 855 -2.30 14.91 -5.70
C LEU A 855 -2.48 16.24 -6.42
N ALA A 856 -1.45 17.08 -6.42
CA ALA A 856 -1.54 18.39 -7.06
C ALA A 856 -2.00 18.28 -8.51
N ALA A 857 -1.51 17.27 -9.23
CA ALA A 857 -1.93 17.08 -10.62
C ALA A 857 -3.35 16.54 -10.70
N LEU A 858 -3.69 15.57 -9.85
CA LEU A 858 -4.99 14.92 -9.91
C LEU A 858 -6.13 15.92 -9.69
N LEU A 859 -6.04 16.70 -8.59
CA LEU A 859 -7.03 17.73 -8.32
C LEU A 859 -7.25 18.64 -9.52
N HIS A 860 -6.17 19.05 -10.18
CA HIS A 860 -6.27 19.91 -11.35
C HIS A 860 -7.10 19.24 -12.45
N ALA A 861 -6.77 17.98 -12.78
CA ALA A 861 -7.49 17.28 -13.84
C ALA A 861 -8.97 17.15 -13.51
N ILE A 862 -9.31 17.03 -12.23
CA ILE A 862 -10.71 16.92 -11.85
C ILE A 862 -11.42 18.28 -11.91
N ALA A 863 -10.73 19.34 -11.47
CA ALA A 863 -11.38 20.65 -11.35
C ALA A 863 -11.70 21.27 -12.70
N ARG A 864 -10.93 20.96 -13.75
CA ARG A 864 -11.20 21.60 -15.04
C ARG A 864 -12.47 21.07 -15.69
N ARG A 865 -12.91 19.90 -15.31
CA ARG A 865 -14.11 19.28 -15.86
C ARG A 865 -15.34 19.75 -15.10
N PRO A 866 -16.50 19.79 -15.76
CA PRO A 866 -17.71 20.31 -15.08
C PRO A 866 -18.11 19.55 -13.83
N LYS A 867 -18.06 18.21 -13.87
CA LYS A 867 -18.52 17.43 -12.73
C LYS A 867 -17.64 17.64 -11.50
N GLY A 868 -16.34 17.80 -11.70
CA GLY A 868 -15.41 17.92 -10.61
C GLY A 868 -15.01 19.33 -10.22
N GLN A 869 -15.54 20.34 -10.91
CA GLN A 869 -15.16 21.73 -10.61
C GLN A 869 -15.53 22.09 -9.18
N GLN A 870 -16.81 21.95 -8.84
CA GLN A 870 -17.25 22.29 -7.48
C GLN A 870 -16.68 21.33 -6.45
N LEU A 871 -16.56 20.05 -6.81
CA LEU A 871 -16.02 19.06 -5.88
C LEU A 871 -14.60 19.41 -5.46
N ALA A 872 -13.74 19.70 -6.44
CA ALA A 872 -12.35 20.03 -6.13
C ALA A 872 -12.26 21.33 -5.34
N TRP A 873 -13.04 22.35 -5.73
CA TRP A 873 -13.03 23.60 -5.01
C TRP A 873 -13.49 23.42 -3.56
N ASP A 874 -14.56 22.65 -3.36
CA ASP A 874 -15.01 22.36 -2.01
C ASP A 874 -13.94 21.63 -1.20
N PHE A 875 -13.32 20.62 -1.80
CA PHE A 875 -12.29 19.85 -1.11
C PHE A 875 -11.15 20.75 -0.65
N VAL A 876 -10.67 21.63 -1.53
CA VAL A 876 -9.55 22.49 -1.17
C VAL A 876 -9.93 23.44 -0.04
N ARG A 877 -11.12 24.02 -0.10
CA ARG A 877 -11.56 24.93 0.95
C ARG A 877 -11.71 24.22 2.29
N GLU A 878 -12.19 22.98 2.28
CA GLU A 878 -12.47 22.29 3.53
C GLU A 878 -11.21 21.70 4.15
N ASN A 879 -10.30 21.17 3.34
CA ASN A 879 -9.16 20.40 3.83
C ASN A 879 -7.84 21.17 3.73
N TRP A 880 -7.90 22.49 3.87
CA TRP A 880 -6.70 23.31 3.71
C TRP A 880 -5.65 22.96 4.75
N THR A 881 -6.07 22.84 6.02
CA THR A 881 -5.12 22.55 7.09
C THR A 881 -4.45 21.20 6.87
N HIS A 882 -5.21 20.21 6.39
CA HIS A 882 -4.63 18.90 6.11
C HIS A 882 -3.62 18.96 4.97
N LEU A 883 -3.84 19.85 3.99
CA LEU A 883 -2.91 19.97 2.88
C LEU A 883 -1.61 20.63 3.31
N LEU A 884 -1.68 21.60 4.22
CA LEU A 884 -0.48 22.27 4.69
C LEU A 884 0.40 21.36 5.54
N LYS A 885 -0.13 20.24 6.02
CA LYS A 885 0.69 19.25 6.71
C LYS A 885 1.53 18.42 5.75
N LYS A 886 1.10 18.31 4.49
CA LYS A 886 1.80 17.48 3.52
C LYS A 886 2.76 18.27 2.64
N PHE A 887 2.48 19.54 2.36
CA PHE A 887 3.35 20.40 1.57
C PHE A 887 3.60 21.69 2.31
N ASP A 888 4.63 22.41 1.89
CA ASP A 888 4.87 23.75 2.43
C ASP A 888 3.95 24.77 1.76
N LEU A 889 3.83 25.93 2.41
CA LEU A 889 3.01 27.00 1.86
C LEU A 889 3.52 27.44 0.50
N GLY A 890 4.80 27.78 0.41
CA GLY A 890 5.40 28.21 -0.83
C GLY A 890 5.76 27.11 -1.80
N SER A 891 5.45 25.86 -1.47
CA SER A 891 5.77 24.74 -2.34
C SER A 891 5.01 24.85 -3.66
N TYR A 892 5.60 24.26 -4.71
CA TYR A 892 4.97 24.27 -6.02
C TYR A 892 3.64 23.51 -6.02
N ASP A 893 3.51 22.52 -5.13
CA ASP A 893 2.28 21.72 -5.10
C ASP A 893 1.11 22.54 -4.61
N ILE A 894 1.29 23.31 -3.54
CA ILE A 894 0.21 24.14 -3.01
C ILE A 894 -0.16 25.23 -4.01
N ARG A 895 0.85 25.85 -4.62
CA ARG A 895 0.58 26.85 -5.65
C ARG A 895 -0.22 26.27 -6.80
N MET A 896 0.14 25.05 -7.24
CA MET A 896 -0.57 24.43 -8.36
C MET A 896 -1.98 24.00 -7.97
N ILE A 897 -2.17 23.58 -6.70
CA ILE A 897 -3.50 23.21 -6.24
C ILE A 897 -4.43 24.42 -6.26
N ILE A 898 -3.98 25.55 -5.70
CA ILE A 898 -4.81 26.75 -5.68
C ILE A 898 -5.15 27.19 -7.10
N SER A 899 -4.13 27.32 -7.95
CA SER A 899 -4.37 27.79 -9.31
C SER A 899 -5.23 26.81 -10.09
N GLY A 900 -4.93 25.52 -9.99
CA GLY A 900 -5.64 24.53 -10.78
C GLY A 900 -7.08 24.29 -10.36
N THR A 901 -7.47 24.77 -9.18
CA THR A 901 -8.84 24.64 -8.71
C THR A 901 -9.62 25.96 -8.73
N THR A 902 -8.94 27.09 -8.93
CA THR A 902 -9.58 28.40 -8.86
C THR A 902 -9.46 29.23 -10.13
N ALA A 903 -8.34 29.12 -10.86
CA ALA A 903 -8.08 30.07 -11.95
C ALA A 903 -9.08 29.92 -13.09
N HIS A 904 -9.66 28.73 -13.27
CA HIS A 904 -10.59 28.53 -14.36
C HIS A 904 -11.96 29.16 -14.10
N PHE A 905 -12.20 29.67 -12.89
CA PHE A 905 -13.48 30.29 -12.58
C PHE A 905 -13.69 31.54 -13.41
N SER A 906 -14.94 31.77 -13.82
CA SER A 906 -15.26 32.88 -14.72
C SER A 906 -16.59 33.53 -14.37
N SER A 907 -16.96 33.54 -13.09
CA SER A 907 -18.21 34.15 -12.66
C SER A 907 -17.95 35.04 -11.44
N LYS A 908 -18.87 35.98 -11.22
CA LYS A 908 -18.72 36.90 -10.08
C LYS A 908 -18.88 36.14 -8.76
N ASP A 909 -19.77 35.15 -8.72
CA ASP A 909 -19.96 34.37 -7.51
C ASP A 909 -18.69 33.64 -7.11
N LYS A 910 -18.07 32.92 -8.06
CA LYS A 910 -16.85 32.20 -7.77
C LYS A 910 -15.70 33.14 -7.44
N LEU A 911 -15.65 34.31 -8.06
CA LEU A 911 -14.62 35.29 -7.72
C LEU A 911 -14.78 35.77 -6.28
N GLN A 912 -16.03 35.99 -5.84
CA GLN A 912 -16.26 36.37 -4.45
C GLN A 912 -15.86 35.24 -3.50
N GLU A 913 -16.22 34.01 -3.83
CA GLU A 913 -15.85 32.87 -3.00
C GLU A 913 -14.33 32.75 -2.88
N VAL A 914 -13.62 32.90 -3.99
CA VAL A 914 -12.17 32.79 -3.97
C VAL A 914 -11.55 33.94 -3.19
N LYS A 915 -12.10 35.15 -3.34
CA LYS A 915 -11.60 36.30 -2.59
C LYS A 915 -11.77 36.08 -1.09
N LEU A 916 -12.93 35.59 -0.66
CA LEU A 916 -13.15 35.33 0.75
C LEU A 916 -12.22 34.22 1.25
N PHE A 917 -11.99 33.20 0.43
CA PHE A 917 -11.09 32.12 0.82
C PHE A 917 -9.67 32.64 1.00
N PHE A 918 -9.19 33.48 0.09
CA PHE A 918 -7.84 34.03 0.22
C PHE A 918 -7.73 34.94 1.43
N GLU A 919 -8.79 35.70 1.72
CA GLU A 919 -8.80 36.52 2.93
C GLU A 919 -8.78 35.66 4.17
N SER A 920 -9.49 34.52 4.14
CA SER A 920 -9.43 33.59 5.25
C SER A 920 -8.03 33.02 5.44
N LEU A 921 -7.33 32.77 4.32
CA LEU A 921 -5.95 32.33 4.42
C LEU A 921 -5.05 33.42 5.00
N GLU A 922 -5.36 34.67 4.74
CA GLU A 922 -4.68 35.77 5.41
C GLU A 922 -5.06 35.76 6.89
N ALA A 923 -4.34 36.58 7.68
CA ALA A 923 -4.61 36.72 9.10
C ALA A 923 -4.33 35.42 9.85
N GLN A 924 -4.01 34.36 9.12
CA GLN A 924 -3.54 33.10 9.68
C GLN A 924 -2.04 32.93 9.54
N GLY A 925 -1.37 33.82 8.80
CA GLY A 925 0.05 33.76 8.57
C GLY A 925 0.45 33.31 7.18
N SER A 926 -0.50 33.09 6.28
CA SER A 926 -0.23 32.54 4.96
C SER A 926 -0.50 33.59 3.89
N HIS A 927 0.56 33.99 3.19
CA HIS A 927 0.48 34.95 2.11
C HIS A 927 1.28 34.45 0.93
N LEU A 928 0.68 34.49 -0.26
CA LEU A 928 1.35 34.08 -1.48
C LEU A 928 0.97 35.02 -2.61
N ASP A 929 1.91 35.24 -3.52
CA ASP A 929 1.63 36.10 -4.67
C ASP A 929 0.61 35.48 -5.62
N ILE A 930 0.50 34.16 -5.63
CA ILE A 930 -0.47 33.48 -6.49
C ILE A 930 -1.90 33.89 -6.16
N PHE A 931 -2.15 34.39 -4.95
CA PHE A 931 -3.49 34.86 -4.59
C PHE A 931 -3.95 35.96 -5.53
N GLN A 932 -3.13 37.01 -5.69
CA GLN A 932 -3.48 38.10 -6.59
C GLN A 932 -3.55 37.63 -8.04
N THR A 933 -2.61 36.77 -8.45
CA THR A 933 -2.58 36.31 -9.84
C THR A 933 -3.85 35.55 -10.20
N VAL A 934 -4.34 34.70 -9.30
CA VAL A 934 -5.57 33.97 -9.56
C VAL A 934 -6.76 34.91 -9.64
N LEU A 935 -6.85 35.84 -8.69
CA LEU A 935 -7.95 36.81 -8.67
C LEU A 935 -8.00 37.60 -9.98
N GLU A 936 -6.87 38.15 -10.40
CA GLU A 936 -6.83 38.92 -11.64
C GLU A 936 -7.21 38.08 -12.84
N THR A 937 -6.79 36.81 -12.86
CA THR A 937 -7.13 35.92 -13.96
C THR A 937 -8.64 35.65 -14.00
N ILE A 938 -9.26 35.42 -12.84
CA ILE A 938 -10.71 35.26 -12.80
C ILE A 938 -11.40 36.52 -13.28
N THR A 939 -10.90 37.69 -12.85
CA THR A 939 -11.41 38.96 -13.34
C THR A 939 -11.25 39.07 -14.84
N LYS A 940 -10.07 38.71 -15.35
CA LYS A 940 -9.83 38.67 -16.79
C LYS A 940 -10.90 37.86 -17.50
N ASN A 941 -11.18 36.66 -16.98
CA ASN A 941 -12.16 35.78 -17.61
C ASN A 941 -13.55 36.40 -17.61
N ILE A 942 -13.94 37.03 -16.51
CA ILE A 942 -15.25 37.67 -16.43
C ILE A 942 -15.37 38.77 -17.49
N LYS A 943 -14.34 39.62 -17.60
CA LYS A 943 -14.37 40.69 -18.58
C LYS A 943 -14.42 40.15 -20.00
N TRP A 944 -13.64 39.11 -20.29
CA TRP A 944 -13.64 38.52 -21.62
C TRP A 944 -15.01 37.97 -21.98
N LEU A 945 -15.71 37.38 -21.01
CA LEU A 945 -17.05 36.85 -21.27
C LEU A 945 -18.03 37.97 -21.59
N GLU A 946 -18.17 38.95 -20.70
CA GLU A 946 -19.16 40.00 -20.90
C GLU A 946 -18.91 40.78 -22.19
N LYS A 947 -17.64 40.93 -22.59
CA LYS A 947 -17.33 41.74 -23.76
C LYS A 947 -17.48 40.96 -25.07
N ASN A 948 -17.33 39.64 -25.04
CA ASN A 948 -17.25 38.87 -26.27
C ASN A 948 -18.21 37.68 -26.34
N LEU A 949 -19.10 37.49 -25.35
CA LEU A 949 -19.99 36.34 -25.39
C LEU A 949 -21.00 36.42 -26.53
N PRO A 950 -21.76 37.52 -26.70
CA PRO A 950 -22.72 37.54 -27.82
C PRO A 950 -22.05 37.48 -29.18
N THR A 951 -20.87 38.08 -29.32
CA THR A 951 -20.14 38.02 -30.59
C THR A 951 -19.88 36.57 -30.99
N LEU A 952 -19.38 35.75 -30.05
CA LEU A 952 -19.17 34.34 -30.34
C LEU A 952 -20.48 33.66 -30.75
N ARG A 953 -21.55 33.92 -30.01
CA ARG A 953 -22.87 33.40 -30.37
C ARG A 953 -23.23 33.79 -31.79
N THR A 954 -23.14 35.08 -32.11
CA THR A 954 -23.51 35.56 -33.44
C THR A 954 -22.65 34.91 -34.52
N TRP A 955 -21.34 34.87 -34.30
CA TRP A 955 -20.45 34.30 -35.31
C TRP A 955 -20.77 32.84 -35.58
N LEU A 956 -21.02 32.06 -34.53
CA LEU A 956 -21.37 30.65 -34.71
C LEU A 956 -22.68 30.51 -35.47
N MET A 957 -23.67 31.34 -35.16
CA MET A 957 -24.93 31.29 -35.88
C MET A 957 -24.75 31.74 -37.33
N VAL A 958 -23.91 32.75 -37.56
CA VAL A 958 -23.62 33.19 -38.93
C VAL A 958 -22.96 32.08 -39.72
N ASN A 959 -22.04 31.35 -39.08
CA ASN A 959 -21.39 30.23 -39.75
C ASN A 959 -22.40 29.15 -40.12
N THR A 960 -23.38 28.91 -39.24
CA THR A 960 -24.43 27.95 -39.54
C THR A 960 -25.21 28.32 -40.80
N ARG A 961 -25.38 29.62 -41.04
CA ARG A 961 -26.14 30.10 -42.19
C ARG A 961 -25.28 30.30 -43.44
N HIS A 962 -23.97 30.42 -43.29
CA HIS A 962 -23.13 30.77 -44.43
C HIS A 962 -22.89 29.58 -45.35
N HIS A 963 -22.92 28.36 -44.81
CA HIS A 963 -22.72 27.14 -45.59
C HIS A 963 -21.40 27.17 -46.38
N PRO B 54 -18.30 -40.12 -17.60
CA PRO B 54 -16.89 -40.22 -17.21
C PRO B 54 -15.95 -40.13 -18.40
N VAL B 55 -16.06 -39.05 -19.16
CA VAL B 55 -15.23 -38.84 -20.34
C VAL B 55 -13.91 -38.23 -19.89
N ALA B 56 -13.50 -37.15 -20.53
CA ALA B 56 -12.28 -36.42 -20.15
C ALA B 56 -12.36 -35.03 -20.74
N THR B 57 -11.30 -34.24 -20.50
CA THR B 57 -11.26 -32.87 -21.01
C THR B 57 -10.96 -32.82 -22.50
N ASN B 58 -10.17 -33.77 -23.01
CA ASN B 58 -9.80 -33.83 -24.42
C ASN B 58 -10.56 -34.90 -25.19
N GLY B 59 -11.73 -35.30 -24.70
CA GLY B 59 -12.42 -36.43 -25.28
C GLY B 59 -11.82 -37.74 -24.80
N GLU B 60 -12.10 -38.81 -25.55
CA GLU B 60 -11.57 -40.14 -25.27
C GLU B 60 -12.12 -40.66 -23.94
N ARG B 61 -11.86 -41.92 -23.61
CA ARG B 61 -12.36 -42.51 -22.38
C ARG B 61 -11.28 -42.45 -21.30
N PHE B 62 -11.72 -42.18 -20.08
CA PHE B 62 -10.84 -42.19 -18.90
C PHE B 62 -10.89 -43.56 -18.24
N PRO B 63 -9.74 -44.19 -17.97
CA PRO B 63 -9.75 -45.49 -17.27
C PRO B 63 -10.00 -45.29 -15.78
N TRP B 64 -10.99 -44.45 -15.49
CA TRP B 64 -11.25 -43.98 -14.13
C TRP B 64 -11.56 -45.11 -13.15
N GLN B 65 -11.15 -44.88 -11.91
CA GLN B 65 -11.59 -45.65 -10.74
C GLN B 65 -12.20 -44.60 -9.82
N GLU B 66 -13.45 -44.81 -9.43
CA GLU B 66 -14.22 -43.73 -8.83
C GLU B 66 -13.60 -43.23 -7.54
N LEU B 67 -13.29 -41.92 -7.53
CA LEU B 67 -12.76 -41.13 -6.41
C LEU B 67 -11.78 -41.83 -5.47
N ARG B 68 -11.59 -43.14 -5.60
CA ARG B 68 -10.57 -43.86 -4.88
C ARG B 68 -9.45 -44.27 -5.83
N LEU B 69 -8.21 -44.12 -5.38
CA LEU B 69 -7.07 -44.50 -6.21
C LEU B 69 -7.00 -46.02 -6.30
N PRO B 70 -6.45 -46.54 -7.39
CA PRO B 70 -6.27 -48.00 -7.49
C PRO B 70 -5.25 -48.49 -6.48
N SER B 71 -5.45 -49.72 -6.02
CA SER B 71 -4.54 -50.35 -5.08
C SER B 71 -3.41 -51.09 -5.78
N VAL B 72 -3.28 -50.92 -7.09
CA VAL B 72 -2.25 -51.63 -7.84
C VAL B 72 -0.88 -50.98 -7.63
N VAL B 73 -0.74 -49.72 -8.04
CA VAL B 73 0.53 -49.02 -7.97
C VAL B 73 0.70 -48.44 -6.57
N ILE B 74 1.72 -48.89 -5.86
CA ILE B 74 1.98 -48.49 -4.48
C ILE B 74 3.26 -47.66 -4.47
N PRO B 75 3.25 -46.44 -3.95
CA PRO B 75 4.47 -45.63 -3.91
C PRO B 75 5.42 -46.07 -2.82
N LEU B 76 6.70 -45.82 -3.07
CA LEU B 76 7.75 -46.13 -2.10
C LEU B 76 8.62 -44.94 -1.76
N HIS B 77 9.02 -44.15 -2.77
CA HIS B 77 9.96 -43.06 -2.55
C HIS B 77 9.67 -41.94 -3.53
N TYR B 78 9.53 -40.73 -3.02
CA TYR B 78 9.35 -39.53 -3.83
C TYR B 78 10.65 -38.73 -3.88
N ASP B 79 11.03 -38.31 -5.08
CA ASP B 79 12.13 -37.35 -5.27
C ASP B 79 11.51 -36.06 -5.78
N LEU B 80 11.41 -35.06 -4.91
CA LEU B 80 10.70 -33.82 -5.22
C LEU B 80 11.69 -32.66 -5.27
N PHE B 81 11.80 -32.04 -6.44
CA PHE B 81 12.61 -30.84 -6.64
C PHE B 81 11.67 -29.68 -6.97
N VAL B 82 11.74 -28.61 -6.19
CA VAL B 82 10.86 -27.46 -6.36
C VAL B 82 11.73 -26.21 -6.56
N HIS B 83 11.37 -25.41 -7.57
CA HIS B 83 12.07 -24.16 -7.88
C HIS B 83 11.06 -23.03 -7.88
N PRO B 84 10.74 -22.47 -6.72
CA PRO B 84 9.84 -21.32 -6.66
C PRO B 84 10.58 -20.01 -6.80
N ASN B 85 9.97 -19.08 -7.52
CA ASN B 85 10.49 -17.73 -7.70
C ASN B 85 9.51 -16.77 -7.03
N LEU B 86 9.97 -16.10 -5.97
CA LEU B 86 9.10 -15.25 -5.17
C LEU B 86 8.90 -13.86 -5.76
N THR B 87 9.44 -13.58 -6.95
CA THR B 87 9.21 -12.32 -7.64
C THR B 87 8.12 -12.45 -8.71
N SER B 88 8.21 -13.47 -9.55
CA SER B 88 7.14 -13.76 -10.50
C SER B 88 5.96 -14.47 -9.88
N LEU B 89 6.08 -14.92 -8.62
CA LEU B 89 5.00 -15.58 -7.89
C LEU B 89 4.51 -16.83 -8.62
N ASP B 90 5.46 -17.68 -9.01
CA ASP B 90 5.15 -18.95 -9.65
C ASP B 90 6.29 -19.92 -9.37
N PHE B 91 6.08 -21.18 -9.74
CA PHE B 91 7.06 -22.22 -9.45
C PHE B 91 7.04 -23.28 -10.54
N VAL B 92 8.22 -23.86 -10.79
CA VAL B 92 8.37 -25.03 -11.64
C VAL B 92 8.97 -26.14 -10.79
N ALA B 93 8.56 -27.38 -11.06
CA ALA B 93 9.02 -28.49 -10.24
C ALA B 93 9.10 -29.77 -11.05
N SER B 94 9.79 -30.75 -10.49
CA SER B 94 9.95 -32.06 -11.10
C SER B 94 9.93 -33.12 -10.01
N GLU B 95 9.51 -34.33 -10.37
CA GLU B 95 9.41 -35.41 -9.39
C GLU B 95 9.74 -36.74 -10.05
N LYS B 96 10.23 -37.67 -9.23
CA LYS B 96 10.48 -39.04 -9.64
C LYS B 96 9.94 -39.97 -8.56
N ILE B 97 8.83 -40.64 -8.86
CA ILE B 97 8.14 -41.50 -7.89
C ILE B 97 8.56 -42.94 -8.13
N GLU B 98 9.15 -43.57 -7.11
CA GLU B 98 9.44 -45.00 -7.15
C GLU B 98 8.16 -45.77 -6.82
N VAL B 99 7.73 -46.64 -7.74
CA VAL B 99 6.45 -47.31 -7.62
C VAL B 99 6.64 -48.81 -7.66
N LEU B 100 5.80 -49.52 -6.91
CA LEU B 100 5.72 -50.98 -6.93
C LEU B 100 4.41 -51.40 -7.59
N VAL B 101 4.50 -52.23 -8.61
CA VAL B 101 3.33 -52.72 -9.33
C VAL B 101 2.93 -54.07 -8.75
N SER B 102 1.69 -54.16 -8.27
CA SER B 102 1.17 -55.40 -7.69
C SER B 102 0.34 -56.22 -8.65
N ASN B 103 -0.34 -55.59 -9.61
CA ASN B 103 -1.15 -56.30 -10.60
C ASN B 103 -0.91 -55.68 -11.97
N ALA B 104 -1.04 -56.51 -13.01
CA ALA B 104 -0.85 -56.03 -14.37
C ALA B 104 -1.92 -55.01 -14.73
N THR B 105 -1.49 -53.83 -15.15
CA THR B 105 -2.39 -52.75 -15.53
C THR B 105 -1.82 -52.01 -16.74
N GLN B 106 -2.71 -51.40 -17.51
CA GLN B 106 -2.33 -50.61 -18.68
C GLN B 106 -2.38 -49.11 -18.42
N PHE B 107 -2.56 -48.68 -17.17
CA PHE B 107 -2.65 -47.26 -16.86
C PHE B 107 -2.38 -47.05 -15.37
N ILE B 108 -1.85 -45.88 -15.04
CA ILE B 108 -1.60 -45.46 -13.68
C ILE B 108 -2.45 -44.23 -13.39
N ILE B 109 -3.03 -44.17 -12.19
CA ILE B 109 -3.90 -43.08 -11.78
C ILE B 109 -3.24 -42.34 -10.62
N LEU B 110 -3.18 -41.01 -10.73
CA LEU B 110 -2.64 -40.17 -9.67
C LEU B 110 -3.53 -38.95 -9.50
N HIS B 111 -3.23 -38.16 -8.48
CA HIS B 111 -3.94 -36.93 -8.19
C HIS B 111 -3.19 -35.74 -8.78
N SER B 112 -3.93 -34.80 -9.35
CA SER B 112 -3.33 -33.56 -9.84
C SER B 112 -4.43 -32.52 -9.96
N LYS B 113 -4.17 -31.32 -9.45
CA LYS B 113 -5.14 -30.24 -9.49
C LYS B 113 -4.42 -28.92 -9.72
N ASP B 114 -4.86 -28.19 -10.74
CA ASP B 114 -4.31 -26.86 -11.06
C ASP B 114 -2.80 -26.93 -11.24
N LEU B 115 -2.33 -28.00 -11.86
CA LEU B 115 -0.92 -28.18 -12.19
C LEU B 115 -0.80 -28.46 -13.67
N GLU B 116 -0.03 -27.65 -14.38
CA GLU B 116 0.24 -27.87 -15.79
C GLU B 116 1.33 -28.93 -15.91
N ILE B 117 0.98 -30.09 -16.46
CA ILE B 117 1.92 -31.19 -16.62
C ILE B 117 2.54 -31.09 -18.01
N THR B 118 3.87 -31.04 -18.06
CA THR B 118 4.61 -30.85 -19.30
C THR B 118 5.29 -32.12 -19.79
N ASN B 119 6.07 -32.77 -18.94
CA ASN B 119 6.80 -33.98 -19.30
C ASN B 119 6.37 -35.12 -18.39
N ALA B 120 6.29 -36.32 -18.96
CA ALA B 120 5.91 -37.51 -18.20
C ALA B 120 6.54 -38.73 -18.84
N THR B 121 7.44 -39.38 -18.10
CA THR B 121 8.15 -40.55 -18.59
C THR B 121 8.05 -41.68 -17.58
N LEU B 122 8.29 -42.90 -18.06
CA LEU B 122 8.31 -44.09 -17.21
C LEU B 122 9.60 -44.85 -17.47
N GLN B 123 10.39 -45.08 -16.42
CA GLN B 123 11.64 -45.80 -16.55
C GLN B 123 11.61 -47.10 -15.75
N TYR B 130 13.29 -50.35 -15.22
CA TYR B 130 14.53 -49.59 -15.35
C TYR B 130 14.97 -49.53 -16.81
N MET B 131 14.00 -49.44 -17.71
CA MET B 131 14.26 -49.37 -19.15
C MET B 131 14.83 -48.01 -19.54
N LYS B 132 16.14 -47.86 -19.47
CA LYS B 132 16.78 -46.60 -19.85
C LYS B 132 16.56 -46.33 -21.33
N PRO B 133 16.26 -45.07 -21.72
CA PRO B 133 16.08 -43.89 -20.87
C PRO B 133 14.63 -43.69 -20.46
N GLY B 134 13.76 -44.57 -20.95
CA GLY B 134 12.34 -44.52 -20.67
C GLY B 134 11.53 -44.05 -21.88
N LYS B 135 10.22 -44.24 -21.76
CA LYS B 135 9.27 -43.91 -22.81
C LYS B 135 8.36 -42.78 -22.37
N GLU B 136 7.80 -42.07 -23.34
CA GLU B 136 6.88 -40.99 -23.06
C GLU B 136 5.49 -41.54 -22.77
N LEU B 137 4.79 -40.89 -21.84
CA LEU B 137 3.46 -41.32 -21.43
C LEU B 137 2.40 -40.30 -21.85
N LYS B 138 1.21 -40.81 -22.15
CA LYS B 138 0.08 -39.96 -22.52
C LYS B 138 -0.73 -39.64 -21.28
N VAL B 139 -1.02 -38.36 -21.07
CA VAL B 139 -1.65 -37.86 -19.85
C VAL B 139 -3.09 -37.49 -20.17
N LEU B 140 -4.03 -38.06 -19.40
CA LEU B 140 -5.44 -37.73 -19.48
C LEU B 140 -5.87 -37.09 -18.17
N SER B 141 -6.60 -35.98 -18.25
CA SER B 141 -7.01 -35.21 -17.09
C SER B 141 -8.50 -35.37 -16.84
N TYR B 142 -8.86 -35.59 -15.57
CA TYR B 142 -10.26 -35.69 -15.14
C TYR B 142 -10.43 -34.83 -13.88
N PRO B 143 -10.78 -33.56 -14.04
CA PRO B 143 -10.89 -32.67 -12.87
C PRO B 143 -12.03 -33.02 -11.93
N ALA B 144 -13.08 -33.71 -12.41
CA ALA B 144 -14.21 -34.04 -11.54
C ALA B 144 -13.75 -34.85 -10.33
N HIS B 145 -12.89 -35.84 -10.55
CA HIS B 145 -12.29 -36.61 -9.47
C HIS B 145 -10.89 -36.13 -9.12
N GLU B 146 -10.44 -35.04 -9.75
CA GLU B 146 -9.11 -34.48 -9.50
C GLU B 146 -8.02 -35.52 -9.73
N GLN B 147 -8.14 -36.27 -10.82
CA GLN B 147 -7.22 -37.36 -11.12
C GLN B 147 -6.62 -37.18 -12.50
N ILE B 148 -5.50 -37.86 -12.73
CA ILE B 148 -4.88 -37.95 -14.05
C ILE B 148 -4.53 -39.41 -14.32
N ALA B 149 -4.49 -39.76 -15.60
CA ALA B 149 -4.21 -41.12 -16.03
C ALA B 149 -2.96 -41.12 -16.92
N LEU B 150 -1.98 -41.92 -16.54
CA LEU B 150 -0.76 -42.11 -17.33
C LEU B 150 -0.91 -43.40 -18.13
N LEU B 151 -0.99 -43.28 -19.45
CA LEU B 151 -1.18 -44.42 -20.33
C LEU B 151 0.19 -45.00 -20.71
N VAL B 152 0.38 -46.28 -20.44
CA VAL B 152 1.64 -46.97 -20.71
C VAL B 152 1.54 -47.70 -22.05
N PRO B 153 2.63 -47.82 -22.80
CA PRO B 153 2.53 -48.53 -24.09
C PRO B 153 2.19 -50.00 -23.94
N GLU B 154 2.70 -50.66 -22.91
CA GLU B 154 2.46 -52.07 -22.68
C GLU B 154 2.13 -52.28 -21.21
N LYS B 155 1.27 -53.26 -20.93
CA LYS B 155 0.89 -53.57 -19.56
C LYS B 155 2.12 -53.86 -18.71
N LEU B 156 2.13 -53.30 -17.50
CA LEU B 156 3.28 -53.44 -16.62
C LEU B 156 3.29 -54.80 -15.95
N THR B 157 4.49 -55.21 -15.54
CA THR B 157 4.75 -56.51 -14.92
C THR B 157 4.59 -56.42 -13.41
N PRO B 158 3.87 -57.34 -12.78
CA PRO B 158 3.77 -57.32 -11.32
C PRO B 158 5.14 -57.47 -10.67
N HIS B 159 5.20 -57.06 -9.41
CA HIS B 159 6.45 -57.07 -8.63
C HIS B 159 7.42 -56.12 -9.37
N LEU B 160 8.73 -56.38 -9.31
CA LEU B 160 9.71 -55.53 -9.97
C LEU B 160 9.62 -54.10 -9.43
N LYS B 161 10.43 -53.19 -9.97
CA LYS B 161 10.33 -51.79 -9.55
C LYS B 161 10.37 -50.89 -10.78
N TYR B 162 9.54 -49.84 -10.77
CA TYR B 162 9.46 -48.89 -11.86
C TYR B 162 9.58 -47.47 -11.32
N TYR B 163 9.83 -46.52 -12.23
CA TYR B 163 10.12 -45.13 -11.88
C TYR B 163 9.26 -44.21 -12.74
N VAL B 164 8.46 -43.37 -12.09
CA VAL B 164 7.58 -42.41 -12.78
C VAL B 164 8.16 -41.01 -12.59
N ALA B 165 8.59 -40.40 -13.70
CA ALA B 165 9.15 -39.05 -13.71
C ALA B 165 8.18 -38.07 -14.35
N MET B 166 8.06 -36.88 -13.77
CA MET B 166 7.14 -35.86 -14.27
C MET B 166 7.71 -34.46 -14.08
N ASP B 167 7.46 -33.60 -15.07
CA ASP B 167 7.79 -32.18 -15.01
C ASP B 167 6.50 -31.38 -15.02
N PHE B 168 6.34 -30.47 -14.06
CA PHE B 168 5.11 -29.70 -13.92
C PHE B 168 5.43 -28.28 -13.45
N GLN B 169 4.43 -27.41 -13.54
CA GLN B 169 4.59 -26.02 -13.13
C GLN B 169 3.20 -25.43 -12.86
N ALA B 170 3.18 -24.37 -12.05
CA ALA B 170 1.95 -23.67 -11.72
C ALA B 170 2.30 -22.34 -11.06
N LYS B 171 1.27 -21.52 -10.87
CA LYS B 171 1.39 -20.27 -10.13
C LYS B 171 1.20 -20.52 -8.63
N LEU B 172 1.80 -19.65 -7.81
CA LEU B 172 1.56 -19.72 -6.38
C LEU B 172 0.11 -19.33 -6.08
N GLY B 173 -0.61 -20.24 -5.44
CA GLY B 173 -1.99 -19.95 -5.05
C GLY B 173 -2.09 -18.77 -4.10
N ASP B 174 -3.28 -18.18 -4.06
CA ASP B 174 -3.56 -17.07 -3.16
C ASP B 174 -4.66 -17.41 -2.15
N GLY B 175 -5.12 -18.65 -2.10
CA GLY B 175 -6.27 -18.99 -1.27
C GLY B 175 -6.04 -19.91 -0.08
N PHE B 176 -5.02 -19.63 0.72
CA PHE B 176 -4.70 -20.36 1.95
C PHE B 176 -4.46 -21.86 1.74
N GLU B 177 -4.30 -22.31 0.49
CA GLU B 177 -4.28 -23.75 0.22
C GLU B 177 -3.17 -24.09 -0.75
N GLY B 178 -2.64 -25.31 -0.61
CA GLY B 178 -1.59 -25.76 -1.50
C GLY B 178 -0.28 -25.04 -1.21
N PHE B 179 0.45 -24.74 -2.28
CA PHE B 179 1.68 -23.95 -2.20
C PHE B 179 1.29 -22.52 -2.51
N TYR B 180 1.09 -21.72 -1.46
CA TYR B 180 0.53 -20.39 -1.59
C TYR B 180 1.48 -19.34 -1.01
N LYS B 181 1.17 -18.08 -1.30
CA LYS B 181 2.02 -16.96 -0.94
C LYS B 181 1.46 -16.22 0.27
N SER B 182 2.37 -15.76 1.14
CA SER B 182 2.00 -15.01 2.34
C SER B 182 2.91 -13.79 2.46
N THR B 183 2.35 -12.72 3.03
CA THR B 183 3.07 -11.46 3.18
C THR B 183 3.00 -11.00 4.62
N TYR B 184 4.06 -10.30 5.06
CA TYR B 184 4.09 -9.71 6.39
C TYR B 184 4.73 -8.33 6.31
N ARG B 185 4.50 -7.55 7.37
CA ARG B 185 4.97 -6.18 7.47
C ARG B 185 6.07 -6.09 8.51
N THR B 186 7.14 -5.36 8.18
CA THR B 186 8.28 -5.19 9.04
C THR B 186 8.08 -3.99 9.97
N LEU B 187 9.07 -3.76 10.85
CA LEU B 187 8.98 -2.66 11.79
C LEU B 187 9.00 -1.31 11.08
N GLY B 188 9.77 -1.19 10.01
CA GLY B 188 9.86 0.06 9.27
C GLY B 188 8.73 0.32 8.31
N GLY B 189 7.91 -0.69 8.01
CA GLY B 189 6.83 -0.57 7.06
C GLY B 189 7.03 -1.35 5.78
N GLU B 190 8.15 -2.04 5.62
CA GLU B 190 8.37 -2.87 4.45
C GLU B 190 7.47 -4.10 4.48
N THR B 191 7.08 -4.58 3.31
CA THR B 191 6.30 -5.80 3.17
C THR B 191 7.14 -6.85 2.46
N ARG B 192 7.20 -8.04 3.04
CA ARG B 192 8.00 -9.14 2.50
C ARG B 192 7.10 -10.31 2.16
N ILE B 193 7.57 -11.15 1.24
CA ILE B 193 6.79 -12.27 0.72
C ILE B 193 7.47 -13.58 1.10
N LEU B 194 6.66 -14.57 1.45
CA LEU B 194 7.14 -15.92 1.72
C LEU B 194 6.17 -16.92 1.07
N ALA B 195 6.64 -18.15 0.91
CA ALA B 195 5.88 -19.23 0.29
C ALA B 195 5.72 -20.37 1.28
N VAL B 196 4.47 -20.83 1.47
CA VAL B 196 4.14 -21.81 2.49
C VAL B 196 3.25 -22.88 1.87
N THR B 197 3.31 -24.09 2.44
CA THR B 197 2.47 -25.20 2.02
C THR B 197 1.44 -25.52 3.10
N ASP B 198 0.25 -25.92 2.67
CA ASP B 198 -0.76 -26.45 3.57
C ASP B 198 -1.58 -27.47 2.80
N PHE B 199 -1.53 -28.73 3.22
CA PHE B 199 -2.02 -29.83 2.41
C PHE B 199 -3.21 -30.59 3.00
N GLU B 200 -3.40 -30.58 4.31
CA GLU B 200 -4.48 -31.37 4.89
C GLU B 200 -5.82 -30.73 4.56
N PRO B 201 -6.79 -31.50 4.04
CA PRO B 201 -6.66 -32.94 3.81
C PRO B 201 -6.23 -33.34 2.41
N THR B 202 -6.77 -32.69 1.38
CA THR B 202 -6.59 -33.10 -0.01
C THR B 202 -6.08 -31.94 -0.86
N GLN B 203 -5.01 -31.29 -0.40
CA GLN B 203 -4.42 -30.17 -1.11
C GLN B 203 -2.96 -30.39 -1.49
N ALA B 204 -2.37 -31.54 -1.15
CA ALA B 204 -1.04 -31.84 -1.64
C ALA B 204 -1.03 -31.98 -3.16
N ARG B 205 -2.17 -32.34 -3.75
CA ARG B 205 -2.27 -32.48 -5.20
C ARG B 205 -2.19 -31.13 -5.90
N MET B 206 -2.36 -30.01 -5.19
CA MET B 206 -2.22 -28.70 -5.79
C MET B 206 -0.77 -28.27 -5.94
N ALA B 207 0.17 -28.98 -5.32
CA ALA B 207 1.58 -28.63 -5.36
C ALA B 207 2.43 -29.59 -6.18
N PHE B 208 2.10 -30.89 -6.14
CA PHE B 208 2.83 -31.89 -6.92
C PHE B 208 1.93 -33.09 -7.09
N PRO B 209 1.90 -33.71 -8.27
CA PRO B 209 1.09 -34.90 -8.45
C PRO B 209 1.58 -36.05 -7.57
N CYS B 210 0.65 -36.69 -6.88
CA CYS B 210 1.00 -37.74 -5.94
C CYS B 210 -0.24 -38.58 -5.65
N PHE B 211 -0.01 -39.71 -5.00
CA PHE B 211 -1.09 -40.53 -4.44
C PHE B 211 -1.53 -39.89 -3.14
N ASP B 212 -2.46 -38.94 -3.25
CA ASP B 212 -2.81 -38.06 -2.13
C ASP B 212 -3.89 -38.70 -1.25
N GLU B 213 -3.53 -39.84 -0.67
CA GLU B 213 -4.35 -40.53 0.31
C GLU B 213 -3.49 -40.96 1.49
N PRO B 214 -4.03 -40.93 2.71
CA PRO B 214 -3.19 -41.18 3.89
C PRO B 214 -2.61 -42.59 3.95
N LEU B 215 -3.14 -43.53 3.17
CA LEU B 215 -2.62 -44.89 3.19
C LEU B 215 -1.34 -45.04 2.38
N PHE B 216 -1.17 -44.25 1.32
CA PHE B 216 -0.03 -44.38 0.42
C PHE B 216 1.20 -43.67 0.99
N LYS B 217 1.68 -44.19 2.13
CA LYS B 217 2.88 -43.65 2.75
C LYS B 217 4.11 -43.98 1.91
N ALA B 218 5.12 -43.11 2.01
CA ALA B 218 6.35 -43.25 1.24
C ALA B 218 7.39 -42.32 1.83
N ASN B 219 8.60 -42.39 1.26
CA ASN B 219 9.69 -41.50 1.63
C ASN B 219 9.70 -40.28 0.71
N PHE B 220 10.33 -39.20 1.19
CA PHE B 220 10.36 -37.94 0.46
C PHE B 220 11.76 -37.35 0.54
N SER B 221 12.37 -37.09 -0.62
CA SER B 221 13.66 -36.42 -0.72
C SER B 221 13.42 -35.07 -1.38
N ILE B 222 13.60 -33.99 -0.63
CA ILE B 222 13.21 -32.65 -1.05
C ILE B 222 14.45 -31.86 -1.44
N LYS B 223 14.37 -31.20 -2.59
CA LYS B 223 15.39 -30.24 -3.03
C LYS B 223 14.68 -28.94 -3.40
N ILE B 224 15.19 -27.82 -2.89
CA ILE B 224 14.58 -26.52 -3.08
C ILE B 224 15.62 -25.56 -3.67
N ARG B 225 15.25 -24.87 -4.74
CA ARG B 225 16.10 -23.86 -5.34
C ARG B 225 15.62 -22.48 -4.90
N ARG B 226 16.54 -21.64 -4.45
CA ARG B 226 16.18 -20.37 -3.82
C ARG B 226 17.29 -19.37 -4.08
N GLU B 227 16.98 -18.10 -3.80
CA GLU B 227 17.95 -17.04 -3.87
C GLU B 227 18.73 -16.94 -2.55
N SER B 228 19.73 -16.08 -2.53
CA SER B 228 20.55 -15.90 -1.34
C SER B 228 19.83 -15.14 -0.24
N ARG B 229 18.82 -14.34 -0.58
CA ARG B 229 18.08 -13.56 0.41
C ARG B 229 17.03 -14.39 1.13
N HIS B 230 16.84 -15.65 0.75
CA HIS B 230 15.83 -16.52 1.34
C HIS B 230 16.47 -17.74 2.00
N ILE B 231 15.75 -18.29 2.97
CA ILE B 231 16.08 -19.58 3.56
C ILE B 231 14.97 -20.56 3.21
N ALA B 232 15.30 -21.85 3.18
CA ALA B 232 14.37 -22.91 2.84
C ALA B 232 14.27 -23.90 3.99
N LEU B 233 13.05 -24.12 4.48
CA LEU B 233 12.78 -25.09 5.52
C LEU B 233 11.89 -26.19 4.97
N SER B 234 12.01 -27.38 5.54
CA SER B 234 11.18 -28.52 5.13
C SER B 234 10.98 -29.43 6.33
N ASN B 235 10.55 -30.67 6.08
CA ASN B 235 10.30 -31.61 7.17
C ASN B 235 11.59 -32.01 7.86
N MET B 236 12.59 -32.41 7.08
CA MET B 236 13.83 -32.93 7.62
C MET B 236 14.90 -31.86 7.63
N PRO B 237 15.94 -32.03 8.44
CA PRO B 237 17.05 -31.04 8.44
C PRO B 237 17.73 -30.97 7.08
N LYS B 238 18.46 -29.88 6.88
CA LYS B 238 19.19 -29.66 5.64
C LYS B 238 20.55 -30.35 5.70
N VAL B 239 20.84 -31.17 4.70
CA VAL B 239 22.08 -31.93 4.67
C VAL B 239 23.21 -31.12 4.06
N LYS B 240 22.95 -30.44 2.94
CA LYS B 240 23.99 -29.72 2.24
C LYS B 240 23.36 -28.65 1.36
N THR B 241 24.11 -27.58 1.12
CA THR B 241 23.74 -26.53 0.19
C THR B 241 24.80 -26.43 -0.89
N ILE B 242 24.38 -26.46 -2.14
CA ILE B 242 25.28 -26.35 -3.29
C ILE B 242 25.01 -25.02 -3.98
N GLU B 243 26.09 -24.32 -4.34
CA GLU B 243 26.00 -23.05 -5.04
C GLU B 243 25.96 -23.31 -6.54
N LEU B 244 25.06 -22.64 -7.23
CA LEU B 244 24.90 -22.82 -8.67
C LEU B 244 25.66 -21.73 -9.42
N GLU B 245 25.90 -21.98 -10.71
CA GLU B 245 26.67 -21.05 -11.52
C GLU B 245 25.99 -19.69 -11.60
N GLY B 246 24.70 -19.68 -11.94
CA GLY B 246 23.97 -18.42 -12.09
C GLY B 246 23.89 -17.57 -10.85
N GLY B 247 24.31 -18.10 -9.70
CA GLY B 247 24.24 -17.38 -8.44
C GLY B 247 23.16 -17.84 -7.50
N LEU B 248 22.27 -18.72 -7.94
CA LEU B 248 21.24 -19.27 -7.07
C LEU B 248 21.83 -20.32 -6.14
N LEU B 249 21.00 -20.79 -5.21
CA LEU B 249 21.40 -21.82 -4.26
C LEU B 249 20.37 -22.94 -4.29
N GLU B 250 20.83 -24.15 -3.92
CA GLU B 250 20.00 -25.34 -3.95
C GLU B 250 20.20 -26.10 -2.65
N ASP B 251 19.13 -26.23 -1.87
CA ASP B 251 19.16 -26.89 -0.57
C ASP B 251 18.66 -28.32 -0.71
N HIS B 252 19.47 -29.27 -0.26
CA HIS B 252 19.10 -30.68 -0.25
C HIS B 252 18.74 -31.10 1.17
N PHE B 253 17.58 -31.74 1.33
CA PHE B 253 17.08 -32.14 2.62
C PHE B 253 17.18 -33.65 2.80
N GLU B 254 17.40 -34.07 4.05
CA GLU B 254 17.45 -35.49 4.39
C GLU B 254 16.14 -36.18 4.00
N THR B 255 16.26 -37.46 3.65
CA THR B 255 15.09 -38.24 3.26
C THR B 255 14.16 -38.41 4.44
N THR B 256 12.85 -38.22 4.21
CA THR B 256 11.86 -38.38 5.24
C THR B 256 11.57 -39.86 5.50
N VAL B 257 11.03 -40.15 6.68
CA VAL B 257 10.58 -41.49 7.03
C VAL B 257 9.25 -41.75 6.33
N LYS B 258 8.66 -42.92 6.57
CA LYS B 258 7.36 -43.23 6.00
C LYS B 258 6.30 -42.30 6.59
N MET B 259 5.54 -41.64 5.71
CA MET B 259 4.52 -40.70 6.14
C MET B 259 3.53 -40.48 5.01
N SER B 260 2.36 -39.97 5.38
CA SER B 260 1.34 -39.67 4.38
C SER B 260 1.72 -38.42 3.59
N THR B 261 1.02 -38.21 2.48
CA THR B 261 1.36 -37.09 1.59
C THR B 261 1.00 -35.75 2.22
N TYR B 262 -0.09 -35.68 2.97
CA TYR B 262 -0.57 -34.41 3.48
C TYR B 262 0.33 -33.80 4.55
N LEU B 263 1.41 -34.46 4.94
CA LEU B 263 2.33 -33.93 5.94
C LEU B 263 3.61 -33.38 5.32
N VAL B 264 3.78 -33.46 4.00
CA VAL B 264 4.94 -32.89 3.35
C VAL B 264 4.85 -31.37 3.39
N ALA B 265 5.96 -30.72 3.70
CA ALA B 265 5.97 -29.27 3.79
C ALA B 265 7.33 -28.73 3.35
N TYR B 266 7.31 -27.54 2.76
CA TYR B 266 8.53 -26.81 2.44
C TYR B 266 8.19 -25.33 2.36
N ILE B 267 9.02 -24.50 2.99
CA ILE B 267 8.76 -23.08 3.12
C ILE B 267 9.98 -22.30 2.66
N VAL B 268 9.75 -21.21 1.92
CA VAL B 268 10.79 -20.28 1.52
C VAL B 268 10.45 -18.91 2.09
N CYS B 269 11.31 -18.40 2.96
CA CYS B 269 11.05 -17.16 3.65
C CYS B 269 12.38 -16.53 4.06
N ASP B 270 12.33 -15.56 4.98
CA ASP B 270 13.51 -14.88 5.49
C ASP B 270 13.38 -14.67 7.00
N PHE B 271 12.88 -15.68 7.69
CA PHE B 271 12.56 -15.56 9.10
C PHE B 271 13.80 -15.77 9.97
N HIS B 272 13.72 -15.28 11.20
CA HIS B 272 14.72 -15.52 12.22
C HIS B 272 14.18 -16.52 13.25
N SER B 273 15.09 -17.24 13.89
CA SER B 273 14.69 -18.34 14.77
C SER B 273 15.49 -18.32 16.06
N LEU B 274 14.88 -18.88 17.11
CA LEU B 274 15.54 -19.16 18.37
C LEU B 274 15.62 -20.68 18.54
N SER B 275 16.78 -21.18 18.93
CA SER B 275 17.02 -22.62 18.97
C SER B 275 17.26 -23.08 20.40
N GLY B 276 16.95 -24.35 20.64
CA GLY B 276 17.18 -25.00 21.91
C GLY B 276 17.22 -26.50 21.72
N PHE B 277 17.60 -27.20 22.77
CA PHE B 277 17.71 -28.66 22.74
C PHE B 277 16.87 -29.27 23.86
N THR B 278 16.20 -30.37 23.54
CA THR B 278 15.41 -31.11 24.51
C THR B 278 16.31 -32.03 25.32
N SER B 279 15.69 -32.81 26.21
CA SER B 279 16.44 -33.82 26.95
C SER B 279 16.99 -34.89 26.02
N SER B 280 16.24 -35.26 24.98
CA SER B 280 16.64 -36.29 24.04
C SER B 280 17.45 -35.73 22.87
N GLY B 281 17.96 -34.51 22.98
CA GLY B 281 18.85 -33.95 21.98
C GLY B 281 18.20 -33.42 20.73
N VAL B 282 16.87 -33.33 20.71
CA VAL B 282 16.16 -32.80 19.53
C VAL B 282 16.32 -31.28 19.51
N LYS B 283 16.70 -30.76 18.35
CA LYS B 283 16.88 -29.31 18.18
C LYS B 283 15.53 -28.69 17.86
N VAL B 284 14.95 -28.02 18.84
CA VAL B 284 13.69 -27.31 18.67
C VAL B 284 13.98 -25.87 18.29
N SER B 285 13.42 -25.41 17.18
CA SER B 285 13.65 -24.06 16.68
C SER B 285 12.30 -23.39 16.42
N ILE B 286 12.15 -22.16 16.89
CA ILE B 286 10.93 -21.37 16.73
C ILE B 286 11.23 -20.28 15.71
N TYR B 287 10.59 -20.36 14.54
CA TYR B 287 10.80 -19.40 13.46
C TYR B 287 9.70 -18.36 13.45
N ALA B 288 10.07 -17.12 13.16
CA ALA B 288 9.11 -16.03 13.08
C ALA B 288 9.76 -14.87 12.32
N SER B 289 8.94 -13.88 11.98
CA SER B 289 9.42 -12.67 11.32
C SER B 289 10.56 -12.05 12.12
N PRO B 290 11.55 -11.44 11.45
CA PRO B 290 12.74 -10.95 12.17
C PRO B 290 12.40 -10.01 13.30
N ASP B 291 11.60 -8.97 13.03
CA ASP B 291 11.24 -8.00 14.06
C ASP B 291 10.37 -8.58 15.16
N LYS B 292 9.99 -9.87 15.07
CA LYS B 292 9.13 -10.53 16.03
C LYS B 292 9.84 -11.62 16.82
N ARG B 293 11.17 -11.68 16.75
CA ARG B 293 11.90 -12.75 17.40
C ARG B 293 11.72 -12.73 18.91
N ASN B 294 11.57 -11.54 19.50
CA ASN B 294 11.38 -11.43 20.95
C ASN B 294 10.10 -12.12 21.43
N GLN B 295 9.16 -12.41 20.53
CA GLN B 295 7.88 -12.98 20.89
C GLN B 295 7.88 -14.51 20.91
N THR B 296 9.03 -15.15 20.71
CA THR B 296 9.10 -16.60 20.58
C THR B 296 9.61 -17.31 21.84
N HIS B 297 10.05 -16.56 22.86
CA HIS B 297 10.72 -17.16 24.00
C HIS B 297 9.86 -18.24 24.67
N TYR B 298 8.67 -17.88 25.13
CA TYR B 298 7.83 -18.84 25.83
C TYR B 298 7.47 -20.02 24.95
N ALA B 299 7.25 -19.79 23.66
CA ALA B 299 6.94 -20.89 22.74
C ALA B 299 8.06 -21.93 22.74
N LEU B 300 9.31 -21.49 22.85
CA LEU B 300 10.42 -22.43 22.91
C LEU B 300 10.39 -23.23 24.22
N GLN B 301 10.24 -22.53 25.35
CA GLN B 301 10.19 -23.19 26.65
C GLN B 301 9.09 -24.26 26.67
N ALA B 302 7.89 -23.89 26.24
CA ALA B 302 6.77 -24.83 26.24
C ALA B 302 7.03 -26.00 25.30
N SER B 303 7.57 -25.71 24.11
CA SER B 303 7.87 -26.77 23.15
C SER B 303 8.86 -27.77 23.73
N LEU B 304 9.91 -27.27 24.40
CA LEU B 304 10.87 -28.13 25.07
C LEU B 304 10.19 -29.05 26.07
N LYS B 305 9.49 -28.47 27.06
CA LYS B 305 8.86 -29.24 28.12
C LYS B 305 7.85 -30.24 27.57
N LEU B 306 6.94 -29.79 26.70
CA LEU B 306 5.89 -30.67 26.22
C LEU B 306 6.45 -31.85 25.43
N LEU B 307 7.49 -31.61 24.63
CA LEU B 307 8.07 -32.69 23.82
C LEU B 307 8.67 -33.78 24.71
N ASP B 308 9.43 -33.41 25.73
CA ASP B 308 10.02 -34.41 26.61
C ASP B 308 8.93 -35.23 27.31
N PHE B 309 7.87 -34.57 27.77
CA PHE B 309 6.77 -35.29 28.41
C PHE B 309 6.12 -36.27 27.45
N TYR B 310 5.85 -35.84 26.22
CA TYR B 310 5.23 -36.73 25.24
C TYR B 310 6.12 -37.94 24.97
N GLU B 311 7.44 -37.75 25.02
CA GLU B 311 8.35 -38.89 24.87
C GLU B 311 8.20 -39.87 26.03
N LYS B 312 8.22 -39.35 27.26
CA LYS B 312 8.10 -40.22 28.44
C LYS B 312 6.73 -40.90 28.48
N TYR B 313 5.65 -40.15 28.25
CA TYR B 313 4.31 -40.72 28.37
C TYR B 313 4.08 -41.80 27.32
N PHE B 314 4.43 -41.53 26.07
CA PHE B 314 4.22 -42.50 25.00
C PHE B 314 5.33 -43.55 24.95
N ASP B 315 6.43 -43.35 25.70
CA ASP B 315 7.58 -44.24 25.73
C ASP B 315 8.24 -44.40 24.37
N ILE B 316 8.01 -43.44 23.47
CA ILE B 316 8.61 -43.45 22.13
C ILE B 316 9.26 -42.10 21.90
N TYR B 317 10.55 -42.12 21.55
CA TYR B 317 11.29 -40.89 21.30
C TYR B 317 10.83 -40.24 20.00
N TYR B 318 10.91 -38.91 19.97
CA TYR B 318 10.70 -38.17 18.73
C TYR B 318 11.79 -38.56 17.75
N PRO B 319 11.45 -39.09 16.57
CA PRO B 319 12.47 -39.73 15.73
C PRO B 319 13.33 -38.77 14.93
N LEU B 320 12.87 -37.56 14.67
CA LEU B 320 13.64 -36.61 13.88
C LEU B 320 14.61 -35.84 14.76
N SER B 321 15.75 -35.45 14.18
CA SER B 321 16.77 -34.75 14.96
C SER B 321 16.37 -33.30 15.25
N LYS B 322 15.52 -32.72 14.42
CA LYS B 322 15.10 -31.33 14.58
C LYS B 322 13.58 -31.24 14.52
N LEU B 323 13.05 -30.24 15.22
CA LEU B 323 11.63 -29.93 15.17
C LEU B 323 11.48 -28.42 15.07
N ASP B 324 10.85 -27.93 14.00
CA ASP B 324 10.72 -26.50 13.75
C ASP B 324 9.27 -26.08 13.92
N LEU B 325 9.07 -24.98 14.64
CA LEU B 325 7.76 -24.36 14.82
C LEU B 325 7.84 -22.97 14.22
N ILE B 326 7.14 -22.75 13.11
CA ILE B 326 7.23 -21.51 12.34
C ILE B 326 5.87 -20.82 12.37
N ALA B 327 5.89 -19.50 12.56
CA ALA B 327 4.68 -18.70 12.66
C ALA B 327 4.41 -18.03 11.32
N ILE B 328 3.42 -18.55 10.60
CA ILE B 328 3.08 -18.07 9.26
C ILE B 328 2.15 -16.87 9.38
N PRO B 329 2.42 -15.76 8.66
CA PRO B 329 1.58 -14.57 8.77
C PRO B 329 0.16 -14.79 8.25
N ASP B 330 0.02 -15.40 7.08
CA ASP B 330 -1.28 -15.74 6.51
C ASP B 330 -1.46 -17.25 6.63
N PHE B 331 -2.27 -17.67 7.61
CA PHE B 331 -2.50 -19.09 7.88
C PHE B 331 -3.94 -19.28 8.30
N ALA B 332 -4.67 -20.12 7.57
CA ALA B 332 -6.09 -20.30 7.86
C ALA B 332 -6.33 -21.12 9.12
N PRO B 333 -5.79 -22.33 9.26
CA PRO B 333 -6.06 -23.11 10.47
C PRO B 333 -5.33 -22.54 11.68
N GLY B 334 -5.70 -23.03 12.85
CA GLY B 334 -4.99 -22.64 14.06
C GLY B 334 -3.53 -23.04 14.05
N ALA B 335 -3.23 -24.19 13.44
CA ALA B 335 -1.88 -24.72 13.28
C ALA B 335 -2.00 -25.99 12.44
N MET B 336 -0.85 -26.50 12.01
CA MET B 336 -0.80 -27.69 11.17
C MET B 336 0.43 -28.51 11.53
N GLU B 337 0.21 -29.82 11.74
CA GLU B 337 1.20 -30.70 12.37
C GLU B 337 2.19 -31.32 11.39
N ASN B 338 2.62 -30.58 10.36
CA ASN B 338 3.62 -31.12 9.44
C ASN B 338 4.85 -31.61 10.19
N TRP B 339 5.23 -32.86 9.91
CA TRP B 339 6.28 -33.53 10.68
C TRP B 339 7.59 -32.77 10.62
N GLY B 340 8.01 -32.20 11.75
CA GLY B 340 9.26 -31.47 11.83
C GLY B 340 9.19 -30.03 11.39
N LEU B 341 8.03 -29.56 10.92
CA LEU B 341 7.84 -28.18 10.49
C LEU B 341 6.39 -27.81 10.76
N ILE B 342 6.10 -27.51 12.03
CA ILE B 342 4.74 -27.23 12.46
C ILE B 342 4.44 -25.76 12.23
N THR B 343 3.49 -25.47 11.35
CA THR B 343 3.12 -24.11 11.01
C THR B 343 2.03 -23.62 11.96
N TYR B 344 2.16 -22.37 12.41
CA TYR B 344 1.25 -21.79 13.38
C TYR B 344 0.70 -20.47 12.87
N ARG B 345 -0.50 -20.13 13.32
CA ARG B 345 -0.92 -18.74 13.31
C ARG B 345 -0.08 -17.93 14.28
N GLU B 346 0.14 -16.66 13.95
CA GLU B 346 0.92 -15.80 14.84
C GLU B 346 0.28 -15.68 16.21
N THR B 347 -1.06 -15.73 16.27
CA THR B 347 -1.77 -15.66 17.54
C THR B 347 -1.74 -16.97 18.32
N SER B 348 -1.27 -18.07 17.71
CA SER B 348 -1.20 -19.35 18.37
C SER B 348 0.21 -19.71 18.87
N LEU B 349 1.21 -18.95 18.48
CA LEU B 349 2.60 -19.27 18.82
C LEU B 349 3.35 -18.12 19.47
N LEU B 350 3.15 -16.89 19.02
CA LEU B 350 3.90 -15.76 19.53
C LEU B 350 3.28 -15.23 20.82
N PHE B 351 4.16 -14.89 21.76
CA PHE B 351 3.73 -14.40 23.07
C PHE B 351 4.55 -13.15 23.43
N ASP B 352 3.85 -12.04 23.65
CA ASP B 352 4.50 -10.79 24.07
C ASP B 352 3.98 -10.42 25.44
N PRO B 353 4.82 -10.42 26.48
CA PRO B 353 4.32 -10.18 27.85
C PRO B 353 3.60 -8.85 28.03
N LYS B 354 3.92 -7.84 27.23
CA LYS B 354 3.33 -6.52 27.42
C LYS B 354 1.88 -6.47 26.97
N THR B 355 1.50 -7.29 25.99
CA THR B 355 0.17 -7.23 25.41
C THR B 355 -0.58 -8.56 25.38
N SER B 356 0.01 -9.64 25.89
CA SER B 356 -0.65 -10.94 25.91
C SER B 356 -1.15 -11.22 27.33
N SER B 357 -2.43 -11.55 27.43
CA SER B 357 -3.04 -11.87 28.72
C SER B 357 -2.73 -13.31 29.12
N ALA B 358 -3.23 -13.69 30.29
CA ALA B 358 -3.03 -15.06 30.77
C ALA B 358 -3.80 -16.06 29.91
N SER B 359 -5.01 -15.70 29.49
CA SER B 359 -5.79 -16.58 28.63
C SER B 359 -5.08 -16.82 27.31
N ASP B 360 -4.40 -15.80 26.77
CA ASP B 360 -3.60 -15.98 25.58
C ASP B 360 -2.48 -16.98 25.81
N LYS B 361 -1.80 -16.87 26.96
CA LYS B 361 -0.78 -17.85 27.32
C LYS B 361 -1.36 -19.26 27.38
N LEU B 362 -2.56 -19.40 27.95
CA LEU B 362 -3.20 -20.71 28.01
C LEU B 362 -3.51 -21.23 26.61
N TRP B 363 -4.01 -20.36 25.71
CA TRP B 363 -4.33 -20.81 24.35
C TRP B 363 -3.07 -21.25 23.61
N VAL B 364 -1.98 -20.50 23.78
CA VAL B 364 -0.72 -20.86 23.11
C VAL B 364 -0.23 -22.21 23.62
N THR B 365 -0.29 -22.42 24.93
CA THR B 365 0.09 -23.72 25.49
C THR B 365 -0.79 -24.84 24.95
N ARG B 366 -2.09 -24.58 24.84
CA ARG B 366 -3.01 -25.57 24.29
C ARG B 366 -2.60 -25.97 22.88
N VAL B 367 -2.35 -24.98 22.01
CA VAL B 367 -2.07 -25.27 20.60
C VAL B 367 -0.73 -25.98 20.45
N ILE B 368 0.27 -25.59 21.25
CA ILE B 368 1.56 -26.25 21.18
C ILE B 368 1.44 -27.70 21.65
N ALA B 369 0.70 -27.93 22.73
CA ALA B 369 0.49 -29.31 23.20
C ALA B 369 -0.28 -30.14 22.19
N HIS B 370 -1.32 -29.54 21.60
CA HIS B 370 -2.10 -30.24 20.58
C HIS B 370 -1.23 -30.64 19.39
N GLU B 371 -0.44 -29.69 18.88
CA GLU B 371 0.36 -29.97 17.69
C GLU B 371 1.49 -30.95 17.99
N LEU B 372 2.07 -30.86 19.19
CA LEU B 372 3.13 -31.81 19.55
C LEU B 372 2.58 -33.21 19.73
N ALA B 373 1.39 -33.34 20.35
CA ALA B 373 0.74 -34.63 20.46
C ALA B 373 0.46 -35.25 19.10
N HIS B 374 0.19 -34.41 18.10
CA HIS B 374 -0.07 -34.90 16.75
C HIS B 374 1.13 -35.65 16.18
N GLN B 375 2.34 -35.35 16.66
CA GLN B 375 3.53 -36.02 16.15
C GLN B 375 3.47 -37.52 16.35
N TRP B 376 2.78 -37.97 17.40
CA TRP B 376 2.51 -39.40 17.61
C TRP B 376 1.14 -39.80 17.07
N PHE B 377 0.08 -39.15 17.55
CA PHE B 377 -1.28 -39.41 17.06
C PHE B 377 -1.51 -38.56 15.82
N GLY B 378 -1.02 -39.07 14.69
CA GLY B 378 -1.19 -38.37 13.43
C GLY B 378 -0.05 -38.60 12.46
N ASN B 379 1.16 -38.21 12.86
CA ASN B 379 2.32 -38.41 12.00
C ASN B 379 2.86 -39.82 12.11
N LEU B 380 3.14 -40.27 13.34
CA LEU B 380 3.64 -41.63 13.55
C LEU B 380 2.56 -42.67 13.24
N VAL B 381 1.39 -42.53 13.86
CA VAL B 381 0.27 -43.43 13.62
C VAL B 381 -0.82 -42.62 12.94
N THR B 382 -1.04 -42.88 11.66
CA THR B 382 -2.03 -42.18 10.86
C THR B 382 -3.24 -43.08 10.61
N MET B 383 -4.39 -42.45 10.41
CA MET B 383 -5.61 -43.20 10.11
C MET B 383 -5.49 -43.89 8.76
N GLU B 384 -6.37 -44.88 8.55
CA GLU B 384 -6.45 -45.52 7.24
C GLU B 384 -7.18 -44.62 6.24
N TRP B 385 -8.31 -44.06 6.63
CA TRP B 385 -9.10 -43.18 5.77
C TRP B 385 -9.74 -42.11 6.64
N TRP B 386 -10.18 -41.03 5.98
CA TRP B 386 -10.72 -39.88 6.68
C TRP B 386 -12.00 -40.18 7.46
N ASN B 387 -12.63 -41.33 7.20
CA ASN B 387 -13.81 -41.71 7.99
C ASN B 387 -13.50 -41.79 9.48
N ASP B 388 -12.28 -42.24 9.82
CA ASP B 388 -11.82 -42.30 11.20
C ASP B 388 -10.86 -41.15 11.53
N ILE B 389 -11.15 -39.95 11.02
CA ILE B 389 -10.30 -38.79 11.26
C ILE B 389 -10.12 -38.54 12.75
N TRP B 390 -11.14 -38.85 13.55
CA TRP B 390 -11.07 -38.60 14.99
C TRP B 390 -9.91 -39.33 15.65
N LEU B 391 -9.44 -40.44 15.03
CA LEU B 391 -8.31 -41.18 15.58
C LEU B 391 -7.10 -40.29 15.80
N ASN B 392 -6.95 -39.25 14.98
CA ASN B 392 -5.92 -38.22 15.16
C ASN B 392 -6.44 -37.07 16.00
N GLU B 393 -7.48 -36.39 15.51
CA GLU B 393 -7.90 -35.12 16.10
C GLU B 393 -8.43 -35.32 17.51
N GLY B 394 -9.38 -36.24 17.69
CA GLY B 394 -9.92 -36.52 19.01
C GLY B 394 -8.84 -36.82 20.02
N PHE B 395 -7.90 -37.71 19.68
CA PHE B 395 -6.80 -38.01 20.59
C PHE B 395 -5.96 -36.77 20.87
N ALA B 396 -5.59 -36.04 19.83
CA ALA B 396 -4.84 -34.80 20.01
C ALA B 396 -5.59 -33.84 20.91
N LYS B 397 -6.89 -33.65 20.67
CA LYS B 397 -7.70 -32.82 21.55
C LYS B 397 -7.67 -33.35 22.98
N TYR B 398 -7.80 -34.67 23.15
CA TYR B 398 -7.73 -35.27 24.48
C TYR B 398 -6.35 -35.08 25.10
N MET B 399 -5.29 -35.26 24.30
CA MET B 399 -3.94 -35.16 24.82
C MET B 399 -3.60 -33.76 25.34
N GLU B 400 -4.33 -32.73 24.90
CA GLU B 400 -4.20 -31.41 25.49
C GLU B 400 -4.34 -31.48 27.00
N LEU B 401 -5.43 -32.08 27.49
CA LEU B 401 -5.66 -32.23 28.92
C LEU B 401 -4.49 -32.93 29.60
N ILE B 402 -4.05 -34.05 29.04
CA ILE B 402 -2.99 -34.84 29.65
C ILE B 402 -1.70 -34.03 29.74
N ALA B 403 -1.30 -33.40 28.63
CA ALA B 403 -0.01 -32.74 28.57
C ALA B 403 0.04 -31.49 29.45
N VAL B 404 -0.91 -30.58 29.26
CA VAL B 404 -0.91 -29.33 30.02
C VAL B 404 -1.00 -29.60 31.51
N ASN B 405 -1.94 -30.45 31.92
CA ASN B 405 -2.11 -30.74 33.35
C ASN B 405 -0.86 -31.36 33.94
N ALA B 406 -0.11 -32.14 33.15
CA ALA B 406 1.13 -32.72 33.65
C ALA B 406 2.27 -31.71 33.65
N THR B 407 2.37 -30.89 32.61
CA THR B 407 3.51 -29.99 32.45
C THR B 407 3.27 -28.60 33.02
N TYR B 408 2.05 -28.08 32.89
CA TYR B 408 1.69 -26.74 33.40
C TYR B 408 0.43 -26.85 34.25
N PRO B 409 0.51 -27.44 35.43
CA PRO B 409 -0.68 -27.49 36.31
C PRO B 409 -1.15 -26.12 36.76
N GLU B 410 -0.28 -25.10 36.74
CA GLU B 410 -0.68 -23.76 37.15
C GLU B 410 -1.68 -23.13 36.18
N LEU B 411 -1.75 -23.62 34.94
CA LEU B 411 -2.71 -23.08 33.98
C LEU B 411 -4.13 -23.55 34.28
N GLN B 412 -4.29 -24.62 35.05
CA GLN B 412 -5.60 -25.10 35.48
C GLN B 412 -6.51 -25.41 34.30
N PHE B 413 -5.95 -26.12 33.32
CA PHE B 413 -6.74 -26.54 32.16
C PHE B 413 -7.69 -27.68 32.50
N ASP B 414 -7.44 -28.40 33.61
CA ASP B 414 -8.33 -29.47 34.01
C ASP B 414 -9.74 -28.95 34.29
N ASP B 415 -9.84 -27.77 34.90
CA ASP B 415 -11.16 -27.17 35.14
C ASP B 415 -11.81 -26.71 33.85
N TYR B 416 -11.01 -26.26 32.88
CA TYR B 416 -11.51 -25.73 31.62
C TYR B 416 -12.02 -26.82 30.68
N PHE B 417 -11.59 -28.08 30.87
CA PHE B 417 -11.91 -29.15 29.94
C PHE B 417 -13.42 -29.36 29.80
N LEU B 418 -14.18 -29.12 30.88
CA LEU B 418 -15.61 -29.38 30.83
C LEU B 418 -16.30 -28.60 29.72
N ASN B 419 -15.81 -27.40 29.41
CA ASN B 419 -16.37 -26.63 28.30
C ASN B 419 -16.23 -27.37 26.98
N VAL B 420 -15.12 -28.10 26.80
CA VAL B 420 -14.90 -28.83 25.56
C VAL B 420 -16.01 -29.84 25.31
N CYS B 421 -16.45 -30.54 26.34
CA CYS B 421 -17.53 -31.50 26.19
C CYS B 421 -18.89 -30.82 26.07
N PHE B 422 -19.10 -29.74 26.84
CA PHE B 422 -20.38 -29.04 26.81
C PHE B 422 -20.64 -28.43 25.44
N GLU B 423 -19.61 -27.98 24.74
CA GLU B 423 -19.80 -27.38 23.42
C GLU B 423 -20.40 -28.37 22.43
N VAL B 424 -19.96 -29.63 22.49
CA VAL B 424 -20.52 -30.64 21.59
C VAL B 424 -21.89 -31.09 22.06
N ILE B 425 -22.09 -31.20 23.38
CA ILE B 425 -23.41 -31.50 23.93
C ILE B 425 -24.45 -30.52 23.40
N THR B 426 -24.03 -29.27 23.16
CA THR B 426 -24.93 -28.29 22.56
C THR B 426 -25.39 -28.74 21.17
N LYS B 427 -24.48 -29.29 20.37
CA LYS B 427 -24.79 -29.69 19.01
C LYS B 427 -25.15 -31.17 18.87
N ASP B 428 -24.88 -31.98 19.89
CA ASP B 428 -25.19 -33.40 19.82
C ASP B 428 -26.62 -33.72 20.26
N SER B 429 -27.25 -32.83 21.02
CA SER B 429 -28.65 -32.97 21.39
C SER B 429 -29.60 -32.60 20.25
N LEU B 430 -29.07 -32.39 19.05
CA LEU B 430 -29.87 -32.07 17.87
C LEU B 430 -29.88 -33.27 16.93
N ASN B 431 -30.88 -33.29 16.04
CA ASN B 431 -31.01 -34.39 15.09
C ASN B 431 -29.98 -34.31 13.96
N SER B 432 -29.43 -33.14 13.70
CA SER B 432 -28.49 -32.95 12.59
C SER B 432 -27.06 -33.37 12.92
N SER B 433 -26.84 -34.09 14.01
CA SER B 433 -25.51 -34.56 14.37
C SER B 433 -25.14 -35.79 13.53
N ARG B 434 -24.04 -36.44 13.90
CA ARG B 434 -23.54 -37.60 13.17
C ARG B 434 -22.70 -38.43 14.13
N PRO B 435 -22.42 -39.69 13.79
CA PRO B 435 -21.45 -40.46 14.57
C PRO B 435 -20.03 -39.99 14.29
N ILE B 436 -19.14 -40.26 15.26
CA ILE B 436 -17.76 -39.81 15.13
C ILE B 436 -17.05 -40.52 13.98
N SER B 437 -17.46 -41.75 13.66
CA SER B 437 -16.88 -42.50 12.55
C SER B 437 -17.93 -42.62 11.46
N LYS B 438 -17.82 -41.78 10.43
CA LYS B 438 -18.73 -41.79 9.30
C LYS B 438 -17.92 -41.69 8.01
N PRO B 439 -18.27 -42.49 7.00
CA PRO B 439 -17.51 -42.45 5.74
C PRO B 439 -17.65 -41.11 5.04
N ALA B 440 -16.65 -40.80 4.21
CA ALA B 440 -16.64 -39.57 3.45
C ALA B 440 -15.85 -39.80 2.17
N GLU B 441 -16.21 -39.06 1.12
CA GLU B 441 -15.60 -39.28 -0.20
C GLU B 441 -15.13 -37.98 -0.84
N THR B 442 -16.07 -37.09 -1.14
CA THR B 442 -15.73 -35.85 -1.82
C THR B 442 -14.83 -34.98 -0.93
N PRO B 443 -13.98 -34.14 -1.53
CA PRO B 443 -13.12 -33.26 -0.72
C PRO B 443 -13.90 -32.38 0.25
N THR B 444 -15.05 -31.85 -0.17
CA THR B 444 -15.89 -31.07 0.74
C THR B 444 -16.31 -31.90 1.95
N GLN B 445 -16.76 -33.13 1.70
CA GLN B 445 -17.16 -34.01 2.80
C GLN B 445 -15.99 -34.31 3.73
N ILE B 446 -14.80 -34.52 3.15
CA ILE B 446 -13.62 -34.80 3.98
C ILE B 446 -13.29 -33.60 4.85
N GLN B 447 -13.47 -32.38 4.31
CA GLN B 447 -13.25 -31.18 5.11
C GLN B 447 -14.30 -31.05 6.20
N GLU B 448 -15.54 -31.46 5.92
CA GLU B 448 -16.61 -31.39 6.91
C GLU B 448 -16.35 -32.32 8.08
N MET B 449 -15.55 -33.37 7.90
CA MET B 449 -15.25 -34.28 9.00
C MET B 449 -14.50 -33.59 10.14
N PHE B 450 -13.88 -32.44 9.87
CA PHE B 450 -13.16 -31.68 10.89
C PHE B 450 -14.16 -30.75 11.59
N ASP B 451 -14.95 -31.34 12.47
CA ASP B 451 -15.97 -30.61 13.22
C ASP B 451 -15.81 -30.91 14.71
N GLU B 452 -16.68 -30.28 15.52
CA GLU B 452 -16.58 -30.44 16.97
C GLU B 452 -16.73 -31.89 17.40
N VAL B 453 -17.43 -32.70 16.60
CA VAL B 453 -17.62 -34.13 16.87
C VAL B 453 -16.26 -34.83 16.90
N SER B 454 -15.60 -34.89 15.73
CA SER B 454 -14.35 -35.64 15.61
C SER B 454 -13.30 -35.18 16.63
N TYR B 455 -13.32 -33.90 16.99
CA TYR B 455 -12.37 -33.37 17.95
C TYR B 455 -12.82 -33.63 19.39
N ASN B 456 -13.81 -32.85 19.84
CA ASN B 456 -14.15 -32.83 21.26
C ASN B 456 -14.87 -34.10 21.69
N LYS B 457 -15.85 -34.55 20.90
CA LYS B 457 -16.60 -35.75 21.28
C LYS B 457 -15.69 -36.97 21.39
N GLY B 458 -14.79 -37.14 20.42
CA GLY B 458 -13.80 -38.20 20.53
C GLY B 458 -12.94 -38.06 21.77
N ALA B 459 -12.54 -36.82 22.08
CA ALA B 459 -11.75 -36.58 23.29
C ALA B 459 -12.55 -36.90 24.55
N CYS B 460 -13.84 -36.56 24.57
CA CYS B 460 -14.64 -36.76 25.77
C CYS B 460 -14.94 -38.24 26.00
N ILE B 461 -15.23 -38.98 24.92
CA ILE B 461 -15.46 -40.42 25.09
C ILE B 461 -14.17 -41.13 25.42
N LEU B 462 -13.03 -40.59 24.99
CA LEU B 462 -11.74 -41.12 25.42
C LEU B 462 -11.54 -40.90 26.91
N ASN B 463 -11.92 -39.72 27.41
CA ASN B 463 -11.83 -39.45 28.84
C ASN B 463 -12.79 -40.33 29.63
N MET B 464 -13.97 -40.60 29.07
CA MET B 464 -14.92 -41.48 29.74
C MET B 464 -14.37 -42.89 29.86
N LEU B 465 -13.80 -43.43 28.78
CA LEU B 465 -13.22 -44.77 28.84
C LEU B 465 -12.00 -44.80 29.75
N LYS B 466 -11.22 -43.71 29.79
CA LYS B 466 -10.08 -43.64 30.69
C LYS B 466 -10.54 -43.69 32.14
N ASP B 467 -11.58 -42.91 32.47
CA ASP B 467 -12.14 -42.97 33.82
C ASP B 467 -12.69 -44.36 34.13
N PHE B 468 -13.17 -45.08 33.12
CA PHE B 468 -13.72 -46.41 33.32
C PHE B 468 -12.62 -47.47 33.45
N LEU B 469 -11.50 -47.29 32.76
CA LEU B 469 -10.44 -48.30 32.71
C LEU B 469 -9.27 -47.99 33.63
N GLY B 470 -9.18 -46.79 34.18
CA GLY B 470 -8.02 -46.47 35.00
C GLY B 470 -6.86 -45.95 34.18
N GLU B 471 -6.09 -45.05 34.80
CA GLU B 471 -5.02 -44.37 34.08
C GLU B 471 -3.93 -45.35 33.64
N GLU B 472 -3.62 -46.34 34.48
CA GLU B 472 -2.55 -47.28 34.14
C GLU B 472 -2.92 -48.13 32.93
N LYS B 473 -4.14 -48.68 32.92
CA LYS B 473 -4.58 -49.48 31.78
C LYS B 473 -4.70 -48.64 30.52
N PHE B 474 -5.20 -47.41 30.64
CA PHE B 474 -5.36 -46.54 29.48
C PHE B 474 -4.00 -46.16 28.90
N GLN B 475 -3.04 -45.79 29.75
CA GLN B 475 -1.71 -45.44 29.28
C GLN B 475 -1.03 -46.64 28.60
N LYS B 476 -1.14 -47.82 29.21
CA LYS B 476 -0.54 -49.01 28.61
C LYS B 476 -1.15 -49.33 27.25
N GLY B 477 -2.48 -49.21 27.14
CA GLY B 477 -3.12 -49.44 25.86
C GLY B 477 -2.68 -48.44 24.81
N ILE B 478 -2.53 -47.17 25.21
CA ILE B 478 -2.06 -46.15 24.28
C ILE B 478 -0.66 -46.49 23.77
N ILE B 479 0.25 -46.84 24.69
CA ILE B 479 1.62 -47.14 24.30
C ILE B 479 1.66 -48.36 23.38
N GLN B 480 0.85 -49.38 23.69
CA GLN B 480 0.81 -50.56 22.83
C GLN B 480 0.26 -50.22 21.45
N TYR B 481 -0.79 -49.38 21.41
CA TYR B 481 -1.36 -48.97 20.13
C TYR B 481 -0.35 -48.19 19.29
N LEU B 482 0.38 -47.27 19.92
CA LEU B 482 1.35 -46.46 19.19
C LEU B 482 2.53 -47.29 18.72
N LYS B 483 3.02 -48.21 19.57
CA LYS B 483 4.16 -49.03 19.19
C LYS B 483 3.78 -50.06 18.13
N LYS B 484 2.54 -50.55 18.15
CA LYS B 484 2.12 -51.56 17.19
C LYS B 484 1.98 -50.98 15.80
N PHE B 485 1.39 -49.79 15.68
CA PHE B 485 1.07 -49.18 14.39
C PHE B 485 2.03 -48.05 14.03
N SER B 486 3.22 -48.02 14.62
CA SER B 486 4.22 -47.02 14.26
C SER B 486 4.55 -47.10 12.78
N TYR B 487 4.60 -45.94 12.12
CA TYR B 487 4.95 -45.85 10.70
C TYR B 487 3.98 -46.64 9.83
N ARG B 488 2.76 -46.83 10.32
CA ARG B 488 1.74 -47.60 9.61
C ARG B 488 0.40 -46.89 9.76
N ASN B 489 -0.67 -47.59 9.43
CA ASN B 489 -2.02 -47.04 9.50
C ASN B 489 -2.90 -47.95 10.34
N ALA B 490 -3.92 -47.34 10.96
CA ALA B 490 -4.87 -48.06 11.80
C ALA B 490 -6.29 -47.65 11.43
N LYS B 491 -7.25 -48.37 12.00
CA LYS B 491 -8.67 -48.09 11.80
C LYS B 491 -9.36 -48.05 13.15
N ASN B 492 -10.68 -47.85 13.13
CA ASN B 492 -11.45 -47.70 14.36
C ASN B 492 -11.33 -48.95 15.23
N ASP B 493 -11.46 -50.14 14.61
CA ASP B 493 -11.37 -51.39 15.36
C ASP B 493 -10.00 -51.55 16.01
N ASP B 494 -8.94 -51.09 15.33
CA ASP B 494 -7.59 -51.28 15.84
C ASP B 494 -7.37 -50.56 17.16
N LEU B 495 -7.87 -49.34 17.29
CA LEU B 495 -7.67 -48.57 18.52
C LEU B 495 -8.30 -49.26 19.72
N TRP B 496 -9.58 -49.63 19.60
CA TRP B 496 -10.28 -50.24 20.73
C TRP B 496 -9.73 -51.63 21.05
N SER B 497 -9.27 -52.36 20.03
CA SER B 497 -8.63 -53.64 20.27
C SER B 497 -7.38 -53.49 21.11
N SER B 498 -6.52 -52.52 20.76
CA SER B 498 -5.30 -52.30 21.51
C SER B 498 -5.58 -51.83 22.94
N LEU B 499 -6.69 -51.10 23.13
CA LEU B 499 -7.05 -50.62 24.45
C LEU B 499 -7.67 -51.74 25.29
N PHE B 527 -18.28 -61.78 17.20
CA PHE B 527 -18.45 -62.38 18.52
C PHE B 527 -17.37 -63.43 18.81
N LEU B 528 -16.23 -63.30 18.15
CA LEU B 528 -15.12 -64.21 18.34
C LEU B 528 -14.45 -63.95 19.70
N GLY B 529 -13.30 -64.59 19.92
CA GLY B 529 -12.55 -64.38 21.15
C GLY B 529 -11.97 -62.99 21.25
N GLU B 530 -12.64 -62.11 22.00
CA GLU B 530 -12.22 -60.73 22.16
C GLU B 530 -12.50 -60.28 23.59
N ASN B 531 -12.13 -59.03 23.90
CA ASN B 531 -12.47 -58.45 25.19
C ASN B 531 -13.97 -58.23 25.31
N ALA B 532 -14.59 -57.82 24.21
CA ALA B 532 -16.04 -57.75 24.04
C ALA B 532 -16.71 -56.65 24.84
N GLU B 533 -16.49 -56.61 26.17
CA GLU B 533 -17.13 -55.58 26.99
C GLU B 533 -16.77 -54.18 26.50
N VAL B 534 -15.48 -53.90 26.36
CA VAL B 534 -15.04 -52.58 25.94
C VAL B 534 -15.49 -52.29 24.51
N LYS B 535 -15.29 -53.25 23.61
CA LYS B 535 -15.62 -53.05 22.21
C LYS B 535 -17.12 -52.83 22.01
N GLU B 536 -17.96 -53.68 22.63
CA GLU B 536 -19.40 -53.49 22.55
C GLU B 536 -19.80 -52.14 23.14
N MET B 537 -19.15 -51.74 24.24
CA MET B 537 -19.48 -50.46 24.87
C MET B 537 -19.19 -49.31 23.91
N MET B 538 -17.99 -49.28 23.33
CA MET B 538 -17.59 -48.19 22.45
C MET B 538 -18.32 -48.23 21.12
N THR B 539 -18.85 -49.38 20.72
CA THR B 539 -19.61 -49.47 19.47
C THR B 539 -20.80 -48.52 19.48
N THR B 540 -21.47 -48.39 20.62
CA THR B 540 -22.61 -47.50 20.71
C THR B 540 -22.20 -46.03 20.72
N TRP B 541 -20.99 -45.73 21.17
CA TRP B 541 -20.56 -44.33 21.24
C TRP B 541 -19.96 -43.82 19.94
N THR B 542 -19.39 -44.70 19.11
CA THR B 542 -18.72 -44.25 17.89
C THR B 542 -19.56 -44.35 16.63
N LEU B 543 -20.49 -45.30 16.55
CA LEU B 543 -21.24 -45.54 15.31
C LEU B 543 -22.66 -44.99 15.33
N GLN B 544 -23.11 -44.42 16.44
CA GLN B 544 -24.43 -43.81 16.51
C GLN B 544 -24.30 -42.41 17.11
N LYS B 545 -25.08 -41.48 16.56
CA LYS B 545 -25.02 -40.08 16.97
C LYS B 545 -25.72 -39.88 18.32
N GLY B 546 -25.82 -38.61 18.74
CA GLY B 546 -26.59 -38.24 19.90
C GLY B 546 -25.89 -38.53 21.23
N ILE B 547 -26.61 -38.18 22.30
CA ILE B 547 -26.14 -38.35 23.67
C ILE B 547 -27.27 -38.94 24.49
N PRO B 548 -27.01 -39.90 25.37
CA PRO B 548 -28.10 -40.53 26.13
C PRO B 548 -28.59 -39.69 27.29
N LEU B 549 -29.86 -39.90 27.63
CA LEU B 549 -30.48 -39.27 28.79
C LEU B 549 -30.78 -40.30 29.87
N LEU B 567 -30.68 -37.58 22.02
CA LEU B 567 -32.08 -37.89 22.27
C LEU B 567 -32.76 -36.76 23.05
N GLN B 568 -32.19 -35.56 22.96
CA GLN B 568 -32.73 -34.41 23.69
C GLN B 568 -33.17 -33.32 22.72
N GLY B 569 -33.12 -32.06 23.15
CA GLY B 569 -33.45 -30.97 22.25
C GLY B 569 -34.92 -30.68 22.01
N VAL B 570 -35.72 -30.61 23.08
CA VAL B 570 -37.14 -30.24 23.03
C VAL B 570 -37.97 -31.45 22.59
N PHE B 571 -38.69 -32.07 23.53
CA PHE B 571 -39.27 -33.38 23.32
C PHE B 571 -40.32 -33.74 24.37
N GLN B 572 -40.64 -35.03 24.48
CA GLN B 572 -41.62 -35.61 25.39
C GLN B 572 -43.07 -35.41 24.93
N GLU B 573 -43.62 -34.22 25.15
CA GLU B 573 -45.00 -34.01 24.73
C GLU B 573 -45.06 -33.51 23.30
N ASP B 574 -43.90 -33.25 22.70
CA ASP B 574 -43.82 -32.99 21.28
C ASP B 574 -44.06 -34.29 20.52
N PRO B 575 -44.67 -34.22 19.34
CA PRO B 575 -45.01 -35.45 18.60
C PRO B 575 -43.81 -36.26 18.14
N GLU B 576 -42.59 -35.71 18.23
CA GLU B 576 -41.42 -36.36 17.66
C GLU B 576 -40.48 -37.03 18.67
N TRP B 577 -40.79 -37.02 19.96
CA TRP B 577 -39.93 -37.79 20.87
C TRP B 577 -40.09 -39.27 20.60
N ARG B 578 -41.31 -39.71 20.31
CA ARG B 578 -41.58 -41.04 19.82
C ARG B 578 -41.32 -41.05 18.32
N ALA B 579 -41.91 -42.00 17.60
CA ALA B 579 -41.93 -42.00 16.14
C ALA B 579 -40.53 -41.92 15.51
N LEU B 580 -39.88 -43.07 15.36
CA LEU B 580 -38.64 -43.22 14.59
C LEU B 580 -37.44 -42.48 15.18
N GLN B 581 -37.50 -42.05 16.44
CA GLN B 581 -36.33 -41.45 17.08
C GLN B 581 -35.94 -42.17 18.37
N GLU B 582 -36.39 -43.40 18.56
CA GLU B 582 -36.18 -44.13 19.80
C GLU B 582 -35.50 -45.47 19.56
N ARG B 583 -34.54 -45.52 18.63
CA ARG B 583 -33.88 -46.77 18.27
C ARG B 583 -32.47 -46.85 18.86
N TYR B 584 -32.08 -45.85 19.64
CA TYR B 584 -30.73 -45.72 20.17
C TYR B 584 -30.60 -46.39 21.53
N LEU B 585 -29.50 -47.12 21.71
CA LEU B 585 -29.19 -47.73 23.00
C LEU B 585 -27.68 -47.67 23.22
N TRP B 586 -27.29 -47.29 24.44
CA TRP B 586 -25.89 -47.10 24.80
C TRP B 586 -25.50 -48.00 25.96
N HIS B 587 -24.26 -48.49 25.93
CA HIS B 587 -23.64 -49.12 27.10
C HIS B 587 -22.96 -48.02 27.90
N ILE B 588 -23.70 -47.48 28.87
CA ILE B 588 -23.26 -46.30 29.61
C ILE B 588 -22.51 -46.76 30.85
N PRO B 589 -21.26 -46.33 31.05
CA PRO B 589 -20.53 -46.61 32.32
C PRO B 589 -20.96 -45.65 33.42
N LEU B 590 -22.08 -45.99 34.06
CA LEU B 590 -22.66 -45.10 35.06
C LEU B 590 -21.78 -44.99 36.30
N THR B 591 -21.72 -43.79 36.87
CA THR B 591 -21.07 -43.52 38.14
C THR B 591 -22.05 -42.77 39.01
N TYR B 592 -22.04 -43.08 40.32
CA TYR B 592 -23.03 -42.50 41.21
C TYR B 592 -22.44 -42.29 42.59
N SER B 593 -22.89 -41.21 43.22
CA SER B 593 -22.56 -40.89 44.61
C SER B 593 -23.84 -40.53 45.34
N THR B 594 -23.77 -40.56 46.67
CA THR B 594 -24.93 -40.28 47.50
C THR B 594 -24.68 -39.00 48.31
N SER B 595 -25.75 -38.45 48.87
CA SER B 595 -25.63 -37.24 49.66
C SER B 595 -24.87 -37.50 50.96
N SER B 596 -24.94 -38.72 51.47
CA SER B 596 -24.29 -39.08 52.73
C SER B 596 -22.89 -39.65 52.51
N SER B 597 -22.76 -40.61 51.60
CA SER B 597 -21.50 -41.30 51.35
C SER B 597 -20.90 -40.82 50.03
N ASN B 598 -19.65 -40.35 50.09
CA ASN B 598 -18.91 -39.90 48.90
C ASN B 598 -18.34 -41.05 48.08
N VAL B 599 -18.50 -42.30 48.52
CA VAL B 599 -17.92 -43.43 47.79
C VAL B 599 -18.58 -43.54 46.42
N ILE B 600 -17.76 -43.63 45.38
CA ILE B 600 -18.26 -43.72 44.02
C ILE B 600 -18.63 -45.16 43.68
N HIS B 601 -19.84 -45.36 43.16
CA HIS B 601 -20.31 -46.67 42.74
C HIS B 601 -20.42 -46.69 41.22
N ARG B 602 -19.96 -47.77 40.61
CA ARG B 602 -19.91 -47.89 39.15
C ARG B 602 -20.72 -49.10 38.68
N HIS B 603 -21.51 -48.89 37.63
CA HIS B 603 -22.33 -49.94 37.03
C HIS B 603 -22.52 -49.63 35.55
N ILE B 604 -22.51 -50.68 34.73
CA ILE B 604 -22.66 -50.56 33.29
C ILE B 604 -24.12 -50.78 32.93
N LEU B 605 -24.75 -49.74 32.37
CA LEU B 605 -26.14 -49.80 31.92
C LEU B 605 -26.18 -50.35 30.50
N LYS B 606 -26.76 -51.53 30.33
CA LYS B 606 -26.83 -52.19 29.03
C LYS B 606 -28.25 -52.33 28.50
N SER B 607 -29.25 -51.93 29.26
CA SER B 607 -30.66 -52.05 28.88
C SER B 607 -31.33 -50.67 28.94
N LYS B 608 -32.63 -50.64 28.62
CA LYS B 608 -33.46 -49.44 28.64
C LYS B 608 -33.13 -48.52 29.82
N THR B 609 -33.81 -48.77 30.93
CA THR B 609 -33.60 -48.06 32.18
C THR B 609 -33.80 -49.06 33.30
N ASP B 610 -33.05 -48.89 34.38
CA ASP B 610 -33.08 -49.85 35.48
C ASP B 610 -32.69 -49.15 36.76
N THR B 611 -32.96 -49.81 37.87
CA THR B 611 -32.57 -49.32 39.20
C THR B 611 -32.03 -50.49 40.01
N LEU B 612 -31.02 -50.22 40.82
CA LEU B 612 -30.40 -51.21 41.67
C LEU B 612 -30.08 -50.60 43.02
N ASP B 613 -29.68 -51.44 43.97
CA ASP B 613 -29.34 -50.98 45.30
C ASP B 613 -28.16 -51.77 45.87
N ASN B 624 -23.31 -39.21 37.85
CA ASN B 624 -22.26 -38.69 36.98
C ASN B 624 -21.30 -37.81 37.78
N VAL B 625 -20.35 -38.44 38.47
CA VAL B 625 -19.40 -37.72 39.30
C VAL B 625 -18.43 -36.96 38.40
N ASP B 626 -18.30 -35.66 38.66
CA ASP B 626 -17.38 -34.77 37.96
C ASP B 626 -17.70 -34.65 36.47
N SER B 627 -18.90 -35.07 36.06
CA SER B 627 -19.34 -35.01 34.66
C SER B 627 -18.39 -35.76 33.73
N ASN B 628 -17.72 -36.79 34.25
CA ASN B 628 -16.78 -37.57 33.46
C ASN B 628 -17.45 -38.43 32.40
N GLY B 629 -18.76 -38.64 32.49
CA GLY B 629 -19.50 -39.42 31.52
C GLY B 629 -20.22 -38.54 30.52
N TYR B 630 -20.30 -39.04 29.28
CA TYR B 630 -20.94 -38.29 28.20
C TYR B 630 -22.44 -38.59 28.18
N TYR B 631 -23.13 -38.03 29.17
CA TYR B 631 -24.58 -38.19 29.30
C TYR B 631 -25.10 -37.15 30.28
N ILE B 632 -26.40 -36.88 30.18
CA ILE B 632 -27.06 -35.95 31.08
C ILE B 632 -27.94 -36.73 32.03
N VAL B 633 -27.34 -37.29 33.08
CA VAL B 633 -28.00 -38.13 34.10
C VAL B 633 -29.17 -38.95 33.58
N TRP B 640 -34.47 -32.67 42.71
CA TRP B 640 -33.93 -31.39 42.29
C TRP B 640 -34.04 -30.36 43.41
N ASP B 641 -35.18 -30.37 44.12
CA ASP B 641 -35.36 -29.46 45.25
C ASP B 641 -34.37 -29.77 46.36
N GLN B 642 -34.16 -31.06 46.65
CA GLN B 642 -33.18 -31.45 47.66
C GLN B 642 -31.78 -30.96 47.32
N LEU B 643 -31.38 -31.10 46.05
CA LEU B 643 -30.04 -30.69 45.65
C LEU B 643 -29.87 -29.17 45.75
N ILE B 644 -30.87 -28.41 45.33
CA ILE B 644 -30.79 -26.95 45.42
C ILE B 644 -30.70 -26.52 46.89
N THR B 645 -31.51 -27.14 47.75
CA THR B 645 -31.44 -26.84 49.18
C THR B 645 -30.08 -27.23 49.75
N GLN B 646 -29.54 -28.37 49.31
CA GLN B 646 -28.20 -28.78 49.73
C GLN B 646 -27.17 -27.71 49.37
N LEU B 647 -27.25 -27.19 48.15
CA LEU B 647 -26.30 -26.17 47.70
C LEU B 647 -26.43 -24.89 48.53
N ASN B 648 -27.66 -24.39 48.68
CA ASN B 648 -27.86 -23.14 49.41
C ASN B 648 -27.41 -23.24 50.86
N GLN B 649 -27.54 -24.42 51.47
CA GLN B 649 -27.10 -24.58 52.85
C GLN B 649 -25.58 -24.72 52.94
N ASN B 650 -25.03 -25.76 52.29
CA ASN B 650 -23.59 -26.02 52.34
C ASN B 650 -23.18 -26.58 50.98
N HIS B 651 -22.88 -25.68 50.05
CA HIS B 651 -22.39 -26.08 48.73
C HIS B 651 -21.11 -26.90 48.82
N THR B 652 -20.34 -26.75 49.90
CA THR B 652 -19.06 -27.44 50.04
C THR B 652 -19.20 -28.95 50.17
N LEU B 653 -20.42 -29.46 50.39
CA LEU B 653 -20.61 -30.91 50.48
C LEU B 653 -20.62 -31.59 49.13
N LEU B 654 -20.81 -30.84 48.04
CA LEU B 654 -20.75 -31.38 46.69
C LEU B 654 -19.43 -30.99 46.03
N ARG B 655 -18.95 -31.87 45.17
CA ARG B 655 -17.70 -31.62 44.46
C ARG B 655 -17.86 -30.44 43.50
N PRO B 656 -16.80 -29.65 43.30
CA PRO B 656 -16.92 -28.49 42.39
C PRO B 656 -17.31 -28.88 40.98
N LYS B 657 -16.66 -29.89 40.40
CA LYS B 657 -17.05 -30.35 39.07
C LYS B 657 -18.47 -30.89 39.06
N ASP B 658 -18.92 -31.49 40.17
CA ASP B 658 -20.31 -31.88 40.28
C ASP B 658 -21.23 -30.66 40.23
N ARG B 659 -20.81 -29.56 40.85
CA ARG B 659 -21.59 -28.33 40.80
C ARG B 659 -21.73 -27.83 39.37
N VAL B 660 -20.63 -27.82 38.63
CA VAL B 660 -20.65 -27.37 37.24
C VAL B 660 -21.58 -28.25 36.41
N GLY B 661 -21.45 -29.57 36.57
CA GLY B 661 -22.34 -30.49 35.87
C GLY B 661 -23.80 -30.28 36.23
N LEU B 662 -24.07 -30.00 37.50
CA LEU B 662 -25.45 -29.77 37.94
C LEU B 662 -26.02 -28.52 37.27
N ILE B 663 -25.28 -27.42 37.28
CA ILE B 663 -25.73 -26.20 36.63
C ILE B 663 -26.00 -26.45 35.15
N HIS B 664 -25.04 -27.08 34.47
CA HIS B 664 -25.21 -27.38 33.04
C HIS B 664 -26.44 -28.24 32.80
N ASP B 665 -26.56 -29.35 33.54
CA ASP B 665 -27.68 -30.27 33.31
C ASP B 665 -29.02 -29.63 33.66
N VAL B 666 -29.06 -28.81 34.70
CA VAL B 666 -30.31 -28.14 35.08
C VAL B 666 -30.79 -27.25 33.95
N PHE B 667 -29.91 -26.41 33.42
CA PHE B 667 -30.29 -25.50 32.34
C PHE B 667 -30.57 -26.25 31.04
N GLN B 668 -29.88 -27.36 30.80
CA GLN B 668 -30.19 -28.19 29.64
C GLN B 668 -31.58 -28.81 29.78
N LEU B 669 -31.96 -29.23 30.98
CA LEU B 669 -33.28 -29.79 31.20
C LEU B 669 -34.37 -28.72 31.14
N VAL B 670 -34.05 -27.49 31.54
CA VAL B 670 -34.99 -26.38 31.37
C VAL B 670 -35.27 -26.15 29.90
N GLY B 671 -34.21 -26.15 29.07
CA GLY B 671 -34.42 -26.12 27.63
C GLY B 671 -35.14 -27.34 27.10
N ALA B 672 -34.97 -28.48 27.77
CA ALA B 672 -35.56 -29.73 27.33
C ALA B 672 -37.01 -29.89 27.76
N GLY B 673 -37.52 -28.99 28.60
CA GLY B 673 -38.90 -29.06 29.05
C GLY B 673 -39.15 -29.95 30.25
N ARG B 674 -38.12 -30.55 30.83
CA ARG B 674 -38.26 -31.39 32.02
C ARG B 674 -38.17 -30.58 33.31
N LEU B 675 -37.88 -29.29 33.23
CA LEU B 675 -37.83 -28.42 34.40
C LEU B 675 -38.28 -27.03 33.98
N THR B 676 -38.76 -26.26 34.96
CA THR B 676 -39.20 -24.90 34.72
C THR B 676 -38.05 -23.93 34.99
N LEU B 677 -38.10 -22.78 34.30
CA LEU B 677 -36.99 -21.83 34.37
C LEU B 677 -36.79 -21.31 35.79
N ASP B 678 -37.86 -21.22 36.58
CA ASP B 678 -37.74 -20.76 37.96
C ASP B 678 -36.82 -21.65 38.78
N LYS B 679 -36.75 -22.94 38.46
CA LYS B 679 -35.83 -23.84 39.14
C LYS B 679 -34.39 -23.43 38.90
N ALA B 680 -34.04 -23.20 37.63
CA ALA B 680 -32.68 -22.78 37.30
C ALA B 680 -32.36 -21.41 37.88
N LEU B 681 -33.28 -20.46 37.76
CA LEU B 681 -33.02 -19.12 38.29
C LEU B 681 -32.91 -19.12 39.80
N ASP B 682 -33.69 -19.96 40.48
CA ASP B 682 -33.51 -20.13 41.93
C ASP B 682 -32.21 -20.86 42.23
N MET B 683 -31.78 -21.74 41.33
CA MET B 683 -30.48 -22.39 41.49
C MET B 683 -29.35 -21.36 41.48
N THR B 684 -29.45 -20.34 40.64
CA THR B 684 -28.42 -19.30 40.57
C THR B 684 -28.32 -18.47 41.84
N TYR B 685 -29.11 -18.77 42.88
CA TYR B 685 -28.94 -18.07 44.15
C TYR B 685 -27.67 -18.49 44.86
N TYR B 686 -27.37 -19.79 44.87
CA TYR B 686 -26.22 -20.29 45.62
C TYR B 686 -24.89 -19.85 45.00
N LEU B 687 -24.91 -19.31 43.78
CA LEU B 687 -23.66 -18.85 43.18
C LEU B 687 -23.05 -17.71 43.98
N GLN B 688 -23.87 -16.95 44.69
CA GLN B 688 -23.34 -16.04 45.69
C GLN B 688 -22.82 -16.88 46.86
N HIS B 689 -21.62 -16.53 47.34
CA HIS B 689 -20.84 -17.19 48.39
C HIS B 689 -19.98 -18.28 47.76
N GLU B 690 -20.11 -18.53 46.45
CA GLU B 690 -19.36 -19.57 45.78
C GLU B 690 -17.94 -19.10 45.53
N THR B 691 -16.97 -19.98 45.81
CA THR B 691 -15.56 -19.68 45.58
C THR B 691 -14.98 -20.42 44.38
N SER B 692 -15.54 -21.56 44.00
CA SER B 692 -15.06 -22.30 42.83
C SER B 692 -15.33 -21.49 41.58
N SER B 693 -14.27 -21.03 40.92
CA SER B 693 -14.42 -20.19 39.73
C SER B 693 -15.20 -20.84 38.59
N PRO B 694 -14.97 -22.10 38.22
CA PRO B 694 -15.73 -22.66 37.08
C PRO B 694 -17.24 -22.60 37.23
N ALA B 695 -17.77 -23.02 38.39
CA ALA B 695 -19.22 -23.02 38.56
C ALA B 695 -19.78 -21.61 38.55
N LEU B 696 -19.11 -20.67 39.21
CA LEU B 696 -19.57 -19.28 39.21
C LEU B 696 -19.60 -18.71 37.80
N LEU B 697 -18.53 -18.93 37.04
CA LEU B 697 -18.46 -18.41 35.67
C LEU B 697 -19.46 -19.11 34.76
N GLU B 698 -19.76 -20.38 35.04
CA GLU B 698 -20.76 -21.09 34.24
C GLU B 698 -22.14 -20.45 34.40
N GLY B 699 -22.59 -20.30 35.64
CA GLY B 699 -23.88 -19.65 35.86
C GLY B 699 -23.92 -18.23 35.35
N LEU B 700 -22.85 -17.46 35.59
CA LEU B 700 -22.79 -16.10 35.08
C LEU B 700 -22.85 -16.06 33.57
N SER B 701 -22.24 -17.05 32.91
CA SER B 701 -22.33 -17.13 31.45
C SER B 701 -23.76 -17.39 31.01
N TYR B 702 -24.50 -18.21 31.76
CA TYR B 702 -25.90 -18.44 31.45
C TYR B 702 -26.72 -17.17 31.63
N LEU B 703 -26.48 -16.43 32.72
CA LEU B 703 -27.19 -15.18 32.94
C LEU B 703 -26.81 -14.14 31.89
N GLU B 704 -25.54 -14.11 31.49
CA GLU B 704 -25.12 -13.18 30.45
C GLU B 704 -25.71 -13.57 29.09
N SER B 705 -25.80 -14.87 28.82
CA SER B 705 -26.46 -15.32 27.60
C SER B 705 -27.92 -14.91 27.58
N PHE B 706 -28.59 -14.99 28.73
CA PHE B 706 -29.98 -14.53 28.82
C PHE B 706 -30.08 -13.04 28.56
N TYR B 707 -29.18 -12.24 29.15
CA TYR B 707 -29.19 -10.80 28.94
C TYR B 707 -28.99 -10.44 27.47
N HIS B 708 -27.99 -11.06 26.84
CA HIS B 708 -27.72 -10.75 25.43
C HIS B 708 -28.81 -11.30 24.52
N MET B 709 -29.49 -12.37 24.95
CA MET B 709 -30.64 -12.86 24.21
C MET B 709 -31.77 -11.85 24.22
N MET B 710 -31.99 -11.19 25.37
CA MET B 710 -33.00 -10.15 25.45
C MET B 710 -32.56 -8.88 24.74
N ASP B 711 -31.27 -8.52 24.85
CA ASP B 711 -30.80 -7.28 24.26
C ASP B 711 -30.77 -7.34 22.74
N ARG B 712 -30.56 -8.53 22.16
CA ARG B 712 -30.63 -8.67 20.71
C ARG B 712 -32.03 -8.38 20.20
N ARG B 713 -33.05 -8.63 21.02
CA ARG B 713 -34.41 -8.24 20.72
C ARG B 713 -34.71 -6.89 21.37
N ASN B 714 -35.95 -6.42 21.20
CA ASN B 714 -36.38 -5.15 21.76
C ASN B 714 -37.02 -5.30 23.14
N ILE B 715 -36.79 -6.43 23.82
CA ILE B 715 -37.37 -6.66 25.15
C ILE B 715 -36.59 -5.86 26.18
N SER B 716 -37.05 -4.63 26.44
CA SER B 716 -36.32 -3.73 27.32
C SER B 716 -36.58 -4.01 28.79
N ASP B 717 -37.78 -4.50 29.14
CA ASP B 717 -38.11 -4.72 30.54
C ASP B 717 -37.25 -5.83 31.14
N ILE B 718 -37.14 -6.97 30.44
CA ILE B 718 -36.33 -8.07 30.95
C ILE B 718 -34.85 -7.68 30.97
N SER B 719 -34.39 -6.95 29.94
CA SER B 719 -33.01 -6.53 29.89
C SER B 719 -32.66 -5.63 31.06
N GLU B 720 -33.53 -4.66 31.37
CA GLU B 720 -33.26 -3.76 32.49
C GLU B 720 -33.31 -4.50 33.83
N ASN B 721 -34.24 -5.44 33.98
CA ASN B 721 -34.31 -6.23 35.20
C ASN B 721 -33.07 -7.10 35.37
N LEU B 722 -32.59 -7.69 34.27
CA LEU B 722 -31.36 -8.47 34.33
C LEU B 722 -30.16 -7.60 34.65
N LYS B 723 -30.11 -6.39 34.08
CA LYS B 723 -29.05 -5.44 34.41
C LYS B 723 -29.04 -5.15 35.90
N ARG B 724 -30.20 -4.86 36.47
CA ARG B 724 -30.29 -4.53 37.89
C ARG B 724 -29.87 -5.71 38.75
N TYR B 725 -30.36 -6.91 38.43
CA TYR B 725 -30.03 -8.09 39.22
C TYR B 725 -28.55 -8.42 39.12
N LEU B 726 -27.98 -8.34 37.91
CA LEU B 726 -26.56 -8.66 37.74
C LEU B 726 -25.67 -7.64 38.43
N LEU B 727 -26.02 -6.36 38.35
CA LEU B 727 -25.22 -5.34 39.03
C LEU B 727 -25.38 -5.42 40.55
N GLN B 728 -26.56 -5.83 41.03
CA GLN B 728 -26.80 -5.91 42.47
C GLN B 728 -26.35 -7.26 43.02
N TYR B 729 -26.90 -8.35 42.50
CA TYR B 729 -26.46 -9.67 42.92
C TYR B 729 -25.07 -9.91 42.34
N PHE B 730 -24.17 -10.43 43.16
CA PHE B 730 -22.75 -10.62 42.82
C PHE B 730 -22.00 -9.29 42.84
N LYS B 731 -22.49 -8.34 43.63
CA LYS B 731 -21.84 -7.04 43.77
C LYS B 731 -20.50 -7.14 44.51
N PRO B 732 -20.41 -7.90 45.62
CA PRO B 732 -19.11 -7.99 46.30
C PRO B 732 -17.98 -8.53 45.42
N VAL B 733 -18.26 -9.54 44.60
CA VAL B 733 -17.20 -10.11 43.76
C VAL B 733 -16.83 -9.13 42.65
N ILE B 734 -17.78 -8.31 42.19
CA ILE B 734 -17.46 -7.30 41.19
C ILE B 734 -16.59 -6.20 41.79
N ASP B 735 -16.90 -5.79 43.03
CA ASP B 735 -16.18 -4.69 43.66
C ASP B 735 -14.78 -5.10 44.10
N ARG B 736 -14.57 -6.39 44.38
CA ARG B 736 -13.29 -6.86 44.89
C ARG B 736 -12.24 -7.05 43.81
N GLN B 737 -12.55 -6.73 42.56
CA GLN B 737 -11.60 -6.89 41.46
C GLN B 737 -10.77 -5.63 41.28
N SER B 738 -9.46 -5.81 41.13
CA SER B 738 -8.54 -4.71 40.83
C SER B 738 -8.36 -4.58 39.32
N TRP B 739 -7.62 -3.54 38.93
CA TRP B 739 -7.28 -3.31 37.53
C TRP B 739 -5.78 -3.51 37.33
N SER B 740 -5.36 -4.78 37.36
CA SER B 740 -3.95 -5.13 37.25
C SER B 740 -3.86 -6.56 36.71
N ASP B 741 -2.64 -7.09 36.66
CA ASP B 741 -2.39 -8.44 36.18
C ASP B 741 -1.88 -9.35 37.30
N LYS B 742 -2.24 -9.05 38.53
CA LYS B 742 -1.75 -9.78 39.69
C LYS B 742 -2.64 -10.99 39.98
N GLY B 743 -2.08 -11.93 40.73
CA GLY B 743 -2.82 -13.12 41.14
C GLY B 743 -2.52 -14.33 40.26
N SER B 744 -3.34 -15.35 40.46
CA SER B 744 -3.19 -16.61 39.74
C SER B 744 -3.85 -16.52 38.37
N VAL B 745 -3.85 -17.64 37.64
CA VAL B 745 -4.42 -17.67 36.31
C VAL B 745 -5.94 -17.50 36.37
N TRP B 746 -6.61 -18.28 37.22
CA TRP B 746 -8.05 -18.16 37.35
C TRP B 746 -8.45 -16.82 37.96
N ASP B 747 -7.59 -16.24 38.80
CA ASP B 747 -7.84 -14.90 39.29
C ASP B 747 -7.88 -13.89 38.16
N ARG B 748 -6.91 -13.97 37.24
CA ARG B 748 -6.86 -13.04 36.12
C ARG B 748 -8.02 -13.25 35.17
N MET B 749 -8.37 -14.50 34.88
CA MET B 749 -9.48 -14.78 33.98
C MET B 749 -10.81 -14.37 34.59
N LEU B 750 -10.97 -14.56 35.90
CA LEU B 750 -12.19 -14.09 36.56
C LEU B 750 -12.28 -12.57 36.54
N ARG B 751 -11.16 -11.89 36.78
CA ARG B 751 -11.13 -10.43 36.69
C ARG B 751 -11.56 -9.94 35.32
N SER B 752 -10.99 -10.53 34.26
CA SER B 752 -11.32 -10.12 32.90
C SER B 752 -12.80 -10.33 32.59
N ALA B 753 -13.32 -11.52 32.91
CA ALA B 753 -14.72 -11.82 32.62
C ALA B 753 -15.67 -10.91 33.41
N LEU B 754 -15.39 -10.71 34.70
CA LEU B 754 -16.27 -9.89 35.52
C LEU B 754 -16.24 -8.43 35.11
N LEU B 755 -15.04 -7.89 34.86
CA LEU B 755 -14.94 -6.49 34.45
C LEU B 755 -15.55 -6.25 33.08
N LYS B 756 -15.40 -7.21 32.16
CA LYS B 756 -16.06 -7.11 30.87
C LYS B 756 -17.58 -7.11 31.02
N LEU B 757 -18.09 -7.97 31.91
CA LEU B 757 -19.53 -7.99 32.18
C LEU B 757 -20.00 -6.67 32.77
N ALA B 758 -19.27 -6.15 33.76
CA ALA B 758 -19.67 -4.89 34.39
C ALA B 758 -19.64 -3.73 33.40
N CYS B 759 -18.60 -3.66 32.57
CA CYS B 759 -18.50 -2.57 31.61
C CYS B 759 -19.52 -2.71 30.48
N ASP B 760 -19.96 -3.94 30.19
CA ASP B 760 -21.02 -4.14 29.20
C ASP B 760 -22.36 -3.64 29.73
N LEU B 761 -22.54 -3.67 31.06
CA LEU B 761 -23.79 -3.24 31.68
C LEU B 761 -23.76 -1.76 32.08
N ASN B 762 -22.81 -0.99 31.55
CA ASN B 762 -22.71 0.45 31.82
C ASN B 762 -22.54 0.75 33.31
N HIS B 763 -21.84 -0.13 34.02
CA HIS B 763 -21.53 0.14 35.43
C HIS B 763 -20.58 1.33 35.52
N ALA B 764 -21.00 2.35 36.29
CA ALA B 764 -20.26 3.60 36.32
C ALA B 764 -18.79 3.45 36.72
N PRO B 765 -18.43 2.71 37.77
CA PRO B 765 -16.99 2.59 38.09
C PRO B 765 -16.17 1.94 36.99
N CYS B 766 -16.67 0.87 36.38
CA CYS B 766 -15.94 0.22 35.29
C CYS B 766 -15.74 1.17 34.11
N ILE B 767 -16.81 1.85 33.68
CA ILE B 767 -16.72 2.74 32.53
C ILE B 767 -15.78 3.89 32.81
N GLN B 768 -15.87 4.49 34.00
CA GLN B 768 -15.01 5.62 34.34
C GLN B 768 -13.55 5.21 34.37
N LYS B 769 -13.25 4.07 35.00
CA LYS B 769 -11.87 3.60 35.09
C LYS B 769 -11.31 3.27 33.71
N ALA B 770 -12.11 2.63 32.86
CA ALA B 770 -11.66 2.28 31.52
C ALA B 770 -11.43 3.53 30.67
N ALA B 771 -12.36 4.48 30.73
CA ALA B 771 -12.20 5.72 29.97
C ALA B 771 -10.98 6.51 30.44
N GLU B 772 -10.74 6.52 31.76
CA GLU B 772 -9.56 7.20 32.29
C GLU B 772 -8.29 6.54 31.79
N LEU B 773 -8.23 5.21 31.83
CA LEU B 773 -7.06 4.48 31.34
C LEU B 773 -6.81 4.75 29.86
N PHE B 774 -7.88 4.75 29.05
CA PHE B 774 -7.72 4.97 27.61
C PHE B 774 -7.24 6.38 27.33
N SER B 775 -7.77 7.37 28.05
CA SER B 775 -7.33 8.74 27.88
C SER B 775 -5.85 8.89 28.22
N GLN B 776 -5.42 8.31 29.33
CA GLN B 776 -4.01 8.36 29.70
C GLN B 776 -3.14 7.68 28.66
N TRP B 777 -3.56 6.51 28.16
CA TRP B 777 -2.78 5.79 27.17
C TRP B 777 -2.68 6.57 25.87
N MET B 778 -3.78 7.19 25.44
CA MET B 778 -3.77 7.95 24.18
C MET B 778 -2.94 9.22 24.31
N GLU B 779 -3.04 9.91 25.45
CA GLU B 779 -2.27 11.13 25.64
C GLU B 779 -0.78 10.86 25.73
N SER B 780 -0.40 9.73 26.34
CA SER B 780 1.01 9.34 26.39
C SER B 780 1.51 8.75 25.08
N SER B 781 0.60 8.35 24.19
CA SER B 781 0.93 7.76 22.89
C SER B 781 1.81 6.52 23.06
N GLY B 782 1.19 5.50 23.66
CA GLY B 782 1.83 4.21 23.84
C GLY B 782 2.82 4.13 24.98
N LYS B 783 3.13 5.24 25.64
CA LYS B 783 4.14 5.23 26.69
C LYS B 783 3.64 4.62 27.99
N LEU B 784 2.35 4.80 28.31
CA LEU B 784 1.77 4.22 29.51
C LEU B 784 1.31 2.79 29.24
N ASN B 785 1.41 1.96 30.27
CA ASN B 785 1.12 0.53 30.16
C ASN B 785 -0.27 0.23 30.71
N ILE B 786 -1.07 -0.47 29.91
CA ILE B 786 -2.36 -0.99 30.33
C ILE B 786 -2.19 -2.45 30.70
N PRO B 787 -2.74 -2.91 31.82
CA PRO B 787 -2.65 -4.34 32.15
C PRO B 787 -3.31 -5.20 31.07
N THR B 788 -2.67 -6.33 30.77
CA THR B 788 -3.13 -7.18 29.67
C THR B 788 -4.53 -7.71 29.91
N ASP B 789 -4.84 -8.07 31.17
CA ASP B 789 -6.15 -8.64 31.49
C ASP B 789 -7.30 -7.68 31.21
N VAL B 790 -7.04 -6.38 31.22
CA VAL B 790 -8.05 -5.38 30.95
C VAL B 790 -7.85 -4.71 29.60
N LEU B 791 -6.84 -5.13 28.83
CA LEU B 791 -6.53 -4.48 27.56
C LEU B 791 -7.73 -4.46 26.63
N LYS B 792 -8.36 -5.62 26.42
CA LYS B 792 -9.52 -5.69 25.53
C LYS B 792 -10.64 -4.79 26.01
N ILE B 793 -10.82 -4.69 27.34
CA ILE B 793 -11.88 -3.86 27.89
C ILE B 793 -11.59 -2.38 27.65
N VAL B 794 -10.37 -1.94 27.95
CA VAL B 794 -10.01 -0.53 27.82
C VAL B 794 -10.16 -0.08 26.37
N TYR B 795 -9.58 -0.84 25.44
CA TYR B 795 -9.69 -0.48 24.02
C TYR B 795 -11.14 -0.45 23.56
N SER B 796 -11.96 -1.40 24.02
CA SER B 796 -13.37 -1.43 23.63
C SER B 796 -14.08 -0.14 24.05
N VAL B 797 -13.86 0.30 25.29
CA VAL B 797 -14.47 1.55 25.75
C VAL B 797 -13.93 2.73 24.95
N GLY B 798 -12.62 2.76 24.72
CA GLY B 798 -12.03 3.84 23.94
C GLY B 798 -12.56 3.91 22.52
N ALA B 799 -12.98 2.77 21.96
CA ALA B 799 -13.46 2.74 20.59
C ALA B 799 -14.83 3.37 20.42
N GLN B 800 -15.50 3.76 21.51
CA GLN B 800 -16.83 4.35 21.41
C GLN B 800 -16.80 5.78 20.87
N THR B 801 -15.62 6.38 20.73
CA THR B 801 -15.47 7.71 20.16
C THR B 801 -14.73 7.59 18.83
N THR B 802 -15.17 8.39 17.85
CA THR B 802 -14.56 8.33 16.52
C THR B 802 -13.08 8.66 16.57
N ALA B 803 -12.68 9.58 17.45
CA ALA B 803 -11.26 9.91 17.60
C ALA B 803 -10.49 8.73 18.15
N GLY B 804 -10.98 8.12 19.24
CA GLY B 804 -10.33 6.93 19.76
C GLY B 804 -10.39 5.77 18.79
N TRP B 805 -11.50 5.65 18.05
CA TRP B 805 -11.63 4.59 17.05
C TRP B 805 -10.56 4.71 15.98
N ASN B 806 -10.38 5.91 15.43
CA ASN B 806 -9.36 6.11 14.40
C ASN B 806 -7.95 5.88 14.94
N TYR B 807 -7.71 6.33 16.18
CA TYR B 807 -6.39 6.11 16.78
C TYR B 807 -6.13 4.63 17.00
N LEU B 808 -7.16 3.87 17.40
CA LEU B 808 -6.98 2.44 17.59
C LEU B 808 -6.74 1.74 16.26
N LEU B 809 -7.43 2.17 15.21
CA LEU B 809 -7.19 1.60 13.88
C LEU B 809 -5.77 1.90 13.40
N GLU B 810 -5.29 3.11 13.67
CA GLU B 810 -3.91 3.45 13.34
C GLU B 810 -2.93 2.59 14.12
N GLN B 811 -3.16 2.43 15.42
CA GLN B 811 -2.31 1.56 16.23
C GLN B 811 -2.36 0.13 15.75
N TYR B 812 -3.54 -0.32 15.29
CA TYR B 812 -3.66 -1.66 14.71
C TYR B 812 -2.73 -1.83 13.50
N GLU B 813 -2.79 -0.89 12.55
CA GLU B 813 -1.95 -0.97 11.37
C GLU B 813 -0.48 -1.00 11.72
N LEU B 814 -0.09 -0.26 12.75
CA LEU B 814 1.32 -0.10 13.11
C LEU B 814 1.80 -1.12 14.14
N SER B 815 0.90 -1.91 14.71
CA SER B 815 1.27 -2.80 15.81
C SER B 815 2.16 -3.94 15.32
N MET B 816 3.00 -4.42 16.23
CA MET B 816 3.88 -5.55 15.96
C MET B 816 3.50 -6.79 16.75
N SER B 817 2.44 -6.74 17.54
CA SER B 817 1.98 -7.88 18.34
C SER B 817 0.62 -8.32 17.80
N SER B 818 0.57 -9.56 17.29
CA SER B 818 -0.67 -10.08 16.75
C SER B 818 -1.77 -10.15 17.81
N ALA B 819 -1.39 -10.39 19.07
CA ALA B 819 -2.37 -10.42 20.15
C ALA B 819 -3.00 -9.05 20.35
N GLU B 820 -2.17 -8.00 20.42
CA GLU B 820 -2.71 -6.65 20.54
C GLU B 820 -3.57 -6.29 19.34
N GLN B 821 -3.19 -6.77 18.15
CA GLN B 821 -4.01 -6.52 16.96
C GLN B 821 -5.38 -7.16 17.09
N ASN B 822 -5.44 -8.39 17.62
CA ASN B 822 -6.72 -9.05 17.84
C ASN B 822 -7.57 -8.28 18.84
N LYS B 823 -6.95 -7.76 19.90
CA LYS B 823 -7.68 -6.97 20.89
C LYS B 823 -8.23 -5.69 20.26
N ILE B 824 -7.42 -5.01 19.46
CA ILE B 824 -7.86 -3.79 18.80
C ILE B 824 -8.98 -4.09 17.81
N LEU B 825 -8.86 -5.21 17.08
CA LEU B 825 -9.89 -5.56 16.11
C LEU B 825 -11.23 -5.80 16.79
N TYR B 826 -11.23 -6.50 17.93
CA TYR B 826 -12.45 -6.64 18.71
C TYR B 826 -12.99 -5.27 19.13
N ALA B 827 -12.11 -4.44 19.71
CA ALA B 827 -12.53 -3.11 20.16
C ALA B 827 -13.20 -2.32 19.04
N LEU B 828 -12.57 -2.29 17.86
CA LEU B 828 -13.17 -1.58 16.73
C LEU B 828 -14.50 -2.20 16.32
N SER B 829 -14.65 -3.52 16.48
CA SER B 829 -15.89 -4.18 16.11
C SER B 829 -17.02 -3.87 17.07
N THR B 830 -16.72 -3.39 18.28
CA THR B 830 -17.73 -2.97 19.23
C THR B 830 -18.18 -1.52 19.03
N SER B 831 -18.00 -0.99 17.83
CA SER B 831 -18.43 0.38 17.56
C SER B 831 -19.91 0.42 17.20
N LYS B 832 -20.48 1.62 17.28
CA LYS B 832 -21.90 1.81 17.04
C LYS B 832 -22.21 2.31 15.63
N HIS B 833 -21.29 3.04 15.00
CA HIS B 833 -21.53 3.58 13.68
C HIS B 833 -21.61 2.46 12.65
N GLN B 834 -22.70 2.44 11.87
CA GLN B 834 -22.84 1.46 10.80
C GLN B 834 -21.70 1.57 9.79
N GLU B 835 -21.31 2.80 9.45
CA GLU B 835 -20.24 2.99 8.47
C GLU B 835 -18.92 2.45 8.97
N LYS B 836 -18.66 2.54 10.28
CA LYS B 836 -17.41 2.03 10.82
C LYS B 836 -17.36 0.51 10.77
N LEU B 837 -18.46 -0.15 11.08
CA LEU B 837 -18.51 -1.61 10.98
C LEU B 837 -18.38 -2.06 9.54
N LEU B 838 -19.04 -1.36 8.62
CA LEU B 838 -18.92 -1.68 7.20
C LEU B 838 -17.50 -1.47 6.70
N LYS B 839 -16.83 -0.42 7.20
CA LYS B 839 -15.45 -0.18 6.82
C LYS B 839 -14.53 -1.29 7.31
N LEU B 840 -14.76 -1.78 8.53
CA LEU B 840 -13.99 -2.91 9.04
C LEU B 840 -14.19 -4.16 8.18
N ILE B 841 -15.44 -4.44 7.80
CA ILE B 841 -15.72 -5.61 6.97
C ILE B 841 -15.08 -5.46 5.60
N GLU B 842 -15.15 -4.26 5.02
CA GLU B 842 -14.56 -4.04 3.71
C GLU B 842 -13.04 -4.16 3.75
N LEU B 843 -12.42 -3.64 4.83
CA LEU B 843 -10.97 -3.79 4.97
C LEU B 843 -10.58 -5.25 5.13
N GLY B 844 -11.35 -6.01 5.91
CA GLY B 844 -11.09 -7.44 6.04
C GLY B 844 -11.24 -8.17 4.72
N MET B 845 -12.24 -7.78 3.92
CA MET B 845 -12.44 -8.43 2.63
C MET B 845 -11.29 -8.14 1.67
N GLU B 846 -10.79 -6.90 1.66
CA GLU B 846 -9.69 -6.57 0.76
C GLU B 846 -8.41 -7.31 1.15
N GLY B 847 -8.14 -7.40 2.45
CA GLY B 847 -7.02 -8.20 2.93
C GLY B 847 -5.69 -7.48 3.00
N LYS B 848 -5.64 -6.17 2.81
CA LYS B 848 -4.39 -5.44 2.90
C LYS B 848 -4.12 -4.95 4.33
N VAL B 849 -5.06 -4.22 4.92
CA VAL B 849 -4.89 -3.73 6.28
C VAL B 849 -5.29 -4.81 7.28
N ILE B 850 -6.51 -5.31 7.17
CA ILE B 850 -7.00 -6.40 8.01
C ILE B 850 -6.91 -7.68 7.20
N LYS B 851 -6.15 -8.65 7.71
CA LYS B 851 -5.89 -9.88 6.96
C LYS B 851 -7.18 -10.66 6.73
N THR B 852 -7.29 -11.29 5.56
CA THR B 852 -8.48 -12.07 5.24
C THR B 852 -8.66 -13.25 6.19
N GLN B 853 -7.58 -13.74 6.80
CA GLN B 853 -7.70 -14.81 7.78
C GLN B 853 -8.54 -14.40 8.98
N ASN B 854 -8.68 -13.09 9.24
CA ASN B 854 -9.51 -12.58 10.31
C ASN B 854 -10.95 -12.33 9.89
N LEU B 855 -11.25 -12.44 8.59
CA LEU B 855 -12.59 -12.10 8.11
C LEU B 855 -13.66 -12.94 8.79
N ALA B 856 -13.48 -14.27 8.82
CA ALA B 856 -14.46 -15.14 9.45
C ALA B 856 -14.72 -14.75 10.90
N ALA B 857 -13.67 -14.34 11.62
CA ALA B 857 -13.84 -13.94 13.02
C ALA B 857 -14.50 -12.58 13.12
N LEU B 858 -14.09 -11.62 12.29
CA LEU B 858 -14.58 -10.26 12.40
C LEU B 858 -16.10 -10.21 12.21
N LEU B 859 -16.59 -10.78 11.11
CA LEU B 859 -18.04 -10.88 10.89
C LEU B 859 -18.76 -11.48 12.08
N HIS B 860 -18.20 -12.56 12.63
CA HIS B 860 -18.80 -13.20 13.80
C HIS B 860 -18.90 -12.24 14.98
N ALA B 861 -17.79 -11.57 15.31
CA ALA B 861 -17.79 -10.62 16.42
C ALA B 861 -18.76 -9.48 16.19
N ILE B 862 -18.95 -9.08 14.92
CA ILE B 862 -19.89 -8.00 14.62
C ILE B 862 -21.33 -8.50 14.72
N ALA B 863 -21.58 -9.73 14.28
CA ALA B 863 -22.95 -10.26 14.26
C ALA B 863 -23.50 -10.47 15.66
N ARG B 864 -22.63 -10.64 16.66
CA ARG B 864 -23.11 -10.90 18.02
C ARG B 864 -23.81 -9.69 18.62
N ARG B 865 -23.47 -8.47 18.15
CA ARG B 865 -24.10 -7.30 18.71
C ARG B 865 -25.37 -6.94 17.95
N PRO B 866 -26.35 -6.33 18.63
CA PRO B 866 -27.60 -5.98 17.94
C PRO B 866 -27.41 -4.99 16.79
N LYS B 867 -26.54 -4.00 16.97
CA LYS B 867 -26.35 -2.97 15.95
C LYS B 867 -25.79 -3.56 14.67
N GLY B 868 -24.89 -4.53 14.78
CA GLY B 868 -24.25 -5.13 13.62
C GLY B 868 -24.84 -6.44 13.15
N GLN B 869 -25.88 -6.94 13.83
CA GLN B 869 -26.48 -8.22 13.47
C GLN B 869 -27.04 -8.19 12.05
N GLN B 870 -27.93 -7.22 11.79
CA GLN B 870 -28.56 -7.14 10.46
C GLN B 870 -27.53 -6.78 9.39
N LEU B 871 -26.57 -5.91 9.73
CA LEU B 871 -25.54 -5.53 8.78
C LEU B 871 -24.72 -6.74 8.34
N ALA B 872 -24.26 -7.55 9.30
CA ALA B 872 -23.45 -8.71 8.97
C ALA B 872 -24.25 -9.74 8.18
N TRP B 873 -25.50 -9.98 8.56
CA TRP B 873 -26.33 -10.92 7.82
C TRP B 873 -26.56 -10.46 6.39
N ASP B 874 -26.85 -9.17 6.20
CA ASP B 874 -27.02 -8.64 4.85
C ASP B 874 -25.76 -8.84 4.02
N PHE B 875 -24.60 -8.51 4.59
CA PHE B 875 -23.34 -8.65 3.87
C PHE B 875 -23.10 -10.09 3.43
N VAL B 876 -23.29 -11.04 4.35
CA VAL B 876 -23.03 -12.44 4.02
C VAL B 876 -23.98 -12.92 2.93
N ARG B 877 -25.27 -12.59 3.06
CA ARG B 877 -26.24 -12.98 2.05
C ARG B 877 -25.93 -12.34 0.71
N GLU B 878 -25.43 -11.10 0.73
CA GLU B 878 -25.21 -10.35 -0.51
C GLU B 878 -23.94 -10.78 -1.22
N ASN B 879 -22.88 -11.07 -0.47
CA ASN B 879 -21.55 -11.30 -1.01
C ASN B 879 -21.12 -12.75 -0.93
N TRP B 880 -22.06 -13.70 -1.07
CA TRP B 880 -21.70 -15.11 -0.94
C TRP B 880 -20.70 -15.53 -2.00
N THR B 881 -20.93 -15.15 -3.25
CA THR B 881 -20.02 -15.53 -4.33
C THR B 881 -18.63 -14.95 -4.11
N HIS B 882 -18.56 -13.71 -3.59
CA HIS B 882 -17.26 -13.11 -3.31
C HIS B 882 -16.54 -13.83 -2.19
N LEU B 883 -17.28 -14.37 -1.21
CA LEU B 883 -16.64 -15.13 -0.14
C LEU B 883 -16.20 -16.50 -0.63
N LEU B 884 -16.99 -17.12 -1.51
CA LEU B 884 -16.62 -18.42 -2.06
C LEU B 884 -15.44 -18.33 -3.02
N LYS B 885 -15.11 -17.14 -3.50
CA LYS B 885 -13.90 -16.96 -4.31
C LYS B 885 -12.63 -16.93 -3.47
N LYS B 886 -12.74 -16.59 -2.19
CA LYS B 886 -11.60 -16.50 -1.28
C LYS B 886 -11.41 -17.74 -0.43
N PHE B 887 -12.49 -18.46 -0.11
CA PHE B 887 -12.43 -19.66 0.70
C PHE B 887 -13.11 -20.80 -0.05
N ASP B 888 -12.82 -22.03 0.40
CA ASP B 888 -13.50 -23.20 -0.12
C ASP B 888 -14.88 -23.37 0.53
N LEU B 889 -15.71 -24.18 -0.12
CA LEU B 889 -17.04 -24.46 0.41
C LEU B 889 -16.96 -25.12 1.78
N GLY B 890 -16.24 -26.23 1.87
CA GLY B 890 -16.09 -26.96 3.11
C GLY B 890 -15.09 -26.41 4.09
N SER B 891 -14.48 -25.27 3.78
CA SER B 891 -13.50 -24.67 4.68
C SER B 891 -14.17 -24.28 6.00
N TYR B 892 -13.36 -24.27 7.06
CA TYR B 892 -13.86 -23.86 8.37
C TYR B 892 -14.29 -22.40 8.38
N ASP B 893 -13.69 -21.57 7.52
CA ASP B 893 -14.02 -20.16 7.51
C ASP B 893 -15.45 -19.92 7.01
N ILE B 894 -15.81 -20.58 5.90
CA ILE B 894 -17.17 -20.42 5.38
C ILE B 894 -18.19 -20.97 6.37
N ARG B 895 -17.91 -22.13 6.96
CA ARG B 895 -18.80 -22.70 7.97
C ARG B 895 -18.97 -21.76 9.16
N MET B 896 -17.88 -21.15 9.63
CA MET B 896 -17.98 -20.25 10.77
C MET B 896 -18.69 -18.96 10.41
N ILE B 897 -18.53 -18.48 9.18
CA ILE B 897 -19.24 -17.27 8.75
C ILE B 897 -20.75 -17.52 8.75
N ILE B 898 -21.18 -18.63 8.15
CA ILE B 898 -22.60 -18.96 8.10
C ILE B 898 -23.17 -19.09 9.52
N SER B 899 -22.52 -19.90 10.35
CA SER B 899 -23.03 -20.14 11.70
C SER B 899 -23.00 -18.87 12.53
N GLY B 900 -21.91 -18.12 12.47
CA GLY B 900 -21.77 -16.92 13.29
C GLY B 900 -22.63 -15.76 12.87
N THR B 901 -23.21 -15.80 11.67
CA THR B 901 -24.10 -14.75 11.19
C THR B 901 -25.57 -15.16 11.18
N THR B 902 -25.89 -16.45 11.35
CA THR B 902 -27.25 -16.93 11.28
C THR B 902 -27.75 -17.64 12.53
N ALA B 903 -26.88 -18.34 13.25
CA ALA B 903 -27.33 -19.20 14.35
C ALA B 903 -27.90 -18.40 15.51
N HIS B 904 -27.48 -17.15 15.68
CA HIS B 904 -27.95 -16.37 16.83
C HIS B 904 -29.39 -15.88 16.66
N PHE B 905 -29.99 -16.06 15.48
CA PHE B 905 -31.36 -15.62 15.27
C PHE B 905 -32.32 -16.44 16.12
N SER B 906 -33.37 -15.77 16.62
CA SER B 906 -34.31 -16.40 17.54
C SER B 906 -35.75 -15.97 17.26
N SER B 907 -36.08 -15.71 16.01
CA SER B 907 -37.43 -15.34 15.60
C SER B 907 -37.84 -16.15 14.38
N LYS B 908 -39.16 -16.25 14.18
CA LYS B 908 -39.67 -17.04 13.06
C LYS B 908 -39.35 -16.38 11.72
N ASP B 909 -39.42 -15.06 11.66
CA ASP B 909 -39.13 -14.36 10.40
C ASP B 909 -37.68 -14.58 9.98
N LYS B 910 -36.73 -14.40 10.91
CA LYS B 910 -35.33 -14.60 10.57
C LYS B 910 -35.04 -16.05 10.23
N LEU B 911 -35.74 -17.00 10.86
CA LEU B 911 -35.59 -18.41 10.49
C LEU B 911 -36.02 -18.64 9.05
N GLN B 912 -37.11 -18.00 8.63
CA GLN B 912 -37.56 -18.12 7.24
C GLN B 912 -36.52 -17.54 6.29
N GLU B 913 -35.95 -16.38 6.64
CA GLU B 913 -34.91 -15.78 5.80
C GLU B 913 -33.71 -16.71 5.67
N VAL B 914 -33.29 -17.33 6.78
CA VAL B 914 -32.15 -18.23 6.75
C VAL B 914 -32.49 -19.47 5.93
N LYS B 915 -33.72 -19.99 6.06
CA LYS B 915 -34.14 -21.14 5.27
C LYS B 915 -34.14 -20.81 3.78
N LEU B 916 -34.65 -19.64 3.41
CA LEU B 916 -34.64 -19.24 2.01
C LEU B 916 -33.23 -19.05 1.48
N PHE B 917 -32.35 -18.49 2.30
CA PHE B 917 -30.96 -18.32 1.88
C PHE B 917 -30.28 -19.66 1.65
N PHE B 918 -30.50 -20.62 2.55
CA PHE B 918 -29.89 -21.94 2.39
C PHE B 918 -30.46 -22.66 1.18
N GLU B 919 -31.76 -22.48 0.90
CA GLU B 919 -32.35 -23.07 -0.30
C GLU B 919 -31.77 -22.44 -1.56
N SER B 920 -31.53 -21.12 -1.54
CA SER B 920 -30.89 -20.46 -2.68
C SER B 920 -29.48 -20.99 -2.90
N LEU B 921 -28.74 -21.25 -1.81
CA LEU B 921 -27.43 -21.86 -1.94
C LEU B 921 -27.53 -23.30 -2.44
N GLU B 922 -28.61 -23.99 -2.08
CA GLU B 922 -28.84 -25.34 -2.62
C GLU B 922 -29.10 -25.33 -4.12
N ALA B 923 -29.50 -24.20 -4.69
CA ALA B 923 -29.67 -24.14 -6.13
C ALA B 923 -28.35 -24.22 -6.87
N GLN B 924 -27.23 -24.09 -6.16
CA GLN B 924 -25.90 -24.37 -6.68
C GLN B 924 -25.40 -25.65 -6.01
N GLY B 925 -24.43 -26.29 -6.66
CA GLY B 925 -23.85 -27.54 -6.18
C GLY B 925 -23.31 -27.58 -4.76
N SER B 926 -23.50 -26.51 -3.99
CA SER B 926 -22.92 -26.36 -2.65
C SER B 926 -23.38 -27.42 -1.65
N HIS B 927 -24.32 -27.04 -0.78
CA HIS B 927 -24.88 -27.87 0.28
C HIS B 927 -23.87 -28.13 1.39
N LEU B 928 -24.29 -27.90 2.64
CA LEU B 928 -23.47 -28.16 3.82
C LEU B 928 -24.38 -28.65 4.95
N ASP B 929 -23.81 -29.50 5.81
CA ASP B 929 -24.56 -29.97 6.96
C ASP B 929 -24.83 -28.83 7.96
N ILE B 930 -23.98 -27.81 7.97
CA ILE B 930 -24.19 -26.66 8.85
C ILE B 930 -25.50 -25.97 8.56
N PHE B 931 -26.04 -26.13 7.34
CA PHE B 931 -27.35 -25.57 7.01
C PHE B 931 -28.43 -26.11 7.94
N GLN B 932 -28.52 -27.44 8.04
CA GLN B 932 -29.51 -28.06 8.92
C GLN B 932 -29.23 -27.73 10.38
N THR B 933 -27.95 -27.75 10.79
CA THR B 933 -27.60 -27.47 12.17
C THR B 933 -28.02 -26.06 12.58
N VAL B 934 -27.81 -25.08 11.70
CA VAL B 934 -28.22 -23.71 11.98
C VAL B 934 -29.74 -23.62 12.08
N LEU B 935 -30.44 -24.23 11.12
CA LEU B 935 -31.91 -24.21 11.13
C LEU B 935 -32.45 -24.78 12.43
N GLU B 936 -31.97 -25.96 12.81
CA GLU B 936 -32.42 -26.58 14.07
C GLU B 936 -32.06 -25.72 15.27
N THR B 937 -30.90 -25.06 15.23
CA THR B 937 -30.49 -24.21 16.35
C THR B 937 -31.42 -23.01 16.49
N ILE B 938 -31.76 -22.37 15.38
CA ILE B 938 -32.70 -21.25 15.43
C ILE B 938 -34.07 -21.72 15.93
N THR B 939 -34.51 -22.89 15.47
CA THR B 939 -35.76 -23.47 15.96
C THR B 939 -35.71 -23.67 17.47
N LYS B 940 -34.61 -24.25 17.97
CA LYS B 940 -34.41 -24.39 19.41
C LYS B 940 -34.55 -23.05 20.12
N ASN B 941 -33.93 -22.01 19.57
CA ASN B 941 -33.95 -20.68 20.19
C ASN B 941 -35.38 -20.15 20.28
N ILE B 942 -36.15 -20.29 19.19
CA ILE B 942 -37.54 -19.81 19.19
C ILE B 942 -38.37 -20.54 20.23
N LYS B 943 -38.23 -21.87 20.28
CA LYS B 943 -39.00 -22.66 21.25
C LYS B 943 -38.62 -22.31 22.69
N TRP B 944 -37.32 -22.15 22.96
CA TRP B 944 -36.90 -21.78 24.31
C TRP B 944 -37.49 -20.44 24.72
N LEU B 945 -37.55 -19.49 23.78
CA LEU B 945 -38.15 -18.19 24.08
C LEU B 945 -39.63 -18.35 24.40
N GLU B 946 -40.38 -19.02 23.51
CA GLU B 946 -41.83 -19.16 23.70
C GLU B 946 -42.16 -19.86 25.00
N LYS B 947 -41.31 -20.80 25.44
CA LYS B 947 -41.62 -21.59 26.62
C LYS B 947 -41.24 -20.90 27.93
N ASN B 948 -40.25 -20.00 27.91
CA ASN B 948 -39.69 -19.48 29.14
C ASN B 948 -39.65 -17.96 29.23
N LEU B 949 -40.21 -17.23 28.27
CA LEU B 949 -40.14 -15.77 28.34
C LEU B 949 -40.99 -15.21 29.48
N PRO B 950 -42.29 -15.55 29.61
CA PRO B 950 -43.04 -14.99 30.74
C PRO B 950 -42.54 -15.46 32.08
N THR B 951 -42.08 -16.72 32.17
CA THR B 951 -41.49 -17.22 33.40
C THR B 951 -40.31 -16.36 33.84
N LEU B 952 -39.43 -16.04 32.91
CA LEU B 952 -38.30 -15.15 33.21
C LEU B 952 -38.79 -13.79 33.70
N ARG B 953 -39.81 -13.24 33.04
CA ARG B 953 -40.40 -11.98 33.49
C ARG B 953 -40.84 -12.05 34.94
N THR B 954 -41.62 -13.06 35.28
CA THR B 954 -42.15 -13.18 36.64
C THR B 954 -41.04 -13.31 37.67
N TRP B 955 -40.05 -14.17 37.40
CA TRP B 955 -38.98 -14.39 38.36
C TRP B 955 -38.17 -13.12 38.60
N LEU B 956 -37.84 -12.39 37.53
CA LEU B 956 -37.08 -11.15 37.69
C LEU B 956 -37.86 -10.12 38.49
N MET B 957 -39.16 -10.00 38.24
CA MET B 957 -39.98 -9.03 38.97
C MET B 957 -40.11 -9.40 40.44
N VAL B 958 -40.17 -10.70 40.75
CA VAL B 958 -40.29 -11.15 42.14
C VAL B 958 -39.10 -10.67 42.96
N ASN B 959 -37.90 -10.70 42.39
CA ASN B 959 -36.72 -10.23 43.10
C ASN B 959 -36.82 -8.75 43.42
N THR B 960 -37.38 -7.95 42.52
CA THR B 960 -37.55 -6.52 42.74
C THR B 960 -38.37 -6.22 44.00
#